data_5AW9
#
_entry.id   5AW9
#
_cell.length_a   219.972
_cell.length_b   50.666
_cell.length_c   163.066
_cell.angle_alpha   90.00
_cell.angle_beta   104.50
_cell.angle_gamma   90.00
#
_symmetry.space_group_name_H-M   'C 1 2 1'
#
loop_
_entity.id
_entity.type
_entity.pdbx_description
1 polymer 'Na, K-ATPase alpha subunit'
2 polymer 'Na+,K+-ATPase beta subunit'
3 polymer 'Phospholemman-like protein'
4 branched 2-acetamido-2-deoxy-beta-D-glucopyranose-(1-4)-2-acetamido-2-deoxy-beta-D-glucopyranose
5 non-polymer TETRAFLUOROMAGNESATE(2-)
6 non-polymer 'MAGNESIUM ION'
7 non-polymer 'POTASSIUM ION'
8 non-polymer CHOLESTEROL
9 non-polymer 2-acetamido-2-deoxy-beta-D-glucopyranose
10 water water
#
loop_
_entity_poly.entity_id
_entity_poly.type
_entity_poly.pdbx_seq_one_letter_code
_entity_poly.pdbx_strand_id
1 'polypeptide(L)'
;MGKGTASDKYEPAATSENATKSKKKGKKDKIDKKRDLDELKKEVSMDDHKLSLDELHNKYGTDLTRGLTNARAKEILARD
GPNSLTPPPTTPEWIKFCRQLFGGFSILLWIGAILCFLAYGIQAATEDEPANDNLYLGVVLSTVVIVTGCFSYYQEAKSS
RIMDSFKNMVPQQALVIRDGEKSTINAEFVVAGDLVEVKGGDRIPADLRIISAHGCKVDNSSLTGESEPQTRSPEFSSEN
PLETRNIAFFSTNCVEGTARGVVVYTGDRTVMGRIATLASGLEVGRTPIAIEIEHFIHIITGVAVFLGVSFFILSLILGY
SWLEAVIFLIGIIVANVPEGLLATVTVCLTLTAKRMARKNCLVKNLEAVETLGSTSTICSDKTGTLTQNRMTVAHMWFDN
QIHEADTTENQSGAAFDKTSATWSALSRIAALCNRAVFQAGQDNVPILKRSVAGDASESALLKCIELCCGSVQGMRDRNP
KIVEIPFNSTNKYQLSIHENEKSSESRYLLVMKGAPERILDRCSTILLNGAEEPLKEDMKEAFQNAYLELGGLGERVLGF
CHFALPEDKYNEGYPFDADEPNFPTTDLCFVGLMAMIDPPRAAVPDAVGKCRSAGIKVIMVTGDHPITAKAIAKGVGIIS
EGNETIEDIAARLNIPIGQVNPRDAKACVVHGSDLKDLSTEVLDDILHYHTEIVFARTSPQQKLIIVEGCQRQGAIVAVT
GDGVNDSPALKKADIGVAMGISGSDVSKQAADMILLDDNFASIVTGVEEGRLIFDNLKKSIAYTLTSNIPEITPFLVFII
GNVPLPLGTVTILCIDLGTDMVPAISLAYEQAESDIMKRQPRNPKTDKLVNERLISMAYGQIGMIQALGGFFSYFVILAE
NGFLPMDLIGKRVRWDDRWISDVEDSFGQQWTYEQRKIVEFTCHTSFFISIVVVQWADLIICKTRRNSIFQQGMKNKILI
FGLFEETALAAFLSYCPGTDVALRMYPLKPSWWFCAFPYSLIIFLYDEMRRFIIRRSPGGWVEQETYY
;
A
2 'polypeptide(L)'
;MARGKSKETDGGWKKFLWDSEKKEFLGRTGSSWFKIFLFYLIFYGCLAGIFIGTIQVLLLTLSDFEPKYQDRVAPPGLSH
APYAIKTEISFSISNPKSYESFVKSMHKLMDLYNESSQAGNSPFEDCSDTPADYIKRGDLDDSQGQKKACRFSRMWLKNC
SGLDDTTYGYAEGKPCVVAKLNRIIGFYPKPLKNTTDLPEELQANYNQYVLPLRCAAKREEDREKIGSIEYFGLGGYAGF
PLQYYPYYGKRLQKKYLQPLLAIQFTNLTQNMELRIECKVYGENIDYSEKDRFRGRFEVKIEVKS
;
B
3 'polypeptide(L)' MDPEGPDNDERFTYDYYRLRVVGLIVAAVLCVIGIIILLAGKCRCKFNQNKRTRSNSGTATAQHLLQPGEATEC G
#
loop_
_chem_comp.id
_chem_comp.type
_chem_comp.name
_chem_comp.formula
CLR non-polymer CHOLESTEROL 'C27 H46 O'
K non-polymer 'POTASSIUM ION' 'K 1'
MF4 non-polymer TETRAFLUOROMAGNESATE(2-) 'F4 Mg -2'
MG non-polymer 'MAGNESIUM ION' 'Mg 2'
NAG D-saccharide, beta linking 2-acetamido-2-deoxy-beta-D-glucopyranose 'C8 H15 N O6'
#
# COMPACT_ATOMS: atom_id res chain seq x y z
N LEU A 37 18.86 17.94 -21.17
CA LEU A 37 18.89 16.98 -22.32
C LEU A 37 17.65 17.13 -23.20
N ASP A 38 16.48 17.11 -22.54
CA ASP A 38 15.17 17.15 -23.20
C ASP A 38 14.62 18.56 -23.41
N GLU A 39 15.34 19.57 -22.88
CA GLU A 39 14.92 20.97 -22.99
C GLU A 39 14.83 21.49 -24.41
N LEU A 40 15.67 20.95 -25.30
CA LEU A 40 15.58 21.22 -26.74
C LEU A 40 14.23 20.74 -27.29
N LYS A 41 13.79 19.57 -26.81
CA LYS A 41 12.55 18.94 -27.28
C LYS A 41 11.28 19.64 -26.81
N LYS A 42 11.37 20.37 -25.70
CA LYS A 42 10.25 21.13 -25.12
C LYS A 42 9.88 22.38 -25.94
N GLU A 43 10.69 22.67 -26.97
CA GLU A 43 10.48 23.83 -27.82
C GLU A 43 9.79 23.48 -29.13
N VAL A 44 9.08 24.46 -29.67
CA VAL A 44 8.35 24.36 -30.94
C VAL A 44 9.33 24.18 -32.13
N SER A 45 8.85 23.62 -33.24
CA SER A 45 9.74 23.27 -34.37
C SER A 45 9.88 24.33 -35.47
N MET A 46 11.06 24.35 -36.10
CA MET A 46 11.41 25.20 -37.25
C MET A 46 11.34 24.40 -38.56
N ASP A 47 10.85 25.02 -39.64
CA ASP A 47 10.62 24.29 -40.89
C ASP A 47 10.96 24.95 -42.23
N ASP A 48 10.75 24.17 -43.29
CA ASP A 48 11.05 24.53 -44.67
C ASP A 48 9.87 24.23 -45.63
N HIS A 49 8.67 24.62 -45.21
CA HIS A 49 7.45 24.59 -46.02
C HIS A 49 7.35 25.87 -46.84
N LYS A 50 8.19 26.84 -46.45
CA LYS A 50 8.24 28.18 -47.00
C LYS A 50 9.01 28.22 -48.32
N LEU A 51 9.99 27.32 -48.47
CA LEU A 51 10.78 27.16 -49.68
C LEU A 51 9.89 26.80 -50.89
N SER A 52 10.39 27.01 -52.10
CA SER A 52 9.69 26.49 -53.28
C SER A 52 10.01 25.01 -53.37
N LEU A 53 9.21 24.31 -54.17
CA LEU A 53 9.45 22.90 -54.50
C LEU A 53 10.89 22.67 -54.97
N ASP A 54 11.29 23.45 -56.00
CA ASP A 54 12.63 23.48 -56.59
C ASP A 54 13.74 23.71 -55.55
N GLU A 55 13.54 24.74 -54.73
CA GLU A 55 14.47 25.14 -53.66
C GLU A 55 14.69 24.02 -52.63
N LEU A 56 13.62 23.30 -52.35
CA LEU A 56 13.62 22.17 -51.43
C LEU A 56 14.36 20.93 -51.95
N HIS A 57 14.37 20.77 -53.27
CA HIS A 57 15.18 19.74 -53.92
C HIS A 57 16.68 20.00 -53.87
N ASN A 58 17.07 21.26 -54.07
CA ASN A 58 18.43 21.74 -53.83
C ASN A 58 18.93 21.34 -52.46
N LYS A 59 18.13 21.66 -51.41
CA LYS A 59 18.47 21.39 -50.01
C LYS A 59 18.73 19.91 -49.67
N TYR A 60 18.09 19.00 -50.40
CA TYR A 60 18.25 17.55 -50.12
C TYR A 60 18.88 16.72 -51.24
N GLY A 61 19.44 17.38 -52.25
CA GLY A 61 20.07 16.73 -53.40
C GLY A 61 19.13 15.75 -54.07
N THR A 62 18.00 16.26 -54.57
CA THR A 62 16.86 15.42 -54.97
C THR A 62 16.16 15.84 -56.26
N ASP A 63 15.47 14.87 -56.89
CA ASP A 63 14.68 15.10 -58.10
C ASP A 63 13.18 15.05 -57.79
N LEU A 64 12.47 16.08 -58.27
CA LEU A 64 11.01 16.25 -58.12
C LEU A 64 10.21 15.19 -58.84
N THR A 65 10.81 14.60 -59.87
CA THR A 65 10.08 13.74 -60.79
C THR A 65 10.59 12.30 -60.76
N ARG A 66 11.91 12.17 -60.75
CA ARG A 66 12.58 10.89 -60.90
C ARG A 66 12.90 10.29 -59.54
N GLY A 67 13.04 11.18 -58.56
CA GLY A 67 13.44 10.75 -57.23
C GLY A 67 14.93 10.55 -57.10
N LEU A 68 15.33 10.03 -55.96
CA LEU A 68 16.72 9.72 -55.65
C LEU A 68 17.27 8.55 -56.46
N THR A 69 18.60 8.45 -56.45
CA THR A 69 19.32 7.34 -57.04
C THR A 69 19.45 6.25 -55.98
N ASN A 70 19.26 4.99 -56.39
CA ASN A 70 19.45 3.85 -55.47
C ASN A 70 20.79 3.95 -54.73
N ALA A 71 21.76 4.60 -55.38
CA ALA A 71 23.07 4.88 -54.81
C ALA A 71 23.08 6.07 -53.86
N ARG A 72 22.39 7.15 -54.23
CA ARG A 72 22.28 8.36 -53.40
C ARG A 72 21.45 8.15 -52.14
N ALA A 73 20.40 7.33 -52.27
CA ALA A 73 19.54 6.94 -51.16
C ALA A 73 20.31 6.12 -50.12
N LYS A 74 20.97 5.05 -50.57
CA LYS A 74 21.78 4.18 -49.70
C LYS A 74 22.91 4.94 -49.00
N GLU A 75 23.39 5.99 -49.68
CA GLU A 75 24.44 6.88 -49.19
C GLU A 75 23.92 7.70 -48.04
N ILE A 76 22.75 8.30 -48.24
CA ILE A 76 22.07 9.13 -47.25
C ILE A 76 21.57 8.27 -46.06
N LEU A 77 21.36 6.97 -46.29
CA LEU A 77 21.03 6.01 -45.23
C LEU A 77 22.19 5.86 -44.25
N ALA A 78 23.39 5.60 -44.77
CA ALA A 78 24.59 5.44 -43.92
C ALA A 78 25.01 6.76 -43.27
N ARG A 79 24.63 7.87 -43.89
CA ARG A 79 24.87 9.22 -43.39
C ARG A 79 24.03 9.52 -42.14
N ASP A 80 22.70 9.55 -42.31
CA ASP A 80 21.72 9.99 -41.30
C ASP A 80 21.26 8.92 -40.30
N GLY A 81 21.22 7.67 -40.76
CA GLY A 81 20.73 6.57 -39.94
C GLY A 81 19.31 6.19 -40.32
N PRO A 82 18.76 5.13 -39.69
CA PRO A 82 17.47 4.58 -40.12
C PRO A 82 16.28 5.49 -39.79
N ASN A 83 15.24 5.41 -40.63
CA ASN A 83 13.94 6.00 -40.32
C ASN A 83 13.28 5.22 -39.21
N SER A 84 13.82 5.38 -38.00
CA SER A 84 13.47 4.53 -36.86
C SER A 84 13.58 5.26 -35.55
N LEU A 85 12.84 4.77 -34.57
CA LEU A 85 12.84 5.31 -33.23
C LEU A 85 13.50 4.32 -32.27
N THR A 86 14.52 4.79 -31.57
CA THR A 86 15.29 3.94 -30.64
C THR A 86 14.78 4.08 -29.20
N PRO A 87 14.41 2.93 -28.59
CA PRO A 87 13.92 2.95 -27.21
C PRO A 87 14.98 3.44 -26.23
N PRO A 88 14.57 4.20 -25.18
CA PRO A 88 15.52 4.75 -24.20
C PRO A 88 16.18 3.65 -23.34
N PRO A 89 17.42 3.91 -22.83
CA PRO A 89 18.08 2.91 -21.98
C PRO A 89 17.40 2.76 -20.62
N THR A 90 17.04 1.53 -20.27
CA THR A 90 16.30 1.26 -19.03
C THR A 90 17.17 0.65 -17.92
N THR A 91 16.77 0.94 -16.68
CA THR A 91 17.31 0.27 -15.50
C THR A 91 16.75 -1.15 -15.47
N PRO A 92 17.64 -2.18 -15.58
CA PRO A 92 17.18 -3.58 -15.60
C PRO A 92 16.49 -4.01 -14.28
N GLU A 93 15.70 -5.08 -14.36
CA GLU A 93 14.92 -5.58 -13.21
C GLU A 93 15.76 -6.01 -12.00
N TRP A 94 16.98 -6.47 -12.26
CA TRP A 94 17.98 -6.83 -11.23
C TRP A 94 18.18 -5.70 -10.22
N ILE A 95 18.63 -4.54 -10.71
CA ILE A 95 18.96 -3.37 -9.88
C ILE A 95 17.72 -2.77 -9.17
N LYS A 96 16.54 -2.91 -9.78
CA LYS A 96 15.27 -2.42 -9.22
C LYS A 96 14.81 -3.15 -7.95
N PHE A 97 15.09 -4.45 -7.89
CA PHE A 97 14.77 -5.29 -6.72
C PHE A 97 15.75 -5.01 -5.58
N CYS A 98 17.03 -4.92 -5.93
CA CYS A 98 18.13 -4.74 -4.98
C CYS A 98 18.17 -3.36 -4.34
N ARG A 99 17.69 -2.34 -5.05
CA ARG A 99 17.59 -0.96 -4.53
C ARG A 99 16.57 -0.81 -3.38
N GLN A 100 15.61 -1.75 -3.30
CA GLN A 100 14.65 -1.82 -2.19
C GLN A 100 15.28 -2.48 -0.96
N LEU A 101 16.11 -3.51 -1.22
CA LEU A 101 16.81 -4.30 -0.19
C LEU A 101 17.72 -3.51 0.74
N PHE A 102 17.94 -2.22 0.46
CA PHE A 102 18.80 -1.38 1.29
C PHE A 102 18.12 -0.09 1.73
N GLY A 103 16.84 -0.18 2.12
CA GLY A 103 16.03 1.00 2.42
C GLY A 103 15.57 1.15 3.86
N GLY A 104 16.47 1.65 4.71
CA GLY A 104 16.15 2.00 6.10
C GLY A 104 15.87 0.83 7.04
N PHE A 105 14.66 0.27 6.92
CA PHE A 105 14.25 -0.89 7.72
C PHE A 105 15.04 -2.14 7.33
N SER A 106 15.19 -2.36 6.02
CA SER A 106 16.00 -3.47 5.48
C SER A 106 17.46 -3.43 5.92
N ILE A 107 18.03 -2.23 6.00
CA ILE A 107 19.42 -2.03 6.47
C ILE A 107 19.58 -2.46 7.93
N LEU A 108 18.72 -1.95 8.80
CA LEU A 108 18.72 -2.32 10.21
C LEU A 108 18.47 -3.82 10.39
N LEU A 109 17.53 -4.36 9.62
CA LEU A 109 17.28 -5.81 9.59
C LEU A 109 18.43 -6.61 8.99
N TRP A 110 19.28 -5.97 8.18
CA TRP A 110 20.53 -6.60 7.73
C TRP A 110 21.57 -6.60 8.84
N ILE A 111 21.73 -5.44 9.50
CA ILE A 111 22.58 -5.30 10.68
C ILE A 111 22.19 -6.33 11.73
N GLY A 112 20.88 -6.53 11.91
CA GLY A 112 20.32 -7.59 12.76
C GLY A 112 20.76 -8.98 12.34
N ALA A 113 20.42 -9.36 11.11
CA ALA A 113 20.72 -10.69 10.56
C ALA A 113 22.22 -11.05 10.60
N ILE A 114 23.07 -10.09 10.24
CA ILE A 114 24.54 -10.28 10.27
C ILE A 114 25.06 -10.42 11.71
N LEU A 115 24.49 -9.63 12.63
CA LEU A 115 24.90 -9.61 14.03
C LEU A 115 24.45 -10.87 14.75
N CYS A 116 23.39 -11.50 14.24
CA CYS A 116 22.98 -12.85 14.65
C CYS A 116 24.07 -13.83 14.25
N PHE A 117 24.48 -13.78 12.98
CA PHE A 117 25.53 -14.63 12.43
C PHE A 117 26.89 -14.40 13.09
N LEU A 118 27.14 -13.15 13.49
CA LEU A 118 28.34 -12.76 14.24
C LEU A 118 28.35 -13.43 15.61
N ALA A 119 27.24 -13.29 16.34
CA ALA A 119 27.06 -13.93 17.66
C ALA A 119 27.11 -15.46 17.60
N TYR A 120 26.66 -16.03 16.47
CA TYR A 120 26.73 -17.47 16.23
C TYR A 120 28.15 -17.94 15.94
N GLY A 121 28.90 -17.12 15.20
CA GLY A 121 30.32 -17.37 14.94
C GLY A 121 31.15 -17.35 16.21
N ILE A 122 30.96 -16.29 17.01
CA ILE A 122 31.63 -16.11 18.32
C ILE A 122 31.37 -17.28 19.26
N GLN A 123 30.14 -17.81 19.23
CA GLN A 123 29.77 -18.99 19.99
C GLN A 123 30.42 -20.27 19.44
N ALA A 124 30.30 -20.48 18.13
CA ALA A 124 30.84 -21.69 17.46
C ALA A 124 32.36 -21.88 17.66
N ALA A 125 33.08 -20.77 17.81
CA ALA A 125 34.53 -20.79 18.08
C ALA A 125 34.86 -21.02 19.55
N THR A 126 34.17 -20.31 20.45
CA THR A 126 34.41 -20.40 21.89
C THR A 126 33.75 -21.68 22.47
N GLU A 127 32.69 -21.49 23.28
CA GLU A 127 32.01 -22.61 23.94
C GLU A 127 31.08 -23.28 22.94
N ASP A 128 31.33 -24.56 22.65
CA ASP A 128 30.54 -25.33 21.68
C ASP A 128 29.06 -25.39 22.06
N GLU A 129 28.28 -24.49 21.46
CA GLU A 129 26.83 -24.43 21.67
C GLU A 129 26.14 -25.40 20.70
N PRO A 130 25.33 -26.35 21.25
CA PRO A 130 24.55 -27.24 20.39
C PRO A 130 23.23 -26.60 19.91
N ALA A 131 23.04 -25.32 20.27
CA ALA A 131 21.82 -24.56 19.97
C ALA A 131 21.74 -24.09 18.50
N ASN A 132 20.51 -23.76 18.07
CA ASN A 132 20.23 -23.27 16.71
C ASN A 132 19.87 -21.78 16.67
N ASP A 133 19.77 -21.19 17.87
CA ASP A 133 19.26 -19.83 18.12
C ASP A 133 19.65 -18.78 17.07
N ASN A 134 20.89 -18.31 17.17
CA ASN A 134 21.39 -17.18 16.40
C ASN A 134 21.57 -17.49 14.92
N LEU A 135 21.81 -18.76 14.61
CA LEU A 135 21.82 -19.25 13.24
C LEU A 135 20.42 -19.07 12.62
N TYR A 136 19.42 -19.72 13.21
CA TYR A 136 18.05 -19.72 12.70
C TYR A 136 17.40 -18.34 12.64
N LEU A 137 17.66 -17.52 13.64
CA LEU A 137 17.16 -16.15 13.68
C LEU A 137 17.77 -15.28 12.59
N GLY A 138 19.06 -15.50 12.31
CA GLY A 138 19.76 -14.88 11.18
C GLY A 138 19.22 -15.32 9.83
N VAL A 139 18.78 -16.57 9.74
CA VAL A 139 18.15 -17.10 8.52
C VAL A 139 16.75 -16.48 8.37
N VAL A 140 15.98 -16.46 9.46
CA VAL A 140 14.62 -15.89 9.49
C VAL A 140 14.64 -14.40 9.09
N LEU A 141 15.50 -13.62 9.74
CA LEU A 141 15.60 -12.18 9.50
C LEU A 141 16.02 -11.79 8.07
N SER A 142 16.87 -12.59 7.43
CA SER A 142 17.29 -12.32 6.06
C SER A 142 16.17 -12.63 5.05
N THR A 143 15.33 -13.62 5.37
CA THR A 143 14.11 -13.93 4.60
C THR A 143 13.11 -12.77 4.67
N VAL A 144 12.91 -12.24 5.88
CA VAL A 144 12.09 -11.04 6.13
C VAL A 144 12.52 -9.91 5.19
N VAL A 145 13.83 -9.69 5.06
CA VAL A 145 14.36 -8.65 4.16
C VAL A 145 13.97 -8.94 2.71
N ILE A 146 14.24 -10.16 2.25
CA ILE A 146 13.94 -10.59 0.88
C ILE A 146 12.44 -10.44 0.56
N VAL A 147 11.57 -10.97 1.43
CA VAL A 147 10.10 -10.92 1.22
C VAL A 147 9.54 -9.48 1.25
N THR A 148 10.05 -8.65 2.17
CA THR A 148 9.72 -7.21 2.26
C THR A 148 10.21 -6.48 1.00
N GLY A 149 11.32 -6.98 0.44
CA GLY A 149 11.86 -6.52 -0.85
C GLY A 149 10.87 -6.65 -1.99
N CYS A 150 10.20 -7.81 -2.06
CA CYS A 150 9.16 -8.10 -3.08
C CYS A 150 7.95 -7.18 -2.99
N PHE A 151 7.53 -6.89 -1.75
CA PHE A 151 6.37 -6.04 -1.47
C PHE A 151 6.58 -4.60 -1.93
N SER A 152 7.73 -4.03 -1.57
CA SER A 152 8.09 -2.67 -1.95
C SER A 152 8.41 -2.57 -3.45
N TYR A 153 8.99 -3.64 -4.00
CA TYR A 153 9.22 -3.78 -5.44
C TYR A 153 7.91 -3.78 -6.23
N TYR A 154 6.91 -4.55 -5.76
CA TYR A 154 5.55 -4.60 -6.31
C TYR A 154 4.88 -3.22 -6.31
N GLN A 155 5.13 -2.44 -5.25
CA GLN A 155 4.57 -1.11 -5.06
C GLN A 155 5.23 -0.04 -5.95
N GLU A 156 6.51 -0.21 -6.23
CA GLU A 156 7.31 0.76 -7.01
C GLU A 156 7.35 0.42 -8.53
N ALA A 157 6.23 -0.02 -9.08
CA ALA A 157 6.14 -0.47 -10.47
C ALA A 157 6.25 0.68 -11.50
N LYS A 158 6.82 0.36 -12.68
CA LYS A 158 6.86 1.28 -13.83
C LYS A 158 6.64 0.56 -15.16
N SER A 159 5.36 0.29 -15.46
CA SER A 159 4.95 -0.32 -16.74
C SER A 159 4.96 0.74 -17.87
N SER A 160 6.14 0.95 -18.45
CA SER A 160 6.31 1.94 -19.51
C SER A 160 6.81 1.35 -20.83
N ARG A 161 5.94 1.42 -21.84
CA ARG A 161 6.25 1.07 -23.22
C ARG A 161 5.76 2.19 -24.16
N ILE A 162 6.13 3.43 -23.81
CA ILE A 162 5.79 4.63 -24.59
C ILE A 162 6.33 4.50 -26.02
N MET A 163 7.65 4.32 -26.11
CA MET A 163 8.38 4.30 -27.38
C MET A 163 7.96 3.16 -28.29
N ASP A 164 7.47 2.07 -27.70
CA ASP A 164 6.91 0.95 -28.46
C ASP A 164 5.67 1.35 -29.24
N SER A 165 4.81 2.14 -28.59
CA SER A 165 3.56 2.59 -29.21
C SER A 165 3.81 3.51 -30.37
N PHE A 166 4.83 4.35 -30.23
CA PHE A 166 5.22 5.26 -31.29
C PHE A 166 5.80 4.50 -32.49
N LYS A 167 6.59 3.47 -32.22
CA LYS A 167 7.16 2.59 -33.24
C LYS A 167 6.07 1.87 -34.06
N ASN A 168 4.94 1.56 -33.43
CA ASN A 168 3.79 0.98 -34.13
C ASN A 168 3.17 1.89 -35.17
N MET A 169 3.50 3.18 -35.12
CA MET A 169 2.88 4.20 -35.97
C MET A 169 3.63 4.42 -37.28
N VAL A 170 4.87 3.93 -37.34
CA VAL A 170 5.63 3.86 -38.60
C VAL A 170 5.24 2.58 -39.36
N PRO A 171 4.77 2.73 -40.62
CA PRO A 171 4.39 1.56 -41.41
C PRO A 171 5.56 0.61 -41.61
N GLN A 172 5.27 -0.63 -41.96
CA GLN A 172 6.32 -1.60 -42.25
C GLN A 172 7.05 -1.20 -43.55
N GLN A 173 6.30 -0.67 -44.50
CA GLN A 173 6.86 -0.27 -45.78
C GLN A 173 6.37 1.09 -46.26
N ALA A 174 7.14 1.69 -47.16
CA ALA A 174 6.77 2.94 -47.80
C ALA A 174 6.89 2.82 -49.31
N LEU A 175 6.11 3.60 -50.05
CA LEU A 175 6.23 3.69 -51.50
C LEU A 175 7.07 4.92 -51.88
N VAL A 176 8.22 4.64 -52.49
CA VAL A 176 9.14 5.70 -52.92
C VAL A 176 9.32 5.69 -54.43
N ILE A 177 9.66 6.86 -54.98
CA ILE A 177 10.09 6.98 -56.36
C ILE A 177 11.60 7.15 -56.37
N ARG A 178 12.27 6.17 -56.98
CA ARG A 178 13.73 6.13 -57.12
C ARG A 178 14.10 5.63 -58.51
N ASP A 179 15.07 6.32 -59.14
CA ASP A 179 15.45 6.10 -60.56
C ASP A 179 14.21 6.10 -61.47
N GLY A 180 13.32 7.07 -61.25
CA GLY A 180 12.10 7.24 -62.04
C GLY A 180 11.08 6.11 -61.95
N GLU A 181 11.25 5.21 -60.97
CA GLU A 181 10.29 4.13 -60.79
C GLU A 181 9.80 4.06 -59.35
N LYS A 182 8.52 3.74 -59.20
CA LYS A 182 7.95 3.51 -57.87
C LYS A 182 8.09 2.08 -57.41
N SER A 183 8.54 1.93 -56.17
CA SER A 183 8.77 0.65 -55.55
C SER A 183 8.50 0.76 -54.06
N THR A 184 7.96 -0.31 -53.46
CA THR A 184 7.79 -0.38 -52.02
C THR A 184 9.11 -0.81 -51.40
N ILE A 185 9.49 -0.14 -50.31
CA ILE A 185 10.71 -0.40 -49.58
C ILE A 185 10.40 -0.48 -48.09
N ASN A 186 11.21 -1.25 -47.34
CA ASN A 186 11.23 -1.20 -45.88
C ASN A 186 11.30 0.28 -45.49
N ALA A 187 10.28 0.73 -44.75
CA ALA A 187 10.13 2.13 -44.36
C ALA A 187 11.32 2.68 -43.59
N GLU A 188 12.10 1.82 -42.95
CA GLU A 188 13.32 2.25 -42.25
C GLU A 188 14.38 2.72 -43.25
N PHE A 189 14.34 2.18 -44.48
CA PHE A 189 15.27 2.57 -45.55
C PHE A 189 14.92 3.94 -46.15
N VAL A 190 13.91 4.61 -45.59
CA VAL A 190 13.48 5.93 -46.05
C VAL A 190 14.40 7.01 -45.48
N VAL A 191 14.91 7.85 -46.39
CA VAL A 191 15.90 8.90 -46.06
C VAL A 191 15.39 10.29 -46.46
N ALA A 192 15.87 11.32 -45.76
CA ALA A 192 15.60 12.71 -46.15
C ALA A 192 15.98 12.93 -47.61
N GLY A 193 15.03 13.37 -48.41
CA GLY A 193 15.30 13.62 -49.80
C GLY A 193 14.50 12.81 -50.81
N ASP A 194 14.20 11.54 -50.54
CA ASP A 194 13.50 10.78 -51.59
C ASP A 194 12.02 11.15 -51.75
N LEU A 195 11.48 10.79 -52.92
CA LEU A 195 10.11 11.06 -53.25
C LEU A 195 9.25 9.94 -52.68
N VAL A 196 8.26 10.32 -51.86
CA VAL A 196 7.32 9.37 -51.25
C VAL A 196 5.91 9.64 -51.78
N GLU A 197 5.16 8.57 -52.03
CA GLU A 197 3.77 8.65 -52.44
C GLU A 197 2.88 8.05 -51.36
N VAL A 198 1.81 8.75 -51.04
CA VAL A 198 0.79 8.27 -50.07
C VAL A 198 -0.62 8.35 -50.64
N LYS A 199 -1.49 7.47 -50.16
CA LYS A 199 -2.88 7.43 -50.60
C LYS A 199 -3.81 7.09 -49.41
N GLY A 200 -5.11 7.35 -49.58
CA GLY A 200 -6.11 7.02 -48.56
C GLY A 200 -5.86 5.63 -48.01
N GLY A 201 -5.71 5.56 -46.70
CA GLY A 201 -5.48 4.30 -46.05
C GLY A 201 -4.11 4.15 -45.44
N ASP A 202 -3.11 4.83 -45.97
CA ASP A 202 -1.77 4.56 -45.46
C ASP A 202 -1.21 5.62 -44.51
N ARG A 203 -0.34 5.18 -43.61
CA ARG A 203 0.33 6.03 -42.64
C ARG A 203 1.44 6.83 -43.33
N ILE A 204 1.64 8.06 -42.88
CA ILE A 204 2.71 8.93 -43.40
C ILE A 204 4.01 8.39 -42.84
N PRO A 205 4.93 7.92 -43.72
CA PRO A 205 6.13 7.18 -43.26
C PRO A 205 7.19 8.06 -42.63
N ALA A 206 7.22 9.33 -43.03
CA ALA A 206 8.16 10.32 -42.50
C ALA A 206 7.60 11.72 -42.71
N ASP A 207 8.26 12.74 -42.20
CA ASP A 207 7.81 14.12 -42.41
C ASP A 207 8.04 14.55 -43.85
N LEU A 208 6.95 14.96 -44.51
CA LEU A 208 7.01 15.24 -45.94
C LEU A 208 6.68 16.69 -46.26
N ARG A 209 7.27 17.15 -47.35
CA ARG A 209 6.88 18.39 -47.99
C ARG A 209 6.05 18.00 -49.20
N ILE A 210 4.78 18.39 -49.19
CA ILE A 210 3.84 18.06 -50.27
C ILE A 210 4.24 18.83 -51.52
N ILE A 211 4.54 18.08 -52.58
CA ILE A 211 4.92 18.68 -53.86
C ILE A 211 3.80 18.53 -54.88
N SER A 212 2.90 17.58 -54.60
CA SER A 212 1.83 17.22 -55.50
C SER A 212 0.77 16.50 -54.70
N ALA A 213 -0.51 16.82 -54.94
CA ALA A 213 -1.62 16.21 -54.21
C ALA A 213 -2.92 16.29 -55.01
N HIS A 214 -3.76 15.28 -54.86
CA HIS A 214 -5.07 15.26 -55.51
C HIS A 214 -6.12 14.78 -54.51
N GLY A 215 -6.97 15.72 -54.08
CA GLY A 215 -8.00 15.47 -53.08
C GLY A 215 -7.52 14.85 -51.78
N CYS A 216 -6.27 15.12 -51.42
CA CYS A 216 -5.64 14.50 -50.24
C CYS A 216 -6.11 15.16 -48.94
N LYS A 217 -6.67 14.33 -48.05
CA LYS A 217 -7.00 14.76 -46.69
C LYS A 217 -6.33 13.84 -45.73
N VAL A 218 -6.01 14.38 -44.57
CA VAL A 218 -5.11 13.72 -43.63
C VAL A 218 -5.71 13.82 -42.21
N ASP A 219 -5.34 12.87 -41.36
CA ASP A 219 -5.83 12.84 -39.98
C ASP A 219 -4.70 13.26 -39.04
N ASN A 220 -4.73 14.52 -38.64
CA ASN A 220 -3.71 15.10 -37.78
C ASN A 220 -3.95 15.00 -36.29
N SER A 221 -4.87 14.14 -35.87
CA SER A 221 -5.22 14.00 -34.46
C SER A 221 -4.01 13.69 -33.56
N SER A 222 -2.97 13.10 -34.12
CA SER A 222 -1.73 12.88 -33.39
C SER A 222 -1.08 14.18 -32.90
N LEU A 223 -1.16 15.22 -33.71
CA LEU A 223 -0.61 16.51 -33.35
C LEU A 223 -1.60 17.36 -32.55
N THR A 224 -2.89 17.19 -32.80
CA THR A 224 -3.88 18.15 -32.31
C THR A 224 -4.91 17.55 -31.38
N GLY A 225 -5.09 16.23 -31.46
CA GLY A 225 -6.15 15.54 -30.73
C GLY A 225 -7.49 15.66 -31.46
N GLU A 226 -7.46 16.24 -32.66
CA GLU A 226 -8.65 16.44 -33.49
C GLU A 226 -8.55 15.62 -34.77
N SER A 227 -9.56 14.80 -35.02
CA SER A 227 -9.53 13.83 -36.14
C SER A 227 -10.19 14.29 -37.44
N GLU A 228 -10.91 15.42 -37.42
CA GLU A 228 -11.49 15.97 -38.65
C GLU A 228 -10.39 16.08 -39.72
N PRO A 229 -10.63 15.47 -40.89
CA PRO A 229 -9.63 15.43 -41.95
C PRO A 229 -9.15 16.81 -42.35
N GLN A 230 -7.83 16.94 -42.54
CA GLN A 230 -7.22 18.19 -42.97
C GLN A 230 -6.67 18.05 -44.39
N THR A 231 -7.08 18.95 -45.29
CA THR A 231 -6.56 18.93 -46.66
C THR A 231 -5.04 19.13 -46.73
N ARG A 232 -4.41 18.44 -47.67
CA ARG A 232 -3.01 18.64 -47.98
C ARG A 232 -2.88 19.07 -49.43
N SER A 233 -2.14 20.16 -49.67
CA SER A 233 -1.83 20.62 -51.03
C SER A 233 -0.41 21.21 -51.07
N PRO A 234 0.19 21.37 -52.29
CA PRO A 234 1.60 21.78 -52.35
C PRO A 234 1.82 23.23 -51.91
N GLU A 235 0.75 24.00 -51.92
CA GLU A 235 0.79 25.43 -51.62
C GLU A 235 1.00 25.66 -50.11
N PHE A 236 1.93 26.54 -49.78
CA PHE A 236 2.09 27.03 -48.41
C PHE A 236 0.86 27.86 -48.03
N SER A 237 0.36 27.66 -46.82
CA SER A 237 -0.89 28.34 -46.45
C SER A 237 -0.92 28.88 -45.01
N SER A 238 0.19 28.73 -44.29
CA SER A 238 0.35 29.38 -42.98
C SER A 238 1.83 29.37 -42.61
N GLU A 239 2.28 30.45 -41.95
CA GLU A 239 3.66 30.54 -41.47
C GLU A 239 3.97 29.41 -40.50
N ASN A 240 2.96 29.00 -39.72
CA ASN A 240 3.08 27.84 -38.84
C ASN A 240 3.15 26.52 -39.62
N PRO A 241 4.30 25.81 -39.53
CA PRO A 241 4.40 24.52 -40.22
C PRO A 241 3.42 23.46 -39.70
N LEU A 242 2.99 23.57 -38.44
CA LEU A 242 1.97 22.69 -37.87
C LEU A 242 0.55 23.02 -38.33
N GLU A 243 0.37 24.08 -39.12
CA GLU A 243 -0.95 24.50 -39.61
C GLU A 243 -1.04 24.58 -41.15
N THR A 244 0.11 24.70 -41.82
CA THR A 244 0.19 24.74 -43.28
C THR A 244 -0.21 23.41 -43.93
N ARG A 245 -0.68 23.49 -45.17
CA ARG A 245 -1.20 22.35 -45.92
C ARG A 245 -0.11 21.55 -46.64
N ASN A 246 1.05 22.16 -46.86
CA ASN A 246 2.13 21.53 -47.61
C ASN A 246 3.13 20.71 -46.78
N ILE A 247 2.77 20.45 -45.52
CA ILE A 247 3.49 19.47 -44.70
C ILE A 247 2.55 18.37 -44.21
N ALA A 248 3.04 17.14 -44.30
CA ALA A 248 2.38 15.98 -43.70
C ALA A 248 3.38 15.28 -42.78
N PHE A 249 2.88 14.75 -41.67
CA PHE A 249 3.74 14.36 -40.57
C PHE A 249 3.69 12.88 -40.35
N PHE A 250 4.83 12.36 -39.91
CA PHE A 250 4.91 11.01 -39.37
C PHE A 250 4.02 10.99 -38.12
N SER A 251 3.41 9.82 -37.88
CA SER A 251 2.41 9.54 -36.81
C SER A 251 0.99 9.93 -37.21
N THR A 252 0.81 10.43 -38.43
CA THR A 252 -0.53 10.71 -38.94
C THR A 252 -0.79 9.78 -40.11
N ASN A 253 -2.02 9.81 -40.64
CA ASN A 253 -2.37 8.98 -41.77
C ASN A 253 -3.22 9.70 -42.80
N CYS A 254 -3.05 9.30 -44.04
CA CYS A 254 -3.84 9.80 -45.14
C CYS A 254 -5.22 9.13 -45.11
N VAL A 255 -6.26 9.93 -45.22
CA VAL A 255 -7.62 9.48 -45.00
C VAL A 255 -8.35 9.24 -46.34
N GLU A 256 -7.99 10.08 -47.33
CA GLU A 256 -8.49 10.00 -48.69
C GLU A 256 -7.56 10.76 -49.64
N GLY A 257 -7.76 10.57 -50.95
CA GLY A 257 -6.95 11.21 -51.98
C GLY A 257 -5.58 10.60 -52.14
N THR A 258 -4.70 11.39 -52.76
CA THR A 258 -3.35 10.94 -53.10
C THR A 258 -2.45 12.14 -53.00
N ALA A 259 -1.21 11.90 -52.55
CA ALA A 259 -0.19 12.94 -52.48
C ALA A 259 1.21 12.39 -52.74
N ARG A 260 2.08 13.26 -53.27
CA ARG A 260 3.50 12.97 -53.34
C ARG A 260 4.24 14.04 -52.55
N GLY A 261 5.33 13.66 -51.89
CA GLY A 261 6.11 14.59 -51.08
C GLY A 261 7.60 14.32 -50.95
N VAL A 262 8.36 15.36 -50.56
CA VAL A 262 9.80 15.20 -50.30
C VAL A 262 10.06 15.03 -48.79
N VAL A 263 10.71 13.93 -48.45
CA VAL A 263 11.08 13.67 -47.06
C VAL A 263 12.00 14.77 -46.52
N VAL A 264 11.48 15.51 -45.53
CA VAL A 264 12.30 16.51 -44.83
C VAL A 264 12.90 15.99 -43.53
N TYR A 265 12.21 15.07 -42.86
CA TYR A 265 12.71 14.50 -41.61
C TYR A 265 12.44 13.02 -41.45
N THR A 266 13.38 12.35 -40.76
CA THR A 266 13.38 10.91 -40.61
C THR A 266 13.57 10.53 -39.14
N GLY A 267 13.01 9.38 -38.75
CA GLY A 267 13.18 8.81 -37.41
C GLY A 267 12.99 9.81 -36.29
N ASP A 268 13.99 9.85 -35.39
CA ASP A 268 14.02 10.75 -34.23
C ASP A 268 13.83 12.24 -34.54
N ARG A 269 14.20 12.63 -35.75
CA ARG A 269 14.23 14.04 -36.16
C ARG A 269 12.88 14.56 -36.63
N THR A 270 11.90 13.67 -36.80
CA THR A 270 10.52 14.08 -37.15
C THR A 270 9.86 14.83 -36.00
N VAL A 271 8.79 15.57 -36.31
CA VAL A 271 8.01 16.31 -35.31
C VAL A 271 7.53 15.42 -34.15
N MET A 272 6.83 14.34 -34.49
CA MET A 272 6.29 13.41 -33.49
C MET A 272 7.31 12.42 -32.96
N GLY A 273 8.37 12.17 -33.73
CA GLY A 273 9.53 11.39 -33.29
C GLY A 273 10.20 12.05 -32.10
N ARG A 274 10.24 13.38 -32.13
CA ARG A 274 10.76 14.20 -31.04
C ARG A 274 9.86 14.10 -29.81
N ILE A 275 8.56 14.17 -30.03
CA ILE A 275 7.55 13.93 -28.98
C ILE A 275 7.72 12.55 -28.36
N ALA A 276 7.95 11.54 -29.19
CA ALA A 276 8.22 10.18 -28.74
C ALA A 276 9.37 10.15 -27.75
N THR A 277 10.51 10.72 -28.14
CA THR A 277 11.72 10.83 -27.31
C THR A 277 11.47 11.63 -26.04
N LEU A 278 10.75 12.74 -26.18
CA LEU A 278 10.37 13.55 -25.04
C LEU A 278 9.58 12.71 -24.03
N ALA A 279 8.52 12.06 -24.52
CA ALA A 279 7.60 11.30 -23.68
C ALA A 279 8.29 10.12 -23.01
N SER A 280 9.00 9.33 -23.83
CA SER A 280 9.75 8.16 -23.34
C SER A 280 10.90 8.54 -22.42
N GLY A 281 11.48 9.71 -22.67
CA GLY A 281 12.69 10.18 -21.99
C GLY A 281 12.51 10.84 -20.64
N LEU A 282 11.36 11.48 -20.43
CA LEU A 282 11.06 12.21 -19.17
C LEU A 282 11.31 11.36 -17.92
N GLU A 283 11.96 11.96 -16.93
CA GLU A 283 12.25 11.30 -15.65
C GLU A 283 10.98 11.15 -14.83
N VAL A 284 10.65 9.91 -14.48
CA VAL A 284 9.39 9.56 -13.80
C VAL A 284 9.26 10.35 -12.48
N GLY A 285 10.22 10.19 -11.57
CA GLY A 285 10.21 10.90 -10.28
C GLY A 285 9.36 10.20 -9.23
N ARG A 286 9.52 10.60 -7.97
CA ARG A 286 8.82 9.97 -6.83
C ARG A 286 7.40 10.50 -6.60
N THR A 287 6.49 9.58 -6.31
CA THR A 287 5.08 9.92 -6.00
C THR A 287 4.93 10.58 -4.61
N PRO A 288 3.78 11.27 -4.35
CA PRO A 288 3.54 11.82 -3.01
C PRO A 288 3.61 10.75 -1.94
N ILE A 289 2.90 9.64 -2.17
CA ILE A 289 2.87 8.52 -1.22
C ILE A 289 4.27 7.95 -0.92
N ALA A 290 5.09 7.76 -1.97
CA ALA A 290 6.44 7.24 -1.82
C ALA A 290 7.31 8.14 -0.95
N ILE A 291 7.20 9.46 -1.19
CA ILE A 291 7.89 10.49 -0.40
C ILE A 291 7.49 10.41 1.08
N GLU A 292 6.19 10.24 1.34
CA GLU A 292 5.67 9.99 2.69
C GLU A 292 6.25 8.72 3.36
N ILE A 293 6.32 7.62 2.60
CA ILE A 293 6.86 6.34 3.09
C ILE A 293 8.30 6.54 3.56
N GLU A 294 9.13 7.11 2.68
CA GLU A 294 10.54 7.37 2.98
C GLU A 294 10.69 8.26 4.21
N HIS A 295 9.78 9.23 4.35
CA HIS A 295 9.79 10.20 5.44
C HIS A 295 9.65 9.55 6.82
N PHE A 296 8.71 8.62 6.96
CA PHE A 296 8.56 7.95 8.25
C PHE A 296 9.61 6.89 8.51
N ILE A 297 10.15 6.33 7.42
CA ILE A 297 11.25 5.39 7.53
C ILE A 297 12.42 6.06 8.24
N HIS A 298 12.75 7.30 7.84
CA HIS A 298 13.78 8.10 8.51
C HIS A 298 13.48 8.34 9.99
N ILE A 299 12.25 8.75 10.32
CA ILE A 299 11.80 8.96 11.71
C ILE A 299 11.99 7.70 12.58
N ILE A 300 11.49 6.56 12.07
CA ILE A 300 11.56 5.28 12.79
C ILE A 300 13.00 4.72 12.79
N THR A 301 13.67 4.78 11.64
CA THR A 301 15.11 4.45 11.56
C THR A 301 15.94 5.31 12.53
N GLY A 302 15.56 6.60 12.62
CA GLY A 302 16.14 7.55 13.57
C GLY A 302 16.04 7.08 15.01
N VAL A 303 14.81 6.87 15.49
CA VAL A 303 14.60 6.39 16.86
C VAL A 303 15.21 5.01 17.12
N ALA A 304 15.33 4.21 16.06
CA ALA A 304 15.89 2.85 16.14
C ALA A 304 17.37 2.89 16.45
N VAL A 305 18.12 3.70 15.70
CA VAL A 305 19.56 3.83 15.89
C VAL A 305 19.89 4.60 17.17
N PHE A 306 19.00 5.54 17.54
CA PHE A 306 19.13 6.30 18.77
C PHE A 306 19.12 5.33 19.96
N LEU A 307 17.99 4.68 20.20
CA LEU A 307 17.86 3.66 21.27
C LEU A 307 18.82 2.50 21.09
N GLY A 308 19.07 2.11 19.83
CA GLY A 308 20.01 1.03 19.49
C GLY A 308 21.37 1.20 20.12
N VAL A 309 22.10 2.24 19.72
CA VAL A 309 23.42 2.51 20.29
C VAL A 309 23.37 3.16 21.68
N SER A 310 22.26 3.82 22.00
CA SER A 310 22.04 4.43 23.32
C SER A 310 22.05 3.39 24.44
N PHE A 311 21.52 2.20 24.13
CA PHE A 311 21.49 1.09 25.08
C PHE A 311 22.63 0.09 24.88
N PHE A 312 23.34 0.18 23.75
CA PHE A 312 24.56 -0.60 23.52
C PHE A 312 25.68 -0.09 24.42
N ILE A 313 25.81 1.24 24.51
CA ILE A 313 26.74 1.88 25.46
C ILE A 313 26.27 1.70 26.91
N LEU A 314 24.96 1.86 27.15
CA LEU A 314 24.35 1.73 28.49
C LEU A 314 24.55 0.33 29.10
N SER A 315 24.72 -0.68 28.24
CA SER A 315 25.02 -2.04 28.67
C SER A 315 26.48 -2.25 29.08
N LEU A 316 27.41 -1.81 28.23
CA LEU A 316 28.85 -1.95 28.48
C LEU A 316 29.31 -1.15 29.70
N ILE A 317 28.69 0.02 29.91
CA ILE A 317 28.83 0.83 31.14
C ILE A 317 28.38 0.03 32.37
N LEU A 318 27.26 -0.68 32.25
CA LEU A 318 26.77 -1.60 33.29
C LEU A 318 27.56 -2.92 33.30
N GLY A 319 28.45 -3.09 32.33
CA GLY A 319 29.45 -4.16 32.33
C GLY A 319 28.93 -5.45 31.73
N TYR A 320 28.42 -5.36 30.50
CA TYR A 320 28.04 -6.55 29.75
C TYR A 320 29.12 -6.91 28.74
N SER A 321 29.38 -8.22 28.63
CA SER A 321 30.35 -8.75 27.67
C SER A 321 29.89 -8.51 26.24
N TRP A 322 30.86 -8.35 25.32
CA TRP A 322 30.60 -8.14 23.90
C TRP A 322 29.87 -9.33 23.24
N LEU A 323 29.97 -10.51 23.85
CA LEU A 323 29.20 -11.71 23.49
C LEU A 323 27.68 -11.48 23.67
N GLU A 324 27.34 -10.86 24.79
CA GLU A 324 25.94 -10.55 25.14
C GLU A 324 25.45 -9.27 24.45
N ALA A 325 26.29 -8.22 24.47
CA ALA A 325 25.92 -6.87 24.02
C ALA A 325 25.35 -6.80 22.59
N VAL A 326 25.67 -7.80 21.77
CA VAL A 326 25.07 -7.93 20.43
C VAL A 326 23.66 -8.53 20.49
N ILE A 327 23.47 -9.55 21.32
CA ILE A 327 22.17 -10.25 21.48
C ILE A 327 21.07 -9.27 21.88
N PHE A 328 21.39 -8.35 22.79
CA PHE A 328 20.45 -7.30 23.22
C PHE A 328 20.20 -6.30 22.09
N LEU A 329 21.28 -5.94 21.37
CA LEU A 329 21.21 -5.03 20.22
C LEU A 329 20.31 -5.61 19.11
N ILE A 330 20.49 -6.90 18.80
CA ILE A 330 19.60 -7.63 17.87
C ILE A 330 18.15 -7.49 18.31
N GLY A 331 17.90 -7.75 19.59
CA GLY A 331 16.58 -7.55 20.20
C GLY A 331 16.02 -6.17 19.89
N ILE A 332 16.80 -5.14 20.24
CA ILE A 332 16.44 -3.73 20.02
C ILE A 332 16.08 -3.46 18.54
N ILE A 333 16.84 -4.06 17.62
CA ILE A 333 16.59 -3.91 16.18
C ILE A 333 15.18 -4.41 15.87
N VAL A 334 14.93 -5.66 16.26
CA VAL A 334 13.66 -6.32 16.00
C VAL A 334 12.53 -5.61 16.74
N ALA A 335 12.79 -5.18 17.98
CA ALA A 335 11.85 -4.35 18.75
C ALA A 335 11.45 -3.05 18.02
N ASN A 336 12.44 -2.31 17.50
CA ASN A 336 12.18 -1.00 16.90
C ASN A 336 11.62 -1.01 15.48
N VAL A 337 12.14 -1.91 14.63
CA VAL A 337 11.70 -2.02 13.23
C VAL A 337 10.30 -2.67 13.18
N PRO A 338 9.29 -1.97 12.62
CA PRO A 338 7.98 -2.61 12.43
C PRO A 338 7.99 -3.52 11.18
N GLU A 339 8.42 -4.76 11.39
CA GLU A 339 8.72 -5.70 10.31
C GLU A 339 7.60 -5.93 9.27
N GLY A 340 6.35 -5.79 9.69
CA GLY A 340 5.22 -6.01 8.79
C GLY A 340 4.56 -4.77 8.19
N LEU A 341 5.07 -3.59 8.54
CA LEU A 341 4.40 -2.35 8.17
C LEU A 341 4.40 -2.05 6.67
N LEU A 342 5.57 -2.13 6.02
CA LEU A 342 5.66 -1.82 4.59
C LEU A 342 4.80 -2.74 3.74
N ALA A 343 4.78 -4.02 4.12
CA ALA A 343 3.92 -5.01 3.49
C ALA A 343 2.43 -4.68 3.67
N THR A 344 2.09 -4.17 4.86
CA THR A 344 0.73 -3.76 5.15
C THR A 344 0.29 -2.66 4.17
N VAL A 345 1.11 -1.61 4.09
CA VAL A 345 0.90 -0.45 3.19
C VAL A 345 0.57 -0.93 1.77
N THR A 346 1.43 -1.81 1.26
CA THR A 346 1.26 -2.43 -0.05
C THR A 346 -0.09 -3.13 -0.21
N VAL A 347 -0.47 -3.95 0.77
CA VAL A 347 -1.74 -4.70 0.72
C VAL A 347 -2.93 -3.74 0.81
N CYS A 348 -2.84 -2.75 1.69
CA CYS A 348 -3.88 -1.72 1.80
C CYS A 348 -4.08 -1.01 0.46
N LEU A 349 -2.98 -0.55 -0.13
CA LEU A 349 -3.00 0.04 -1.47
C LEU A 349 -3.65 -0.87 -2.50
N THR A 350 -3.20 -2.14 -2.53
CA THR A 350 -3.74 -3.17 -3.42
C THR A 350 -5.25 -3.35 -3.29
N LEU A 351 -5.73 -3.40 -2.05
CA LEU A 351 -7.15 -3.63 -1.79
C LEU A 351 -7.99 -2.45 -2.25
N THR A 352 -7.44 -1.24 -2.13
CA THR A 352 -8.08 -0.04 -2.67
C THR A 352 -8.13 -0.07 -4.19
N ALA A 353 -7.05 -0.56 -4.81
CA ALA A 353 -6.96 -0.70 -6.27
C ALA A 353 -7.97 -1.71 -6.84
N LYS A 354 -8.28 -2.74 -6.05
CA LYS A 354 -9.27 -3.77 -6.42
C LYS A 354 -10.69 -3.23 -6.46
N ARG A 355 -11.02 -2.38 -5.49
CA ARG A 355 -12.32 -1.70 -5.43
C ARG A 355 -12.55 -0.84 -6.68
N MET A 356 -11.47 -0.16 -7.11
CA MET A 356 -11.50 0.74 -8.26
C MET A 356 -11.50 -0.01 -9.58
N ALA A 357 -10.81 -1.15 -9.63
CA ALA A 357 -10.94 -2.07 -10.76
C ALA A 357 -12.40 -2.46 -10.95
N ARG A 358 -13.11 -2.61 -9.83
CA ARG A 358 -14.53 -2.98 -9.82
C ARG A 358 -15.47 -1.84 -10.21
N LYS A 359 -14.93 -0.63 -10.38
CA LYS A 359 -15.71 0.48 -10.94
C LYS A 359 -15.17 0.93 -12.31
N ASN A 360 -14.59 -0.02 -13.04
CA ASN A 360 -14.00 0.18 -14.37
C ASN A 360 -12.84 1.19 -14.39
N CYS A 361 -12.10 1.24 -13.30
CA CYS A 361 -11.00 2.16 -13.17
C CYS A 361 -9.70 1.40 -12.88
N LEU A 362 -8.94 1.13 -13.94
CA LEU A 362 -7.74 0.30 -13.83
C LEU A 362 -6.53 1.12 -13.45
N VAL A 363 -5.83 0.64 -12.44
CA VAL A 363 -4.65 1.31 -11.88
C VAL A 363 -3.42 0.51 -12.27
N LYS A 364 -2.54 1.11 -13.07
CA LYS A 364 -1.32 0.42 -13.50
C LYS A 364 -0.23 0.40 -12.43
N ASN A 365 -0.19 1.44 -11.60
CA ASN A 365 0.87 1.63 -10.61
C ASN A 365 0.23 1.84 -9.27
N LEU A 366 0.53 0.95 -8.33
CA LEU A 366 -0.12 0.95 -7.02
C LEU A 366 -0.16 2.29 -6.31
N GLU A 367 0.91 3.06 -6.40
CA GLU A 367 1.00 4.34 -5.72
C GLU A 367 0.02 5.39 -6.26
N ALA A 368 -0.41 5.21 -7.51
CA ALA A 368 -1.35 6.12 -8.17
C ALA A 368 -2.74 6.08 -7.55
N VAL A 369 -2.98 5.07 -6.71
CA VAL A 369 -4.20 4.95 -5.90
C VAL A 369 -4.41 6.21 -5.05
N GLU A 370 -3.32 6.70 -4.47
CA GLU A 370 -3.32 7.80 -3.50
C GLU A 370 -3.24 9.18 -4.13
N THR A 371 -2.38 9.31 -5.15
CA THR A 371 -1.99 10.59 -5.75
C THR A 371 -3.19 11.41 -6.15
N LEU A 372 -4.20 10.73 -6.67
CA LEU A 372 -5.43 11.39 -7.06
C LEU A 372 -6.10 12.15 -5.91
N GLY A 373 -5.96 11.62 -4.69
CA GLY A 373 -6.48 12.26 -3.48
C GLY A 373 -5.67 13.45 -3.04
N SER A 374 -4.38 13.44 -3.38
CA SER A 374 -3.44 14.53 -3.09
C SER A 374 -3.41 15.62 -4.16
N THR A 375 -4.23 15.45 -5.20
CA THR A 375 -4.24 16.32 -6.37
C THR A 375 -4.86 17.67 -6.03
N SER A 376 -4.18 18.72 -6.47
CA SER A 376 -4.65 20.09 -6.29
C SER A 376 -4.99 20.75 -7.63
N THR A 377 -4.39 20.23 -8.71
CA THR A 377 -4.68 20.74 -10.05
C THR A 377 -4.90 19.62 -11.06
N ILE A 378 -5.99 19.70 -11.81
CA ILE A 378 -6.21 18.82 -12.96
C ILE A 378 -6.02 19.63 -14.24
N CYS A 379 -5.09 19.17 -15.08
CA CYS A 379 -4.97 19.64 -16.47
C CYS A 379 -5.67 18.62 -17.35
N SER A 380 -6.75 19.03 -17.99
CA SER A 380 -7.57 18.13 -18.80
C SER A 380 -7.63 18.49 -20.27
N ASP A 381 -7.41 17.47 -21.11
CA ASP A 381 -7.65 17.57 -22.54
C ASP A 381 -9.17 17.73 -22.70
N LYS A 382 -9.60 18.26 -23.83
CA LYS A 382 -11.02 18.41 -24.09
C LYS A 382 -11.57 17.23 -24.91
N THR A 383 -11.12 17.14 -26.17
CA THR A 383 -11.69 16.21 -27.17
C THR A 383 -11.41 14.75 -26.84
N GLY A 384 -12.48 14.03 -26.55
CA GLY A 384 -12.39 12.61 -26.21
C GLY A 384 -12.19 12.39 -24.75
N THR A 385 -11.99 13.48 -24.01
CA THR A 385 -11.81 13.44 -22.54
C THR A 385 -12.99 14.09 -21.82
N LEU A 386 -13.12 15.41 -21.97
CA LEU A 386 -14.26 16.12 -21.40
C LEU A 386 -15.46 15.91 -22.31
N THR A 387 -15.17 15.81 -23.61
CA THR A 387 -16.19 15.64 -24.65
C THR A 387 -16.23 14.20 -25.21
N GLN A 388 -17.32 13.92 -25.92
CA GLN A 388 -17.58 12.59 -26.47
C GLN A 388 -16.76 12.30 -27.73
N ASN A 389 -16.29 13.36 -28.39
CA ASN A 389 -15.54 13.26 -29.65
C ASN A 389 -16.42 12.78 -30.78
N ARG A 390 -17.53 13.51 -30.97
CA ARG A 390 -18.57 13.15 -31.92
C ARG A 390 -19.45 14.35 -32.17
N MET A 391 -19.38 14.90 -33.38
CA MET A 391 -20.24 16.02 -33.78
C MET A 391 -21.69 15.62 -33.54
N THR A 392 -22.35 16.37 -32.66
CA THR A 392 -23.73 16.11 -32.26
C THR A 392 -24.57 17.37 -32.40
N VAL A 393 -25.78 17.21 -32.95
CA VAL A 393 -26.73 18.33 -33.09
C VAL A 393 -27.09 18.87 -31.68
N ALA A 394 -26.88 20.18 -31.50
CA ALA A 394 -27.07 20.79 -30.18
C ALA A 394 -28.33 21.65 -30.10
N HIS A 395 -28.57 22.45 -31.13
CA HIS A 395 -29.70 23.36 -31.19
C HIS A 395 -30.29 23.42 -32.60
N MET A 396 -31.55 23.84 -32.67
CA MET A 396 -32.29 24.06 -33.93
C MET A 396 -33.06 25.37 -33.89
N TRP A 397 -32.95 26.17 -34.94
CA TRP A 397 -33.77 27.37 -35.08
C TRP A 397 -34.86 27.27 -36.14
N PHE A 398 -36.10 27.08 -35.68
CA PHE A 398 -37.28 27.09 -36.53
C PHE A 398 -38.47 27.65 -35.76
N ASP A 399 -39.43 28.21 -36.48
CA ASP A 399 -40.63 28.86 -35.92
C ASP A 399 -40.28 30.13 -35.13
N ASN A 400 -39.25 30.84 -35.62
CA ASN A 400 -38.63 31.99 -34.92
C ASN A 400 -38.21 31.67 -33.48
N GLN A 401 -37.82 30.41 -33.26
CA GLN A 401 -37.60 29.83 -31.94
C GLN A 401 -36.34 28.94 -31.92
N ILE A 402 -35.47 29.20 -30.94
CA ILE A 402 -34.31 28.36 -30.61
C ILE A 402 -34.81 27.17 -29.81
N HIS A 403 -34.53 25.98 -30.30
CA HIS A 403 -34.77 24.74 -29.56
C HIS A 403 -33.42 24.12 -29.22
N GLU A 404 -33.39 23.27 -28.20
CA GLU A 404 -32.15 22.59 -27.82
C GLU A 404 -32.30 21.06 -27.83
N ALA A 405 -31.43 20.41 -28.59
CA ALA A 405 -31.37 18.96 -28.63
C ALA A 405 -30.60 18.44 -27.43
N ASP A 406 -30.88 17.18 -27.08
CA ASP A 406 -30.15 16.49 -26.04
C ASP A 406 -28.84 15.94 -26.61
N THR A 407 -27.72 16.39 -26.05
CA THR A 407 -26.41 16.02 -26.56
C THR A 407 -25.73 14.84 -25.83
N THR A 408 -26.30 14.41 -24.70
CA THR A 408 -25.71 13.36 -23.87
C THR A 408 -25.72 11.98 -24.56
N GLU A 409 -24.73 11.12 -24.25
CA GLU A 409 -24.61 9.75 -24.82
C GLU A 409 -25.87 8.93 -24.59
N ASN A 410 -26.11 8.65 -23.32
CA ASN A 410 -27.26 7.91 -22.82
C ASN A 410 -28.59 8.66 -22.93
N GLN A 411 -28.55 9.88 -23.49
CA GLN A 411 -29.71 10.76 -23.66
C GLN A 411 -30.49 10.98 -22.34
N SER A 412 -29.86 11.75 -21.45
CA SER A 412 -30.35 12.04 -20.09
C SER A 412 -31.25 13.28 -19.98
N GLY A 413 -31.31 14.09 -21.04
CA GLY A 413 -32.14 15.31 -21.07
C GLY A 413 -33.61 15.06 -21.37
N ALA A 414 -34.26 16.00 -22.05
CA ALA A 414 -35.68 15.87 -22.43
C ALA A 414 -35.93 16.25 -23.89
N ALA A 415 -37.11 15.88 -24.40
CA ALA A 415 -37.56 16.26 -25.75
C ALA A 415 -37.75 17.78 -25.86
N PHE A 416 -37.61 18.30 -27.08
CA PHE A 416 -37.65 19.74 -27.34
C PHE A 416 -38.93 20.16 -28.06
N ASP A 417 -39.38 19.29 -28.96
CA ASP A 417 -40.48 19.53 -29.90
C ASP A 417 -40.63 18.27 -30.76
N LYS A 418 -41.85 17.99 -31.17
CA LYS A 418 -42.19 16.85 -32.01
C LYS A 418 -43.39 17.28 -32.83
N THR A 419 -44.18 18.15 -32.22
CA THR A 419 -45.51 18.56 -32.68
C THR A 419 -45.53 19.37 -33.98
N SER A 420 -44.64 20.38 -34.07
CA SER A 420 -44.66 21.36 -35.16
C SER A 420 -44.55 20.72 -36.54
N ALA A 421 -45.34 21.24 -37.48
CA ALA A 421 -45.32 20.80 -38.89
C ALA A 421 -44.02 21.24 -39.55
N THR A 422 -43.44 22.32 -39.04
CA THR A 422 -42.13 22.81 -39.47
C THR A 422 -41.04 21.80 -39.16
N TRP A 423 -41.09 21.25 -37.95
CA TRP A 423 -40.09 20.29 -37.50
C TRP A 423 -39.96 19.15 -38.50
N SER A 424 -41.08 18.53 -38.85
CA SER A 424 -41.10 17.41 -39.78
C SER A 424 -40.57 17.75 -41.17
N ALA A 425 -40.84 18.99 -41.62
CA ALA A 425 -40.27 19.51 -42.87
C ALA A 425 -38.75 19.65 -42.75
N LEU A 426 -38.27 20.16 -41.61
CA LEU A 426 -36.84 20.30 -41.31
C LEU A 426 -36.16 18.95 -41.16
N SER A 427 -36.80 18.09 -40.38
CA SER A 427 -36.41 16.69 -40.17
C SER A 427 -36.24 15.94 -41.50
N ARG A 428 -37.12 16.24 -42.45
CA ARG A 428 -37.11 15.60 -43.75
C ARG A 428 -35.89 15.98 -44.57
N ILE A 429 -35.57 17.27 -44.56
CA ILE A 429 -34.39 17.79 -45.28
C ILE A 429 -33.12 17.19 -44.65
N ALA A 430 -33.14 17.08 -43.32
CA ALA A 430 -32.01 16.58 -42.56
C ALA A 430 -31.69 15.13 -42.90
N ALA A 431 -32.73 14.33 -43.13
CA ALA A 431 -32.58 12.91 -43.50
C ALA A 431 -32.35 12.75 -45.00
N LEU A 432 -33.10 13.51 -45.80
CA LEU A 432 -33.06 13.37 -47.24
C LEU A 432 -31.81 13.96 -47.88
N CYS A 433 -31.54 15.23 -47.57
CA CYS A 433 -30.36 15.96 -48.06
C CYS A 433 -29.10 15.53 -47.30
N ASN A 434 -28.85 14.24 -47.25
CA ASN A 434 -27.81 13.65 -46.41
C ASN A 434 -27.30 12.37 -47.07
N ARG A 435 -25.98 12.23 -47.13
CA ARG A 435 -25.39 11.07 -47.79
C ARG A 435 -24.77 10.07 -46.83
N ALA A 436 -24.97 10.28 -45.53
CA ALA A 436 -24.38 9.42 -44.49
C ALA A 436 -25.20 8.18 -44.21
N VAL A 437 -24.50 7.10 -43.91
CA VAL A 437 -25.14 5.81 -43.61
C VAL A 437 -24.46 5.16 -42.41
N PHE A 438 -25.23 4.37 -41.66
CA PHE A 438 -24.70 3.53 -40.59
C PHE A 438 -24.00 2.32 -41.19
N GLN A 439 -22.85 1.94 -40.63
CA GLN A 439 -22.11 0.75 -41.06
C GLN A 439 -22.95 -0.50 -40.77
N ALA A 440 -22.71 -1.57 -41.55
CA ALA A 440 -23.46 -2.81 -41.40
C ALA A 440 -23.38 -3.41 -39.99
N GLY A 441 -24.52 -3.97 -39.54
CA GLY A 441 -24.60 -4.77 -38.30
C GLY A 441 -24.44 -4.02 -36.98
N GLN A 442 -24.88 -2.77 -36.95
CA GLN A 442 -24.78 -1.94 -35.75
C GLN A 442 -26.07 -2.01 -34.94
N ASP A 443 -27.11 -2.62 -35.50
CA ASP A 443 -28.47 -2.70 -34.89
C ASP A 443 -28.48 -2.95 -33.38
N ASN A 444 -27.49 -3.74 -32.95
CA ASN A 444 -27.21 -4.05 -31.55
C ASN A 444 -26.88 -2.82 -30.66
N VAL A 445 -25.92 -2.00 -31.09
CA VAL A 445 -25.41 -0.85 -30.32
C VAL A 445 -26.34 0.38 -30.40
N PRO A 446 -26.29 1.31 -29.41
CA PRO A 446 -27.14 2.52 -29.46
C PRO A 446 -26.82 3.46 -30.63
N ILE A 447 -27.80 4.27 -31.03
CA ILE A 447 -27.69 5.18 -32.18
C ILE A 447 -26.49 6.12 -32.08
N LEU A 448 -26.29 6.77 -30.93
CA LEU A 448 -25.19 7.73 -30.77
C LEU A 448 -23.80 7.11 -30.69
N LYS A 449 -23.74 5.80 -30.47
CA LYS A 449 -22.46 5.10 -30.32
C LYS A 449 -22.01 4.35 -31.58
N ARG A 450 -22.89 4.23 -32.57
CA ARG A 450 -22.59 3.45 -33.78
C ARG A 450 -21.82 4.22 -34.84
N SER A 451 -20.96 3.48 -35.55
CA SER A 451 -20.08 4.06 -36.57
C SER A 451 -20.86 4.44 -37.83
N VAL A 452 -20.47 5.56 -38.43
CA VAL A 452 -21.15 6.11 -39.60
C VAL A 452 -20.11 6.35 -40.68
N ALA A 453 -20.37 5.85 -41.90
CA ALA A 453 -19.61 6.25 -43.07
C ALA A 453 -20.12 7.60 -43.54
N GLY A 454 -19.25 8.61 -43.44
CA GLY A 454 -19.59 9.99 -43.85
C GLY A 454 -18.85 11.04 -43.04
N ASP A 455 -18.91 12.31 -43.50
CA ASP A 455 -18.33 13.42 -42.71
C ASP A 455 -19.04 13.60 -41.37
N ALA A 456 -18.36 14.22 -40.41
CA ALA A 456 -18.92 14.48 -39.08
C ALA A 456 -20.31 15.16 -39.08
N SER A 457 -20.52 16.17 -39.92
CA SER A 457 -21.76 16.93 -39.89
C SER A 457 -22.96 16.12 -40.36
N GLU A 458 -22.76 15.36 -41.43
CA GLU A 458 -23.80 14.50 -41.96
C GLU A 458 -24.11 13.33 -41.01
N SER A 459 -23.10 12.84 -40.30
CA SER A 459 -23.27 11.82 -39.25
C SER A 459 -24.16 12.33 -38.13
N ALA A 460 -23.89 13.57 -37.70
CA ALA A 460 -24.61 14.24 -36.63
C ALA A 460 -26.10 14.29 -36.95
N LEU A 461 -26.42 14.80 -38.14
CA LEU A 461 -27.80 14.93 -38.60
C LEU A 461 -28.50 13.58 -38.74
N LEU A 462 -27.78 12.60 -39.30
CA LEU A 462 -28.26 11.24 -39.41
C LEU A 462 -28.70 10.75 -38.03
N LYS A 463 -27.81 10.86 -37.06
CA LYS A 463 -28.07 10.35 -35.71
C LYS A 463 -29.18 11.11 -35.00
N CYS A 464 -29.27 12.40 -35.31
CA CYS A 464 -30.27 13.26 -34.74
C CYS A 464 -31.66 12.84 -35.15
N ILE A 465 -31.86 12.60 -36.45
CA ILE A 465 -33.17 12.24 -36.98
C ILE A 465 -33.51 10.78 -36.64
N GLU A 466 -32.54 9.88 -36.79
CA GLU A 466 -32.72 8.46 -36.47
C GLU A 466 -33.23 8.29 -35.05
N LEU A 467 -32.79 9.21 -34.19
CA LEU A 467 -33.14 9.23 -32.78
C LEU A 467 -34.59 9.63 -32.52
N CYS A 468 -35.01 10.78 -33.05
CA CYS A 468 -36.33 11.33 -32.74
C CYS A 468 -37.40 11.12 -33.83
N CYS A 469 -37.04 10.44 -34.91
CA CYS A 469 -37.98 10.17 -35.99
C CYS A 469 -37.87 8.74 -36.50
N GLY A 470 -37.16 7.88 -35.74
CA GLY A 470 -36.93 6.49 -36.15
C GLY A 470 -36.18 6.36 -37.46
N SER A 471 -36.28 5.18 -38.07
CA SER A 471 -35.49 4.79 -39.24
C SER A 471 -35.40 5.86 -40.34
N VAL A 472 -34.18 6.37 -40.51
CA VAL A 472 -33.83 7.32 -41.57
C VAL A 472 -33.83 6.61 -42.92
N GLN A 473 -33.29 5.38 -42.92
CA GLN A 473 -33.37 4.48 -44.08
C GLN A 473 -34.82 4.38 -44.58
N GLY A 474 -35.77 4.27 -43.63
CA GLY A 474 -37.21 4.38 -43.88
C GLY A 474 -37.59 5.58 -44.73
N MET A 475 -37.21 6.78 -44.27
CA MET A 475 -37.49 8.04 -44.98
C MET A 475 -36.89 8.13 -46.37
N ARG A 476 -35.66 7.63 -46.50
CA ARG A 476 -34.95 7.61 -47.78
C ARG A 476 -35.51 6.59 -48.76
N ASP A 477 -36.30 5.65 -48.24
CA ASP A 477 -37.00 4.66 -49.07
C ASP A 477 -38.33 5.22 -49.59
N ARG A 478 -39.11 5.79 -48.67
CA ARG A 478 -40.37 6.48 -49.00
C ARG A 478 -40.20 7.65 -49.96
N ASN A 479 -39.02 8.27 -49.95
CA ASN A 479 -38.73 9.40 -50.83
C ASN A 479 -37.47 9.10 -51.67
N PRO A 480 -37.61 8.29 -52.75
CA PRO A 480 -36.42 7.94 -53.55
C PRO A 480 -35.78 9.17 -54.20
N LYS A 481 -34.47 9.28 -54.04
CA LYS A 481 -33.66 10.35 -54.63
C LYS A 481 -33.49 10.09 -56.12
N ILE A 482 -33.78 11.11 -56.94
CA ILE A 482 -33.61 10.98 -58.39
C ILE A 482 -32.34 11.66 -58.92
N VAL A 483 -32.11 12.90 -58.47
CA VAL A 483 -30.90 13.66 -58.81
C VAL A 483 -30.42 14.42 -57.56
N GLU A 484 -29.10 14.62 -57.47
CA GLU A 484 -28.48 15.40 -56.41
C GLU A 484 -27.26 16.18 -56.88
N ILE A 485 -27.06 17.35 -56.29
CA ILE A 485 -25.82 18.10 -56.41
C ILE A 485 -25.13 18.03 -55.05
N PRO A 486 -24.04 17.22 -54.96
CA PRO A 486 -23.26 17.11 -53.71
C PRO A 486 -22.62 18.44 -53.32
N PHE A 487 -22.32 18.60 -52.03
CA PHE A 487 -21.74 19.83 -51.47
C PHE A 487 -20.46 20.24 -52.20
N ASN A 488 -20.47 21.48 -52.72
CA ASN A 488 -19.34 22.02 -53.46
C ASN A 488 -18.60 23.10 -52.70
N SER A 489 -17.27 23.10 -52.88
CA SER A 489 -16.41 24.20 -52.45
C SER A 489 -17.00 25.52 -52.98
N THR A 490 -17.28 25.53 -54.29
CA THR A 490 -17.86 26.67 -54.99
C THR A 490 -19.31 27.03 -54.59
N ASN A 491 -20.23 26.06 -54.64
CA ASN A 491 -21.66 26.28 -54.31
C ASN A 491 -21.94 26.62 -52.85
N LYS A 492 -21.17 26.01 -51.95
CA LYS A 492 -21.35 26.08 -50.49
C LYS A 492 -22.73 25.56 -50.01
N TYR A 493 -23.36 24.75 -50.88
CA TYR A 493 -24.59 24.04 -50.57
C TYR A 493 -24.61 22.67 -51.25
N GLN A 494 -25.54 21.82 -50.79
CA GLN A 494 -25.81 20.50 -51.33
C GLN A 494 -27.32 20.40 -51.55
N LEU A 495 -27.74 20.03 -52.76
CA LEU A 495 -29.18 19.85 -53.03
C LEU A 495 -29.55 18.43 -53.48
N SER A 496 -30.82 18.09 -53.27
CA SER A 496 -31.38 16.79 -53.66
C SER A 496 -32.79 16.97 -54.18
N ILE A 497 -33.16 16.16 -55.18
CA ILE A 497 -34.53 16.09 -55.68
C ILE A 497 -35.12 14.69 -55.43
N HIS A 498 -36.26 14.66 -54.73
CA HIS A 498 -36.84 13.41 -54.25
C HIS A 498 -38.28 13.23 -54.72
N GLU A 499 -38.65 11.97 -54.93
CA GLU A 499 -40.06 11.60 -55.15
C GLU A 499 -40.79 11.71 -53.82
N ASN A 500 -41.81 12.57 -53.79
CA ASN A 500 -42.60 12.83 -52.59
C ASN A 500 -43.39 11.60 -52.16
N GLU A 501 -43.25 11.23 -50.88
CA GLU A 501 -43.88 10.03 -50.29
C GLU A 501 -45.41 10.04 -50.30
N LYS A 502 -45.99 11.24 -50.43
CA LYS A 502 -47.45 11.46 -50.51
C LYS A 502 -48.03 10.82 -51.76
N SER A 503 -49.17 10.15 -51.59
CA SER A 503 -49.93 9.57 -52.70
C SER A 503 -50.54 10.69 -53.55
N SER A 504 -51.19 11.65 -52.88
CA SER A 504 -51.89 12.77 -53.52
C SER A 504 -50.97 13.74 -54.29
N GLU A 505 -49.65 13.64 -54.06
CA GLU A 505 -48.66 14.38 -54.84
C GLU A 505 -47.73 13.48 -55.64
N SER A 506 -47.00 12.58 -54.95
CA SER A 506 -45.99 11.67 -55.56
C SER A 506 -44.99 12.41 -56.46
N ARG A 507 -45.01 13.73 -56.34
CA ARG A 507 -44.36 14.68 -57.23
C ARG A 507 -42.92 14.95 -56.72
N TYR A 508 -42.26 15.97 -57.29
CA TYR A 508 -40.86 16.23 -56.99
C TYR A 508 -40.62 17.34 -55.96
N LEU A 509 -39.87 16.98 -54.92
CA LEU A 509 -39.44 17.91 -53.87
C LEU A 509 -37.95 18.19 -53.96
N LEU A 510 -37.61 19.48 -53.88
CA LEU A 510 -36.22 19.92 -53.79
C LEU A 510 -35.88 20.24 -52.34
N VAL A 511 -34.79 19.65 -51.87
CA VAL A 511 -34.24 19.92 -50.54
C VAL A 511 -32.77 20.31 -50.66
N MET A 512 -32.36 21.32 -49.90
CA MET A 512 -30.95 21.74 -49.86
C MET A 512 -30.46 22.30 -48.51
N LYS A 513 -29.17 22.10 -48.26
CA LYS A 513 -28.51 22.55 -47.03
C LYS A 513 -27.15 23.19 -47.32
N GLY A 514 -26.68 24.02 -46.38
CA GLY A 514 -25.36 24.63 -46.50
C GLY A 514 -25.20 25.82 -45.59
N ALA A 515 -24.27 26.71 -45.99
CA ALA A 515 -23.92 27.91 -45.22
C ALA A 515 -25.17 28.77 -45.02
N PRO A 516 -25.52 29.07 -43.74
CA PRO A 516 -26.76 29.75 -43.34
C PRO A 516 -27.12 31.03 -44.12
N GLU A 517 -26.13 31.89 -44.35
CA GLU A 517 -26.33 33.10 -45.16
C GLU A 517 -26.60 32.79 -46.63
N ARG A 518 -25.92 31.77 -47.17
CA ARG A 518 -26.10 31.36 -48.58
C ARG A 518 -27.46 30.70 -48.86
N ILE A 519 -27.99 29.97 -47.87
CA ILE A 519 -29.34 29.40 -47.91
C ILE A 519 -30.38 30.51 -47.88
N LEU A 520 -30.15 31.50 -47.02
CA LEU A 520 -31.00 32.68 -46.88
C LEU A 520 -31.14 33.49 -48.19
N ASP A 521 -30.04 33.66 -48.92
CA ASP A 521 -30.03 34.38 -50.21
C ASP A 521 -30.70 33.62 -51.35
N ARG A 522 -31.29 32.48 -51.02
CA ARG A 522 -31.99 31.65 -51.99
C ARG A 522 -33.42 31.37 -51.55
N CYS A 523 -33.90 32.17 -50.60
CA CYS A 523 -35.24 32.00 -50.06
C CYS A 523 -36.15 33.21 -50.30
N SER A 524 -37.44 32.92 -50.33
CA SER A 524 -38.47 33.93 -50.48
C SER A 524 -39.51 33.78 -49.37
N THR A 525 -39.78 32.54 -48.99
CA THR A 525 -40.77 32.24 -47.96
C THR A 525 -40.17 31.50 -46.76
N ILE A 526 -40.88 31.50 -45.64
CA ILE A 526 -40.45 30.83 -44.41
C ILE A 526 -41.59 29.98 -43.84
N LEU A 527 -41.31 28.69 -43.64
CA LEU A 527 -42.29 27.76 -43.09
C LEU A 527 -42.47 28.01 -41.59
N LEU A 528 -43.38 28.94 -41.26
CA LEU A 528 -43.74 29.21 -39.88
C LEU A 528 -44.94 28.34 -39.45
N ASN A 529 -44.73 27.56 -38.39
CA ASN A 529 -45.72 26.64 -37.76
C ASN A 529 -46.51 25.67 -38.66
N GLY A 530 -46.23 25.73 -39.98
CA GLY A 530 -46.89 24.91 -40.97
C GLY A 530 -46.99 25.60 -42.31
N ALA A 531 -47.60 26.79 -42.31
CA ALA A 531 -47.84 27.56 -43.54
C ALA A 531 -46.68 28.51 -43.85
N GLU A 532 -46.31 28.55 -45.13
CA GLU A 532 -45.30 29.47 -45.65
C GLU A 532 -45.73 30.93 -45.46
N GLU A 533 -44.75 31.83 -45.39
CA GLU A 533 -44.99 33.28 -45.40
C GLU A 533 -43.76 34.06 -45.87
N PRO A 534 -43.96 35.28 -46.42
CA PRO A 534 -42.84 36.03 -47.02
C PRO A 534 -41.69 36.31 -46.06
N LEU A 535 -40.49 36.37 -46.61
CA LEU A 535 -39.26 36.64 -45.87
C LEU A 535 -39.14 38.14 -45.60
N LYS A 536 -39.89 38.63 -44.62
CA LYS A 536 -39.79 40.05 -44.20
C LYS A 536 -38.49 40.31 -43.44
N GLU A 537 -37.92 41.51 -43.63
CA GLU A 537 -36.68 41.95 -42.97
C GLU A 537 -36.70 41.72 -41.45
N ASP A 538 -37.91 41.78 -40.86
CA ASP A 538 -38.18 41.43 -39.47
C ASP A 538 -37.68 40.01 -39.15
N MET A 539 -38.13 39.03 -39.95
CA MET A 539 -37.72 37.63 -39.80
C MET A 539 -36.28 37.39 -40.21
N LYS A 540 -35.80 38.17 -41.17
CA LYS A 540 -34.42 38.13 -41.67
C LYS A 540 -33.41 38.56 -40.59
N GLU A 541 -33.82 39.52 -39.75
CA GLU A 541 -33.01 39.97 -38.63
C GLU A 541 -33.05 38.96 -37.49
N ALA A 542 -34.23 38.38 -37.26
CA ALA A 542 -34.45 37.33 -36.26
C ALA A 542 -33.62 36.07 -36.54
N PHE A 543 -33.44 35.78 -37.83
CA PHE A 543 -32.55 34.75 -38.33
C PHE A 543 -31.09 35.04 -37.96
N GLN A 544 -30.64 36.26 -38.25
CA GLN A 544 -29.28 36.72 -37.94
C GLN A 544 -28.97 36.69 -36.44
N ASN A 545 -29.99 37.02 -35.65
CA ASN A 545 -29.92 36.95 -34.19
C ASN A 545 -29.71 35.51 -33.74
N ALA A 546 -30.53 34.61 -34.27
CA ALA A 546 -30.43 33.17 -34.03
C ALA A 546 -29.09 32.62 -34.51
N TYR A 547 -28.64 33.09 -35.68
CA TYR A 547 -27.36 32.69 -36.27
C TYR A 547 -26.14 33.09 -35.44
N LEU A 548 -26.11 34.33 -34.95
CA LEU A 548 -24.99 34.82 -34.14
C LEU A 548 -24.94 34.18 -32.75
N GLU A 549 -26.11 33.92 -32.16
CA GLU A 549 -26.20 33.25 -30.86
C GLU A 549 -25.63 31.83 -30.89
N LEU A 550 -26.05 31.06 -31.90
CA LEU A 550 -25.58 29.69 -32.08
C LEU A 550 -24.10 29.65 -32.40
N GLY A 551 -23.67 30.50 -33.34
CA GLY A 551 -22.25 30.67 -33.67
C GLY A 551 -21.42 31.07 -32.46
N GLY A 552 -22.03 31.84 -31.56
CA GLY A 552 -21.39 32.30 -30.34
C GLY A 552 -21.18 31.18 -29.33
N LEU A 553 -22.08 30.20 -29.35
CA LEU A 553 -21.98 28.99 -28.53
C LEU A 553 -20.90 28.02 -29.04
N GLY A 554 -20.01 28.48 -29.93
CA GLY A 554 -18.93 27.69 -30.51
C GLY A 554 -19.40 26.55 -31.39
N GLU A 555 -20.64 26.66 -31.89
CA GLU A 555 -21.31 25.61 -32.65
C GLU A 555 -21.27 25.89 -34.13
N ARG A 556 -21.20 24.81 -34.93
CA ARG A 556 -21.19 24.84 -36.39
C ARG A 556 -22.63 24.86 -36.88
N VAL A 557 -22.98 25.88 -37.67
CA VAL A 557 -24.38 26.13 -38.06
C VAL A 557 -24.63 25.86 -39.54
N LEU A 558 -25.72 25.17 -39.82
CA LEU A 558 -26.18 24.95 -41.18
C LEU A 558 -27.60 25.44 -41.43
N GLY A 559 -27.80 26.00 -42.62
CA GLY A 559 -29.12 26.37 -43.10
C GLY A 559 -29.82 25.22 -43.81
N PHE A 560 -31.15 25.21 -43.69
CA PHE A 560 -31.99 24.17 -44.29
C PHE A 560 -33.22 24.76 -44.96
N CYS A 561 -33.46 24.36 -46.21
CA CYS A 561 -34.61 24.81 -46.98
C CYS A 561 -35.10 23.79 -47.99
N HIS A 562 -36.39 23.85 -48.31
CA HIS A 562 -36.97 23.07 -49.41
C HIS A 562 -37.81 23.93 -50.37
N PHE A 563 -38.23 23.31 -51.47
CA PHE A 563 -39.14 23.94 -52.44
C PHE A 563 -39.95 22.83 -53.12
N ALA A 564 -41.26 22.86 -52.90
CA ALA A 564 -42.18 21.99 -53.62
C ALA A 564 -42.31 22.56 -55.04
N LEU A 565 -41.70 21.86 -55.99
CA LEU A 565 -41.67 22.28 -57.40
C LEU A 565 -43.06 22.19 -58.02
N PRO A 566 -43.51 23.24 -58.75
CA PRO A 566 -44.86 23.27 -59.36
C PRO A 566 -45.16 22.09 -60.30
N GLU A 567 -46.31 21.43 -60.07
CA GLU A 567 -46.72 20.18 -60.76
C GLU A 567 -46.77 20.28 -62.28
N ASP A 568 -47.41 21.35 -62.77
CA ASP A 568 -47.60 21.59 -64.21
C ASP A 568 -46.31 21.89 -64.98
N LYS A 569 -45.27 22.31 -64.24
CA LYS A 569 -43.94 22.55 -64.83
C LYS A 569 -43.00 21.34 -64.77
N TYR A 570 -43.40 20.29 -64.03
CA TYR A 570 -42.57 19.11 -63.80
C TYR A 570 -43.32 17.77 -63.90
N ASN A 571 -43.15 17.10 -65.05
CA ASN A 571 -43.77 15.80 -65.35
C ASN A 571 -43.25 14.69 -64.45
N GLU A 572 -44.07 13.65 -64.25
CA GLU A 572 -43.65 12.42 -63.55
C GLU A 572 -42.49 11.73 -64.30
N GLY A 573 -42.29 12.10 -65.57
CA GLY A 573 -41.15 11.66 -66.36
C GLY A 573 -40.09 12.72 -66.62
N TYR A 574 -40.26 13.91 -66.02
CA TYR A 574 -39.36 15.05 -66.25
C TYR A 574 -37.88 14.74 -65.89
N PRO A 575 -36.95 15.11 -66.81
CA PRO A 575 -35.51 14.91 -66.59
C PRO A 575 -34.82 16.12 -65.95
N PHE A 576 -34.03 15.86 -64.91
CA PHE A 576 -33.29 16.91 -64.23
C PHE A 576 -31.81 16.76 -64.49
N ASP A 577 -31.19 17.87 -64.90
CA ASP A 577 -29.76 17.93 -65.09
C ASP A 577 -29.13 18.55 -63.84
N ALA A 578 -28.23 17.79 -63.22
CA ALA A 578 -27.44 18.25 -62.08
C ALA A 578 -26.30 19.17 -62.51
N ASP A 579 -25.71 18.90 -63.68
CA ASP A 579 -24.54 19.61 -64.22
C ASP A 579 -24.81 21.08 -64.58
N GLU A 580 -25.93 21.32 -65.26
CA GLU A 580 -26.41 22.68 -65.56
C GLU A 580 -27.76 22.86 -64.87
N PRO A 581 -27.89 23.89 -63.99
CA PRO A 581 -29.12 24.10 -63.21
C PRO A 581 -30.37 24.05 -64.10
N ASN A 582 -31.00 22.87 -64.09
CA ASN A 582 -32.16 22.54 -64.93
C ASN A 582 -33.48 22.93 -64.26
N PHE A 583 -33.36 23.62 -63.12
CA PHE A 583 -34.44 23.88 -62.17
C PHE A 583 -34.05 25.09 -61.30
N PRO A 584 -35.03 25.89 -60.83
CA PRO A 584 -34.72 27.05 -59.99
C PRO A 584 -34.07 26.68 -58.66
N THR A 585 -33.11 27.50 -58.25
CA THR A 585 -32.40 27.33 -57.00
C THR A 585 -32.56 28.58 -56.11
N THR A 586 -33.40 29.51 -56.57
CA THR A 586 -33.73 30.74 -55.83
C THR A 586 -35.22 30.68 -55.44
N ASP A 587 -35.66 31.63 -54.61
CA ASP A 587 -37.05 31.80 -54.15
C ASP A 587 -37.62 30.57 -53.43
N LEU A 588 -36.72 29.81 -52.79
CA LEU A 588 -37.08 28.58 -52.09
C LEU A 588 -37.64 28.93 -50.71
N CYS A 589 -38.11 27.92 -49.98
CA CYS A 589 -38.67 28.15 -48.65
C CYS A 589 -37.71 27.70 -47.54
N PHE A 590 -37.18 28.68 -46.80
CA PHE A 590 -36.35 28.44 -45.60
C PHE A 590 -37.18 27.75 -44.53
N VAL A 591 -36.70 26.61 -44.06
CA VAL A 591 -37.43 25.83 -43.06
C VAL A 591 -36.80 26.05 -41.68
N GLY A 592 -35.47 25.98 -41.61
CA GLY A 592 -34.79 26.13 -40.33
C GLY A 592 -33.28 26.12 -40.32
N LEU A 593 -32.73 26.36 -39.13
CA LEU A 593 -31.31 26.26 -38.88
C LEU A 593 -31.05 25.10 -37.94
N MET A 594 -29.91 24.44 -38.13
CA MET A 594 -29.40 23.46 -37.16
C MET A 594 -27.94 23.72 -36.85
N ALA A 595 -27.60 23.51 -35.58
CA ALA A 595 -26.27 23.78 -35.03
C ALA A 595 -25.76 22.55 -34.34
N MET A 596 -24.46 22.33 -34.43
CA MET A 596 -23.85 21.14 -33.84
C MET A 596 -22.48 21.42 -33.25
N ILE A 597 -22.07 20.52 -32.36
CA ILE A 597 -20.83 20.63 -31.60
C ILE A 597 -20.40 19.22 -31.12
N ASP A 598 -19.10 19.05 -30.88
CA ASP A 598 -18.61 17.92 -30.14
C ASP A 598 -18.92 18.16 -28.64
N PRO A 599 -20.02 17.57 -28.14
CA PRO A 599 -20.58 17.93 -26.83
C PRO A 599 -19.87 17.27 -25.65
N PRO A 600 -20.05 17.84 -24.44
CA PRO A 600 -19.48 17.19 -23.23
C PRO A 600 -20.04 15.79 -22.97
N ARG A 601 -19.24 14.95 -22.31
CA ARG A 601 -19.75 13.69 -21.78
C ARG A 601 -20.72 14.04 -20.66
N ALA A 602 -21.80 13.27 -20.53
CA ALA A 602 -22.92 13.56 -19.62
C ALA A 602 -22.47 13.88 -18.20
N ALA A 603 -21.59 13.03 -17.66
CA ALA A 603 -21.04 13.16 -16.32
C ALA A 603 -20.01 14.29 -16.13
N VAL A 604 -19.47 14.83 -17.23
CA VAL A 604 -18.36 15.80 -17.12
C VAL A 604 -18.71 17.11 -16.34
N PRO A 605 -19.80 17.82 -16.70
CA PRO A 605 -20.09 19.06 -15.97
C PRO A 605 -20.12 18.89 -14.45
N ASP A 606 -20.87 17.90 -13.97
CA ASP A 606 -20.99 17.60 -12.55
C ASP A 606 -19.66 17.16 -11.94
N ALA A 607 -18.84 16.43 -12.71
CA ALA A 607 -17.56 15.92 -12.23
C ALA A 607 -16.60 17.08 -11.97
N VAL A 608 -16.69 18.08 -12.84
CA VAL A 608 -15.83 19.26 -12.75
C VAL A 608 -16.26 20.07 -11.53
N GLY A 609 -17.57 20.27 -11.37
CA GLY A 609 -18.12 20.95 -10.19
C GLY A 609 -17.63 20.35 -8.89
N LYS A 610 -17.72 19.01 -8.82
CA LYS A 610 -17.29 18.24 -7.67
C LYS A 610 -15.81 18.35 -7.37
N CYS A 611 -14.99 18.29 -8.42
CA CYS A 611 -13.54 18.52 -8.29
C CYS A 611 -13.19 19.90 -7.72
N ARG A 612 -13.88 20.92 -8.22
CA ARG A 612 -13.74 22.29 -7.75
C ARG A 612 -14.21 22.46 -6.29
N SER A 613 -15.30 21.79 -5.91
CA SER A 613 -15.80 21.82 -4.53
C SER A 613 -14.80 21.22 -3.56
N ALA A 614 -13.99 20.31 -4.07
CA ALA A 614 -12.93 19.70 -3.28
C ALA A 614 -11.68 20.57 -3.31
N GLY A 615 -11.81 21.77 -3.87
CA GLY A 615 -10.72 22.74 -3.92
C GLY A 615 -9.62 22.39 -4.91
N ILE A 616 -9.98 21.60 -5.93
CA ILE A 616 -9.04 21.28 -7.00
C ILE A 616 -9.24 22.30 -8.12
N LYS A 617 -8.12 22.83 -8.62
CA LYS A 617 -8.15 23.75 -9.76
C LYS A 617 -8.16 22.93 -11.06
N VAL A 618 -9.11 23.26 -11.94
CA VAL A 618 -9.32 22.52 -13.18
C VAL A 618 -8.96 23.42 -14.36
N ILE A 619 -7.92 23.03 -15.09
CA ILE A 619 -7.42 23.77 -16.26
C ILE A 619 -7.71 22.95 -17.53
N MET A 620 -8.18 23.62 -18.59
CA MET A 620 -8.30 23.00 -19.89
C MET A 620 -7.00 23.20 -20.68
N VAL A 621 -6.45 22.09 -21.20
CA VAL A 621 -5.29 22.13 -22.08
C VAL A 621 -5.58 21.33 -23.35
N THR A 622 -5.84 22.05 -24.45
CA THR A 622 -6.31 21.45 -25.70
C THR A 622 -5.55 21.91 -26.97
N GLY A 623 -5.50 21.01 -27.95
CA GLY A 623 -4.96 21.36 -29.24
C GLY A 623 -6.01 21.98 -30.14
N ASP A 624 -7.25 22.03 -29.65
CA ASP A 624 -8.34 22.57 -30.44
C ASP A 624 -8.32 24.09 -30.47
N HIS A 625 -8.95 24.65 -31.50
CA HIS A 625 -9.17 26.10 -31.67
C HIS A 625 -9.90 26.77 -30.47
N PRO A 626 -9.53 28.05 -30.18
CA PRO A 626 -10.01 28.77 -28.99
C PRO A 626 -11.51 28.95 -28.88
N ILE A 627 -12.22 29.28 -29.97
CA ILE A 627 -13.68 29.50 -29.87
C ILE A 627 -14.39 28.25 -29.30
N THR A 628 -14.02 27.08 -29.82
CA THR A 628 -14.56 25.79 -29.41
C THR A 628 -14.14 25.48 -27.97
N ALA A 629 -12.84 25.57 -27.71
CA ALA A 629 -12.30 25.36 -26.36
C ALA A 629 -13.08 26.16 -25.31
N LYS A 630 -13.28 27.46 -25.58
CA LYS A 630 -13.94 28.35 -24.63
C LYS A 630 -15.37 27.93 -24.36
N ALA A 631 -16.09 27.58 -25.42
CA ALA A 631 -17.51 27.22 -25.32
C ALA A 631 -17.76 26.00 -24.43
N ILE A 632 -16.85 25.03 -24.52
CA ILE A 632 -16.92 23.79 -23.73
C ILE A 632 -16.50 24.08 -22.29
N ALA A 633 -15.49 24.94 -22.12
CA ALA A 633 -15.03 25.42 -20.80
C ALA A 633 -16.22 25.93 -19.96
N LYS A 634 -17.05 26.78 -20.57
CA LYS A 634 -18.27 27.27 -19.96
C LYS A 634 -19.25 26.13 -19.73
N GLY A 635 -19.41 25.28 -20.74
CA GLY A 635 -20.36 24.16 -20.73
C GLY A 635 -20.12 23.18 -19.59
N VAL A 636 -18.85 22.89 -19.31
CA VAL A 636 -18.46 21.91 -18.27
C VAL A 636 -18.15 22.54 -16.92
N GLY A 637 -18.14 23.87 -16.88
CA GLY A 637 -17.87 24.61 -15.67
C GLY A 637 -16.41 24.91 -15.37
N ILE A 638 -15.51 24.79 -16.36
CA ILE A 638 -14.13 25.29 -16.19
C ILE A 638 -14.19 26.81 -16.03
N ILE A 639 -15.01 27.45 -16.88
CA ILE A 639 -15.28 28.88 -16.77
C ILE A 639 -16.70 29.02 -16.25
N SER A 640 -16.81 29.53 -15.02
CA SER A 640 -18.09 29.70 -14.33
C SER A 640 -18.78 30.96 -14.82
N GLU A 641 -20.10 31.02 -14.63
CA GLU A 641 -20.92 32.08 -15.20
C GLU A 641 -20.54 33.44 -14.66
N GLY A 642 -20.41 34.40 -15.58
CA GLY A 642 -20.08 35.76 -15.23
C GLY A 642 -18.61 36.10 -15.27
N ASN A 643 -17.74 35.08 -15.17
CA ASN A 643 -16.30 35.30 -15.29
C ASN A 643 -15.87 35.68 -16.70
N GLU A 644 -14.86 36.55 -16.78
CA GLU A 644 -14.50 37.20 -18.04
C GLU A 644 -13.03 37.14 -18.27
N THR A 645 -12.67 37.21 -19.55
CA THR A 645 -11.29 37.33 -19.97
C THR A 645 -11.09 38.79 -20.27
N ILE A 646 -9.83 39.22 -20.37
CA ILE A 646 -9.54 40.60 -20.80
C ILE A 646 -10.27 41.00 -22.07
N GLU A 647 -10.34 40.07 -23.03
CA GLU A 647 -11.03 40.28 -24.31
C GLU A 647 -12.54 40.46 -24.14
N ASP A 648 -13.14 39.77 -23.17
CA ASP A 648 -14.58 39.93 -22.84
C ASP A 648 -14.90 41.30 -22.26
N ILE A 649 -14.08 41.76 -21.33
CA ILE A 649 -14.20 43.11 -20.77
C ILE A 649 -14.14 44.15 -21.90
N ALA A 650 -13.08 44.06 -22.71
CA ALA A 650 -12.82 45.00 -23.79
C ALA A 650 -14.01 45.16 -24.77
N ALA A 651 -14.65 44.03 -25.12
CA ALA A 651 -15.77 44.00 -26.04
C ALA A 651 -17.03 44.58 -25.41
N ARG A 652 -17.33 44.15 -24.18
CA ARG A 652 -18.44 44.66 -23.40
C ARG A 652 -18.35 46.17 -23.28
N LEU A 653 -17.22 46.64 -22.77
CA LEU A 653 -16.94 48.05 -22.55
C LEU A 653 -16.58 48.81 -23.83
N ASN A 654 -16.43 48.11 -24.95
CA ASN A 654 -16.02 48.71 -26.23
C ASN A 654 -14.79 49.63 -26.03
N ILE A 655 -13.75 49.06 -25.45
CA ILE A 655 -12.47 49.76 -25.20
C ILE A 655 -11.31 48.85 -25.61
N PRO A 656 -10.14 49.42 -25.96
CA PRO A 656 -8.98 48.58 -26.28
C PRO A 656 -8.57 47.65 -25.12
N ILE A 657 -8.02 46.49 -25.47
CA ILE A 657 -7.52 45.52 -24.50
C ILE A 657 -6.38 46.11 -23.67
N GLY A 658 -5.56 46.98 -24.25
CA GLY A 658 -4.50 47.67 -23.51
C GLY A 658 -5.08 48.51 -22.36
N GLN A 659 -6.32 48.96 -22.53
CA GLN A 659 -6.97 49.82 -21.57
C GLN A 659 -7.64 49.04 -20.42
N VAL A 660 -7.77 47.72 -20.57
CA VAL A 660 -8.35 46.85 -19.52
C VAL A 660 -7.30 46.46 -18.49
N ASN A 661 -7.67 46.55 -17.21
CA ASN A 661 -6.86 46.02 -16.10
C ASN A 661 -6.91 44.50 -16.14
N PRO A 662 -5.74 43.84 -16.36
CA PRO A 662 -5.80 42.39 -16.43
C PRO A 662 -6.21 41.70 -15.14
N ARG A 663 -6.02 42.38 -14.00
CA ARG A 663 -6.43 41.80 -12.69
C ARG A 663 -7.94 41.73 -12.54
N ASP A 664 -8.66 42.48 -13.38
CA ASP A 664 -10.11 42.43 -13.39
C ASP A 664 -10.66 41.17 -14.02
N ALA A 665 -9.79 40.42 -14.69
CA ALA A 665 -10.18 39.23 -15.44
C ALA A 665 -9.69 38.00 -14.72
N LYS A 666 -10.63 37.20 -14.24
CA LYS A 666 -10.29 36.00 -13.48
C LYS A 666 -10.14 34.77 -14.38
N ALA A 667 -10.72 34.86 -15.56
CA ALA A 667 -10.65 33.83 -16.59
C ALA A 667 -9.66 34.23 -17.69
N CYS A 668 -8.91 33.26 -18.22
CA CYS A 668 -8.11 33.50 -19.42
C CYS A 668 -8.11 32.36 -20.42
N VAL A 669 -7.93 32.72 -21.68
CA VAL A 669 -7.84 31.78 -22.80
C VAL A 669 -6.57 32.11 -23.57
N VAL A 670 -5.56 31.25 -23.46
CA VAL A 670 -4.27 31.52 -24.10
C VAL A 670 -4.09 30.62 -25.35
N HIS A 671 -3.88 31.24 -26.51
CA HIS A 671 -3.56 30.51 -27.72
C HIS A 671 -2.10 30.03 -27.69
N GLY A 672 -1.89 28.82 -28.21
CA GLY A 672 -0.57 28.18 -28.33
C GLY A 672 0.48 29.06 -29.00
N SER A 673 0.04 29.83 -30.00
CA SER A 673 0.91 30.75 -30.74
C SER A 673 1.47 31.84 -29.83
N ASP A 674 0.63 32.32 -28.92
CA ASP A 674 1.04 33.32 -27.95
C ASP A 674 1.91 32.71 -26.85
N LEU A 675 1.46 31.58 -26.32
CA LEU A 675 2.19 30.82 -25.30
C LEU A 675 3.64 30.58 -25.76
N LYS A 676 3.80 30.37 -27.06
CA LYS A 676 5.09 30.05 -27.66
C LYS A 676 6.14 31.14 -27.40
N ASP A 677 5.69 32.38 -27.38
CA ASP A 677 6.58 33.50 -27.17
C ASP A 677 6.70 33.97 -25.71
N LEU A 678 6.09 33.22 -24.79
CA LEU A 678 6.16 33.57 -23.36
C LEU A 678 7.20 32.73 -22.63
N SER A 679 7.95 33.39 -21.76
CA SER A 679 8.89 32.72 -20.88
C SER A 679 8.11 32.03 -19.76
N THR A 680 8.75 31.06 -19.12
CA THR A 680 8.13 30.26 -18.06
C THR A 680 7.67 31.11 -16.85
N GLU A 681 8.45 32.15 -16.57
CA GLU A 681 8.16 33.13 -15.52
C GLU A 681 6.84 33.85 -15.81
N VAL A 682 6.56 34.04 -17.09
CA VAL A 682 5.36 34.72 -17.53
C VAL A 682 4.16 33.78 -17.48
N LEU A 683 4.43 32.50 -17.73
CA LEU A 683 3.43 31.43 -17.62
C LEU A 683 3.01 31.20 -16.18
N ASP A 684 3.99 31.26 -15.29
CA ASP A 684 3.75 31.17 -13.86
C ASP A 684 2.83 32.29 -13.38
N ASP A 685 3.06 33.49 -13.90
CA ASP A 685 2.19 34.61 -13.61
C ASP A 685 0.76 34.35 -14.07
N ILE A 686 0.59 33.82 -15.28
CA ILE A 686 -0.73 33.49 -15.84
C ILE A 686 -1.46 32.50 -14.94
N LEU A 687 -0.71 31.49 -14.50
CA LEU A 687 -1.16 30.46 -13.57
C LEU A 687 -1.60 31.03 -12.21
N HIS A 688 -0.72 31.83 -11.58
CA HIS A 688 -1.01 32.52 -10.32
C HIS A 688 -2.23 33.45 -10.39
N TYR A 689 -2.37 34.17 -11.50
CA TYR A 689 -3.32 35.27 -11.58
C TYR A 689 -4.73 34.92 -12.05
N HIS A 690 -4.93 33.68 -12.47
CA HIS A 690 -6.23 33.27 -12.98
C HIS A 690 -6.72 32.01 -12.30
N THR A 691 -8.03 31.97 -12.05
CA THR A 691 -8.70 30.85 -11.42
C THR A 691 -9.26 29.92 -12.48
N GLU A 692 -9.57 30.48 -13.64
CA GLU A 692 -10.26 29.74 -14.69
C GLU A 692 -9.49 29.82 -16.02
N ILE A 693 -8.60 28.84 -16.22
CA ILE A 693 -7.65 28.89 -17.33
C ILE A 693 -7.98 27.91 -18.47
N VAL A 694 -7.87 28.42 -19.70
CA VAL A 694 -7.99 27.60 -20.92
C VAL A 694 -6.76 27.81 -21.82
N PHE A 695 -5.92 26.79 -21.91
CA PHE A 695 -4.86 26.78 -22.90
C PHE A 695 -5.33 26.06 -24.18
N ALA A 696 -5.65 26.83 -25.21
CA ALA A 696 -6.10 26.29 -26.49
C ALA A 696 -5.02 26.29 -27.59
N ARG A 697 -5.17 25.37 -28.55
CA ARG A 697 -4.27 25.22 -29.71
C ARG A 697 -2.84 24.96 -29.29
N THR A 698 -2.71 24.25 -28.17
CA THR A 698 -1.42 23.85 -27.61
C THR A 698 -0.82 22.69 -28.37
N SER A 699 0.51 22.67 -28.46
CA SER A 699 1.26 21.53 -28.98
C SER A 699 1.49 20.52 -27.85
N PRO A 700 1.93 19.27 -28.18
CA PRO A 700 2.22 18.30 -27.11
C PRO A 700 3.23 18.79 -26.06
N GLN A 701 4.35 19.36 -26.52
CA GLN A 701 5.35 19.95 -25.62
C GLN A 701 4.74 21.04 -24.75
N GLN A 702 3.86 21.86 -25.35
CA GLN A 702 3.21 22.94 -24.63
C GLN A 702 2.38 22.47 -23.45
N LYS A 703 1.70 21.32 -23.58
CA LYS A 703 0.92 20.73 -22.50
C LYS A 703 1.81 20.30 -21.36
N LEU A 704 2.97 19.74 -21.70
CA LEU A 704 4.01 19.40 -20.73
C LEU A 704 4.48 20.63 -19.92
N ILE A 705 4.72 21.73 -20.65
CA ILE A 705 5.14 23.00 -20.08
C ILE A 705 4.12 23.52 -19.04
N ILE A 706 2.83 23.47 -19.40
CA ILE A 706 1.76 23.89 -18.49
C ILE A 706 1.74 23.02 -17.24
N VAL A 707 1.93 21.72 -17.43
CA VAL A 707 1.99 20.78 -16.33
C VAL A 707 3.15 21.16 -15.40
N GLU A 708 4.34 21.35 -16.00
CA GLU A 708 5.57 21.73 -15.29
C GLU A 708 5.43 23.05 -14.58
N GLY A 709 4.76 24.00 -15.22
CA GLY A 709 4.42 25.29 -14.63
C GLY A 709 3.66 25.10 -13.33
N CYS A 710 2.57 24.33 -13.39
CA CYS A 710 1.74 24.00 -12.24
C CYS A 710 2.57 23.34 -11.14
N GLN A 711 3.40 22.38 -11.54
CA GLN A 711 4.24 21.62 -10.60
C GLN A 711 5.26 22.51 -9.88
N ARG A 712 5.85 23.43 -10.64
CA ARG A 712 6.80 24.41 -10.13
C ARG A 712 6.22 25.25 -8.98
N GLN A 713 4.91 25.54 -9.02
CA GLN A 713 4.20 26.24 -7.93
C GLN A 713 3.96 25.34 -6.71
N GLY A 714 4.47 24.11 -6.76
CA GLY A 714 4.36 23.14 -5.67
C GLY A 714 3.11 22.28 -5.65
N ALA A 715 2.26 22.39 -6.68
CA ALA A 715 1.00 21.62 -6.76
C ALA A 715 1.19 20.19 -7.26
N ILE A 716 0.46 19.26 -6.63
CA ILE A 716 0.31 17.89 -7.15
C ILE A 716 -0.71 17.90 -8.28
N VAL A 717 -0.27 17.54 -9.49
CA VAL A 717 -1.14 17.64 -10.67
C VAL A 717 -1.54 16.30 -11.33
N ALA A 718 -2.81 16.25 -11.72
CA ALA A 718 -3.32 15.16 -12.49
C ALA A 718 -3.53 15.63 -13.93
N VAL A 719 -3.24 14.75 -14.89
CA VAL A 719 -3.56 15.01 -16.29
C VAL A 719 -4.62 14.01 -16.70
N THR A 720 -5.63 14.47 -17.44
CA THR A 720 -6.60 13.56 -18.02
C THR A 720 -6.58 13.75 -19.53
N GLY A 721 -6.40 12.67 -20.26
CA GLY A 721 -6.37 12.73 -21.71
C GLY A 721 -6.71 11.44 -22.43
N ASP A 722 -6.60 11.48 -23.77
CA ASP A 722 -6.90 10.34 -24.61
C ASP A 722 -6.02 10.21 -25.85
N GLY A 723 -5.29 11.28 -26.19
CA GLY A 723 -4.55 11.33 -27.45
C GLY A 723 -3.06 11.12 -27.33
N VAL A 724 -2.39 10.96 -28.47
CA VAL A 724 -0.93 10.80 -28.48
C VAL A 724 -0.28 12.17 -28.19
N ASN A 725 -1.01 13.24 -28.52
CA ASN A 725 -0.62 14.59 -28.11
C ASN A 725 -0.69 14.86 -26.60
N ASP A 726 -1.17 13.89 -25.81
CA ASP A 726 -1.23 14.03 -24.35
C ASP A 726 -0.08 13.29 -23.68
N SER A 727 0.72 12.59 -24.48
CA SER A 727 1.64 11.64 -23.87
C SER A 727 2.71 12.34 -23.00
N PRO A 728 3.40 13.38 -23.53
CA PRO A 728 4.35 14.02 -22.60
C PRO A 728 3.69 14.56 -21.30
N ALA A 729 2.56 15.24 -21.43
CA ALA A 729 1.81 15.73 -20.25
C ALA A 729 1.42 14.61 -19.26
N LEU A 730 0.88 13.51 -19.78
CA LEU A 730 0.48 12.36 -18.96
C LEU A 730 1.67 11.79 -18.23
N LYS A 731 2.81 11.76 -18.91
CA LYS A 731 4.08 11.23 -18.36
C LYS A 731 4.56 12.09 -17.22
N LYS A 732 4.62 13.41 -17.43
CA LYS A 732 5.10 14.34 -16.40
C LYS A 732 4.15 14.47 -15.21
N ALA A 733 2.85 14.27 -15.46
CA ALA A 733 1.85 14.41 -14.40
C ALA A 733 2.20 13.56 -13.20
N ASP A 734 1.84 14.01 -12.00
CA ASP A 734 2.03 13.20 -10.80
C ASP A 734 1.21 11.92 -10.95
N ILE A 735 0.05 12.05 -11.59
CA ILE A 735 -0.79 10.94 -11.99
C ILE A 735 -1.39 11.26 -13.35
N GLY A 736 -1.16 10.40 -14.32
CA GLY A 736 -1.80 10.50 -15.62
C GLY A 736 -2.98 9.58 -15.66
N VAL A 737 -4.10 10.06 -16.19
CA VAL A 737 -5.30 9.25 -16.33
C VAL A 737 -5.72 9.24 -17.79
N ALA A 738 -5.83 8.04 -18.37
CA ALA A 738 -6.26 7.88 -19.78
C ALA A 738 -7.69 7.36 -19.95
N MET A 739 -8.30 7.74 -21.06
CA MET A 739 -9.61 7.22 -21.44
C MET A 739 -9.43 5.84 -22.03
N GLY A 740 -10.20 4.87 -21.53
CA GLY A 740 -10.09 3.47 -21.96
C GLY A 740 -10.61 3.16 -23.36
N ILE A 741 -11.85 3.57 -23.65
CA ILE A 741 -12.47 3.23 -24.94
C ILE A 741 -11.93 4.15 -26.03
N SER A 742 -12.06 5.46 -25.80
CA SER A 742 -11.65 6.46 -26.79
C SER A 742 -10.12 6.60 -26.91
N GLY A 743 -9.39 6.26 -25.86
CA GLY A 743 -7.94 6.49 -25.78
C GLY A 743 -7.09 5.79 -26.82
N SER A 744 -6.08 6.50 -27.29
CA SER A 744 -5.05 5.93 -28.15
C SER A 744 -4.15 5.07 -27.31
N ASP A 745 -3.53 4.09 -27.96
CA ASP A 745 -2.63 3.18 -27.30
C ASP A 745 -1.49 3.93 -26.59
N VAL A 746 -0.94 4.97 -27.23
CA VAL A 746 0.12 5.81 -26.65
C VAL A 746 -0.29 6.41 -25.31
N SER A 747 -1.46 7.04 -25.30
CA SER A 747 -1.96 7.71 -24.11
C SER A 747 -2.08 6.75 -22.94
N LYS A 748 -2.61 5.55 -23.19
CA LYS A 748 -2.76 4.58 -22.11
C LYS A 748 -1.47 3.95 -21.63
N GLN A 749 -0.43 4.03 -22.47
CA GLN A 749 0.92 3.66 -22.08
C GLN A 749 1.52 4.70 -21.14
N ALA A 750 1.22 5.98 -21.39
CA ALA A 750 1.78 7.06 -20.57
C ALA A 750 1.09 7.28 -19.23
N ALA A 751 -0.14 6.78 -19.10
CA ALA A 751 -0.98 7.01 -17.91
C ALA A 751 -0.65 6.07 -16.74
N ASP A 752 -1.10 6.46 -15.55
CA ASP A 752 -0.99 5.61 -14.35
C ASP A 752 -2.31 4.92 -14.07
N MET A 753 -3.34 5.38 -14.75
CA MET A 753 -4.67 4.91 -14.52
C MET A 753 -5.45 4.95 -15.82
N ILE A 754 -6.31 3.96 -16.02
CA ILE A 754 -7.21 3.92 -17.18
C ILE A 754 -8.66 3.87 -16.71
N LEU A 755 -9.48 4.77 -17.25
CA LEU A 755 -10.94 4.71 -17.11
C LEU A 755 -11.49 3.85 -18.23
N LEU A 756 -11.78 2.59 -17.92
CA LEU A 756 -12.11 1.58 -18.94
C LEU A 756 -13.44 1.81 -19.66
N ASP A 757 -14.34 2.57 -19.03
CA ASP A 757 -15.63 2.89 -19.61
C ASP A 757 -15.76 4.35 -20.03
N ASP A 758 -14.65 5.09 -19.96
CA ASP A 758 -14.64 6.55 -20.19
C ASP A 758 -15.53 7.36 -19.24
N ASN A 759 -15.77 6.82 -18.03
CA ASN A 759 -16.65 7.48 -17.07
C ASN A 759 -15.88 8.50 -16.24
N PHE A 760 -15.93 9.77 -16.68
CA PHE A 760 -15.20 10.87 -16.06
C PHE A 760 -15.52 11.04 -14.58
N ALA A 761 -16.73 10.65 -14.17
CA ALA A 761 -17.12 10.59 -12.74
C ALA A 761 -16.14 9.80 -11.86
N SER A 762 -15.40 8.88 -12.48
CA SER A 762 -14.41 8.08 -11.79
C SER A 762 -13.27 8.89 -11.20
N ILE A 763 -12.97 10.04 -11.81
CA ILE A 763 -11.95 10.95 -11.26
C ILE A 763 -12.36 11.41 -9.86
N VAL A 764 -13.64 11.77 -9.71
CA VAL A 764 -14.21 12.20 -8.43
C VAL A 764 -14.09 11.06 -7.41
N THR A 765 -14.47 9.85 -7.84
CA THR A 765 -14.38 8.67 -6.99
C THR A 765 -12.92 8.42 -6.60
N GLY A 766 -12.02 8.57 -7.58
CA GLY A 766 -10.61 8.33 -7.40
C GLY A 766 -9.98 9.25 -6.38
N VAL A 767 -10.31 10.54 -6.46
CA VAL A 767 -9.81 11.52 -5.49
C VAL A 767 -10.36 11.19 -4.09
N GLU A 768 -11.65 10.87 -4.02
CA GLU A 768 -12.29 10.43 -2.77
C GLU A 768 -11.62 9.18 -2.14
N GLU A 769 -11.39 8.15 -2.97
CA GLU A 769 -10.66 6.94 -2.55
C GLU A 769 -9.24 7.27 -2.13
N GLY A 770 -8.57 8.12 -2.90
CA GLY A 770 -7.22 8.57 -2.60
C GLY A 770 -7.13 9.26 -1.25
N ARG A 771 -8.14 10.07 -0.94
CA ARG A 771 -8.20 10.79 0.32
C ARG A 771 -8.42 9.83 1.47
N LEU A 772 -9.39 8.92 1.28
CA LEU A 772 -9.78 7.93 2.29
C LEU A 772 -8.61 7.03 2.71
N ILE A 773 -7.90 6.49 1.72
CA ILE A 773 -6.75 5.62 1.96
C ILE A 773 -5.61 6.31 2.74
N PHE A 774 -5.41 7.60 2.47
CA PHE A 774 -4.40 8.39 3.17
C PHE A 774 -4.67 8.44 4.67
N ASP A 775 -5.93 8.67 5.05
CA ASP A 775 -6.32 8.68 6.46
C ASP A 775 -6.22 7.28 7.05
N ASN A 776 -6.67 6.29 6.29
CA ASN A 776 -6.69 4.92 6.75
C ASN A 776 -5.30 4.29 6.91
N LEU A 777 -4.33 4.82 6.16
CA LEU A 777 -2.95 4.39 6.33
C LEU A 777 -2.35 4.90 7.64
N LYS A 778 -2.69 6.14 8.01
CA LYS A 778 -2.33 6.72 9.31
C LYS A 778 -2.81 5.84 10.45
N LYS A 779 -4.09 5.47 10.37
CA LYS A 779 -4.74 4.58 11.33
C LYS A 779 -3.98 3.25 11.47
N SER A 780 -3.68 2.66 10.32
CA SER A 780 -2.95 1.41 10.22
C SER A 780 -1.52 1.51 10.71
N ILE A 781 -0.85 2.62 10.40
CA ILE A 781 0.54 2.85 10.86
C ILE A 781 0.55 3.01 12.38
N ALA A 782 -0.31 3.89 12.90
CA ALA A 782 -0.48 4.07 14.35
C ALA A 782 -0.67 2.76 15.11
N TYR A 783 -1.52 1.90 14.55
CA TYR A 783 -1.83 0.61 15.16
C TYR A 783 -0.61 -0.29 15.18
N THR A 784 0.09 -0.34 14.05
CA THR A 784 1.28 -1.17 13.90
C THR A 784 2.41 -0.64 14.79
N LEU A 785 2.56 0.68 14.84
CA LEU A 785 3.61 1.26 15.66
C LEU A 785 3.37 1.08 17.15
N THR A 786 2.12 1.23 17.60
CA THR A 786 1.78 1.21 19.02
C THR A 786 2.41 -0.01 19.71
N SER A 787 2.25 -1.17 19.10
CA SER A 787 2.74 -2.43 19.66
C SER A 787 4.28 -2.57 19.68
N ASN A 788 4.99 -1.55 19.19
CA ASN A 788 6.47 -1.48 19.30
C ASN A 788 6.93 -1.28 20.73
N ILE A 789 6.28 -0.36 21.43
CA ILE A 789 6.61 -0.06 22.83
C ILE A 789 6.59 -1.28 23.76
N PRO A 790 5.51 -2.11 23.72
CA PRO A 790 5.57 -3.30 24.56
C PRO A 790 6.60 -4.34 24.11
N GLU A 791 7.23 -4.12 22.97
CA GLU A 791 8.32 -4.99 22.50
C GLU A 791 9.71 -4.41 22.81
N ILE A 792 9.79 -3.09 22.93
CA ILE A 792 11.03 -2.38 23.28
C ILE A 792 11.32 -2.48 24.78
N THR A 793 10.35 -2.02 25.57
CA THR A 793 10.47 -1.89 27.03
C THR A 793 10.94 -3.13 27.81
N PRO A 794 10.49 -4.35 27.42
CA PRO A 794 11.03 -5.51 28.14
C PRO A 794 12.55 -5.63 28.07
N PHE A 795 13.13 -5.31 26.91
CA PHE A 795 14.58 -5.38 26.71
C PHE A 795 15.34 -4.36 27.54
N LEU A 796 14.78 -3.16 27.67
CA LEU A 796 15.37 -2.11 28.50
C LEU A 796 15.33 -2.48 29.98
N VAL A 797 14.19 -2.95 30.45
CA VAL A 797 13.99 -3.34 31.85
C VAL A 797 14.84 -4.60 32.17
N PHE A 798 15.02 -5.45 31.16
CA PHE A 798 15.98 -6.57 31.24
C PHE A 798 17.38 -6.09 31.67
N ILE A 799 17.87 -5.04 31.01
CA ILE A 799 19.18 -4.41 31.32
C ILE A 799 19.16 -3.67 32.67
N ILE A 800 18.29 -2.66 32.79
CA ILE A 800 18.18 -1.77 33.97
C ILE A 800 17.80 -2.48 35.29
N GLY A 801 16.98 -3.53 35.19
CA GLY A 801 16.45 -4.22 36.39
C GLY A 801 17.11 -5.55 36.75
N ASN A 802 17.88 -6.11 35.81
CA ASN A 802 18.49 -7.46 35.93
C ASN A 802 17.48 -8.59 36.24
N VAL A 803 16.28 -8.47 35.66
CA VAL A 803 15.18 -9.44 35.85
C VAL A 803 15.21 -10.47 34.72
N PRO A 804 14.44 -11.58 34.83
CA PRO A 804 14.37 -12.48 33.67
C PRO A 804 13.74 -11.81 32.45
N LEU A 805 14.22 -12.19 31.28
CA LEU A 805 13.74 -11.63 30.01
C LEU A 805 12.22 -11.87 29.82
N PRO A 806 11.44 -10.76 29.79
CA PRO A 806 9.98 -10.87 29.72
C PRO A 806 9.46 -11.37 28.39
N LEU A 807 10.12 -11.01 27.30
CA LEU A 807 9.68 -11.36 25.95
C LEU A 807 10.87 -11.68 25.07
N GLY A 808 10.70 -12.67 24.19
CA GLY A 808 11.77 -13.09 23.28
C GLY A 808 11.77 -12.31 21.98
N THR A 809 12.84 -12.51 21.22
CA THR A 809 12.98 -11.94 19.88
C THR A 809 12.05 -12.66 18.92
N VAL A 810 12.04 -13.99 18.99
CA VAL A 810 11.15 -14.82 18.19
C VAL A 810 9.70 -14.36 18.38
N THR A 811 9.34 -14.13 19.65
CA THR A 811 8.00 -13.71 20.06
C THR A 811 7.53 -12.40 19.39
N ILE A 812 8.46 -11.48 19.19
CA ILE A 812 8.19 -10.19 18.57
C ILE A 812 7.72 -10.36 17.12
N LEU A 813 8.38 -11.25 16.39
CA LEU A 813 8.02 -11.53 14.99
C LEU A 813 6.67 -12.23 14.86
N CYS A 814 6.28 -12.99 15.88
CA CYS A 814 4.95 -13.60 15.94
C CYS A 814 3.82 -12.55 15.98
N ILE A 815 4.13 -11.38 16.52
CA ILE A 815 3.20 -10.25 16.55
C ILE A 815 3.21 -9.54 15.19
N ASP A 816 4.37 -8.99 14.83
CA ASP A 816 4.52 -8.16 13.64
C ASP A 816 4.25 -8.88 12.33
N LEU A 817 4.69 -10.12 12.22
CA LEU A 817 4.46 -10.92 11.02
C LEU A 817 3.29 -11.88 11.16
N GLY A 818 2.72 -11.95 12.36
CA GLY A 818 1.60 -12.83 12.60
C GLY A 818 0.33 -12.09 12.95
N THR A 819 0.17 -11.85 14.24
CA THR A 819 -1.11 -11.44 14.80
C THR A 819 -1.56 -10.03 14.40
N ASP A 820 -0.63 -9.09 14.29
CA ASP A 820 -0.97 -7.72 13.95
C ASP A 820 -1.37 -7.48 12.49
N MET A 821 -0.96 -8.41 11.62
CA MET A 821 -1.12 -8.32 10.16
C MET A 821 -2.55 -8.05 9.69
N VAL A 822 -3.45 -9.02 9.87
CA VAL A 822 -4.85 -8.91 9.44
C VAL A 822 -5.57 -7.71 10.10
N PRO A 823 -5.34 -7.46 11.40
CA PRO A 823 -5.92 -6.23 11.96
C PRO A 823 -5.42 -4.94 11.28
N ALA A 824 -4.10 -4.82 11.07
CA ALA A 824 -3.53 -3.61 10.44
C ALA A 824 -4.10 -3.34 9.03
N ILE A 825 -4.15 -4.40 8.22
CA ILE A 825 -4.75 -4.37 6.89
C ILE A 825 -6.19 -3.85 6.97
N SER A 826 -6.98 -4.42 7.88
CA SER A 826 -8.43 -4.22 7.92
C SER A 826 -8.87 -2.78 8.08
N LEU A 827 -8.01 -1.93 8.66
CA LEU A 827 -8.22 -0.47 8.75
C LEU A 827 -8.35 0.21 7.37
N ALA A 828 -7.92 -0.49 6.32
CA ALA A 828 -8.07 0.01 4.94
C ALA A 828 -9.53 0.05 4.50
N TYR A 829 -10.39 -0.66 5.22
CA TYR A 829 -11.82 -0.73 4.90
C TYR A 829 -12.68 0.25 5.69
N GLU A 830 -12.03 1.16 6.42
CA GLU A 830 -12.73 2.19 7.16
C GLU A 830 -13.36 3.23 6.24
N GLN A 831 -14.64 3.51 6.51
CA GLN A 831 -15.38 4.61 5.88
C GLN A 831 -14.83 5.96 6.37
N ALA A 832 -15.14 7.05 5.67
CA ALA A 832 -14.75 8.38 6.11
C ALA A 832 -15.48 8.76 7.38
N GLU A 833 -14.81 9.51 8.25
CA GLU A 833 -15.40 10.02 9.48
C GLU A 833 -16.25 11.28 9.26
N SER A 834 -15.93 12.00 8.17
CA SER A 834 -16.66 13.18 7.73
C SER A 834 -16.65 13.25 6.19
N ASP A 835 -17.33 14.25 5.62
CA ASP A 835 -17.35 14.46 4.16
C ASP A 835 -15.98 14.94 3.66
N ILE A 836 -15.11 13.99 3.29
CA ILE A 836 -13.75 14.28 2.81
C ILE A 836 -13.69 15.14 1.55
N MET A 837 -14.75 15.10 0.75
CA MET A 837 -14.84 15.91 -0.46
C MET A 837 -15.19 17.37 -0.16
N LYS A 838 -15.37 17.66 1.13
CA LYS A 838 -15.67 19.00 1.60
C LYS A 838 -14.40 19.73 2.03
N ARG A 839 -13.30 18.99 2.24
CA ARG A 839 -12.05 19.63 2.65
C ARG A 839 -11.13 19.94 1.46
N GLN A 840 -10.22 20.90 1.65
CA GLN A 840 -9.20 21.28 0.67
C GLN A 840 -8.26 20.10 0.43
N PRO A 841 -7.49 20.11 -0.68
CA PRO A 841 -6.43 19.09 -0.81
C PRO A 841 -5.36 19.28 0.25
N ARG A 842 -4.77 18.19 0.72
CA ARG A 842 -3.66 18.27 1.70
C ARG A 842 -2.48 19.07 1.15
N ASN A 843 -1.80 19.80 2.04
CA ASN A 843 -0.57 20.44 1.69
C ASN A 843 0.53 19.40 1.90
N PRO A 844 1.15 18.91 0.80
CA PRO A 844 2.19 17.86 0.92
C PRO A 844 3.44 18.26 1.71
N LYS A 845 3.70 19.57 1.85
CA LYS A 845 4.83 20.05 2.66
C LYS A 845 4.52 20.00 4.17
N THR A 846 3.29 20.32 4.56
CA THR A 846 2.86 20.37 5.98
C THR A 846 2.13 19.10 6.48
N ASP A 847 1.16 18.61 5.71
CA ASP A 847 0.35 17.44 6.09
C ASP A 847 1.04 16.10 5.77
N LYS A 848 1.78 15.58 6.74
CA LYS A 848 2.54 14.34 6.56
C LYS A 848 1.73 13.08 6.91
N LEU A 849 2.11 11.95 6.31
CA LEU A 849 1.49 10.65 6.63
C LEU A 849 1.79 10.22 8.06
N VAL A 850 3.01 10.49 8.51
CA VAL A 850 3.45 10.21 9.87
C VAL A 850 4.09 11.46 10.43
N ASN A 851 3.49 11.99 11.49
CA ASN A 851 3.99 13.18 12.16
C ASN A 851 4.31 12.93 13.63
N GLU A 852 4.67 14.00 14.33
CA GLU A 852 4.94 13.97 15.77
C GLU A 852 3.72 13.55 16.60
N ARG A 853 2.54 13.96 16.14
CA ARG A 853 1.25 13.67 16.82
C ARG A 853 0.93 12.18 16.87
N LEU A 854 1.28 11.47 15.80
CA LEU A 854 1.14 10.02 15.74
C LEU A 854 2.13 9.36 16.70
N ILE A 855 3.39 9.79 16.67
CA ILE A 855 4.45 9.24 17.54
C ILE A 855 4.14 9.46 19.01
N SER A 856 3.63 10.65 19.35
CA SER A 856 3.22 10.97 20.72
C SER A 856 2.13 10.02 21.23
N MET A 857 1.20 9.68 20.33
CA MET A 857 0.07 8.82 20.63
C MET A 857 0.40 7.34 20.66
N ALA A 858 1.14 6.88 19.66
CA ALA A 858 1.50 5.47 19.53
C ALA A 858 2.59 5.05 20.53
N TYR A 859 3.60 5.91 20.67
CA TYR A 859 4.80 5.59 21.45
C TYR A 859 4.73 6.10 22.86
N GLY A 860 4.14 7.28 23.04
CA GLY A 860 4.11 7.94 24.35
C GLY A 860 2.91 7.59 25.21
N GLN A 861 1.80 7.21 24.59
CA GLN A 861 0.55 7.03 25.34
C GLN A 861 -0.02 5.62 25.32
N ILE A 862 -0.50 5.17 24.15
CA ILE A 862 -1.19 3.88 24.04
C ILE A 862 -0.21 2.71 24.22
N GLY A 863 0.91 2.76 23.51
CA GLY A 863 1.94 1.71 23.58
C GLY A 863 2.51 1.54 24.98
N MET A 864 2.58 2.66 25.70
CA MET A 864 3.05 2.70 27.06
C MET A 864 2.09 1.90 27.96
N ILE A 865 0.79 2.15 27.82
CA ILE A 865 -0.22 1.35 28.54
C ILE A 865 -0.13 -0.13 28.17
N GLN A 866 0.14 -0.42 26.90
CA GLN A 866 0.33 -1.80 26.43
C GLN A 866 1.54 -2.47 27.10
N ALA A 867 2.64 -1.74 27.27
CA ALA A 867 3.84 -2.28 27.93
C ALA A 867 3.56 -2.76 29.37
N LEU A 868 2.81 -1.96 30.11
CA LEU A 868 2.43 -2.27 31.49
C LEU A 868 1.57 -3.53 31.59
N GLY A 869 0.52 -3.62 30.76
CA GLY A 869 -0.30 -4.82 30.64
C GLY A 869 0.51 -6.08 30.39
N GLY A 870 1.57 -5.94 29.59
CA GLY A 870 2.45 -7.05 29.26
C GLY A 870 3.26 -7.40 30.49
N PHE A 871 3.87 -6.39 31.10
CA PHE A 871 4.64 -6.57 32.32
C PHE A 871 3.81 -7.21 33.42
N PHE A 872 2.58 -6.71 33.60
CA PHE A 872 1.67 -7.22 34.63
C PHE A 872 1.50 -8.73 34.55
N SER A 873 1.22 -9.23 33.34
CA SER A 873 1.05 -10.66 33.10
C SER A 873 2.32 -11.44 33.41
N TYR A 874 3.48 -10.87 33.05
CA TYR A 874 4.81 -11.39 33.39
C TYR A 874 4.94 -11.60 34.90
N PHE A 875 4.70 -10.54 35.67
CA PHE A 875 4.71 -10.60 37.15
C PHE A 875 3.68 -11.56 37.73
N VAL A 876 2.56 -11.73 37.02
CA VAL A 876 1.50 -12.65 37.44
C VAL A 876 1.96 -14.12 37.33
N ILE A 877 2.48 -14.52 36.17
CA ILE A 877 2.94 -15.89 35.93
C ILE A 877 4.03 -16.26 36.93
N LEU A 878 4.98 -15.34 37.14
CA LEU A 878 6.13 -15.60 37.99
C LEU A 878 5.73 -15.70 39.46
N ALA A 879 4.95 -14.73 39.93
CA ALA A 879 4.44 -14.71 41.30
C ALA A 879 3.64 -15.97 41.68
N GLU A 880 2.83 -16.44 40.74
CA GLU A 880 1.97 -17.61 40.96
C GLU A 880 2.73 -18.94 40.91
N ASN A 881 3.92 -18.92 40.33
CA ASN A 881 4.83 -20.07 40.34
C ASN A 881 5.89 -19.99 41.44
N GLY A 882 5.86 -18.91 42.22
CA GLY A 882 6.67 -18.80 43.41
C GLY A 882 7.69 -17.68 43.48
N PHE A 883 7.95 -17.03 42.35
CA PHE A 883 8.91 -15.93 42.31
C PHE A 883 8.14 -14.62 42.43
N LEU A 884 8.07 -14.08 43.64
CA LEU A 884 7.39 -12.80 43.88
C LEU A 884 8.19 -11.67 43.22
N PRO A 885 7.49 -10.57 42.81
CA PRO A 885 8.16 -9.46 42.11
C PRO A 885 9.41 -8.89 42.80
N MET A 886 9.35 -8.72 44.13
CA MET A 886 10.46 -8.19 44.94
C MET A 886 11.78 -8.94 44.73
N ASP A 887 11.69 -10.28 44.77
CA ASP A 887 12.86 -11.16 44.62
C ASP A 887 13.41 -11.25 43.20
N LEU A 888 12.73 -10.63 42.24
CA LEU A 888 13.11 -10.74 40.83
C LEU A 888 14.24 -9.79 40.40
N ILE A 889 14.37 -8.68 41.12
CA ILE A 889 15.41 -7.67 40.84
C ILE A 889 16.80 -8.28 41.04
N GLY A 890 17.64 -8.17 40.02
CA GLY A 890 19.01 -8.67 40.08
C GLY A 890 19.15 -10.18 40.11
N LYS A 891 18.17 -10.88 39.55
CA LYS A 891 18.15 -12.33 39.58
C LYS A 891 18.67 -13.00 38.30
N ARG A 892 18.80 -12.24 37.21
CA ARG A 892 19.16 -12.78 35.90
C ARG A 892 20.49 -13.55 35.87
N VAL A 893 21.47 -13.07 36.63
CA VAL A 893 22.81 -13.70 36.74
C VAL A 893 22.65 -15.17 37.15
N ARG A 894 21.87 -15.38 38.21
CA ARG A 894 21.53 -16.71 38.74
C ARG A 894 20.51 -17.44 37.85
N TRP A 895 19.56 -16.69 37.30
CA TRP A 895 18.50 -17.24 36.44
C TRP A 895 19.03 -17.87 35.14
N ASP A 896 19.86 -17.14 34.40
CA ASP A 896 20.33 -17.59 33.09
C ASP A 896 21.47 -18.62 33.17
N ASP A 897 22.12 -18.69 34.34
CA ASP A 897 23.22 -19.60 34.61
C ASP A 897 22.77 -21.05 34.44
N ARG A 898 23.25 -21.67 33.36
CA ARG A 898 22.84 -23.03 32.94
C ARG A 898 23.21 -24.13 33.94
N TRP A 899 24.15 -23.82 34.83
CA TRP A 899 24.81 -24.83 35.67
C TRP A 899 24.28 -24.80 37.09
N ILE A 900 23.62 -23.70 37.44
CA ILE A 900 22.84 -23.62 38.67
C ILE A 900 21.52 -24.31 38.40
N SER A 901 21.38 -25.53 38.93
CA SER A 901 20.15 -26.29 38.78
C SER A 901 19.40 -26.38 40.12
N ASP A 902 19.46 -25.28 40.89
CA ASP A 902 18.80 -25.20 42.20
C ASP A 902 18.42 -23.77 42.65
N VAL A 903 17.99 -22.90 41.72
CA VAL A 903 17.63 -21.48 42.05
C VAL A 903 16.50 -21.42 43.08
N GLU A 904 16.71 -20.64 44.13
CA GLU A 904 15.71 -20.53 45.19
C GLU A 904 14.70 -19.44 44.90
N ASP A 905 13.42 -19.81 44.89
CA ASP A 905 12.34 -18.83 44.79
C ASP A 905 12.04 -18.16 46.13
N SER A 906 10.93 -17.43 46.19
CA SER A 906 10.55 -16.67 47.37
C SER A 906 10.08 -17.56 48.51
N PHE A 907 9.53 -18.71 48.14
CA PHE A 907 8.96 -19.67 49.09
C PHE A 907 9.99 -20.70 49.59
N GLY A 908 11.19 -20.66 49.03
CA GLY A 908 12.28 -21.53 49.46
C GLY A 908 12.47 -22.79 48.62
N GLN A 909 11.69 -22.91 47.56
CA GLN A 909 11.78 -24.07 46.68
C GLN A 909 12.96 -23.94 45.74
N GLN A 910 13.33 -25.05 45.10
CA GLN A 910 14.55 -25.08 44.27
C GLN A 910 14.24 -25.58 42.86
N TRP A 911 14.71 -24.82 41.88
CA TRP A 911 14.38 -25.03 40.47
C TRP A 911 15.59 -25.44 39.65
N THR A 912 15.39 -26.40 38.73
CA THR A 912 16.40 -26.73 37.73
C THR A 912 16.48 -25.61 36.69
N TYR A 913 17.40 -25.74 35.72
CA TYR A 913 17.51 -24.76 34.64
C TYR A 913 16.26 -24.79 33.76
N GLU A 914 15.98 -25.95 33.18
CA GLU A 914 14.88 -26.09 32.24
C GLU A 914 13.51 -25.82 32.88
N GLN A 915 13.38 -26.12 34.16
CA GLN A 915 12.14 -25.88 34.91
C GLN A 915 11.76 -24.41 34.93
N ARG A 916 12.70 -23.56 35.35
CA ARG A 916 12.47 -22.13 35.42
C ARG A 916 12.33 -21.51 34.02
N LYS A 917 13.04 -22.10 33.05
CA LYS A 917 12.97 -21.65 31.67
C LYS A 917 11.57 -21.82 31.09
N ILE A 918 10.93 -22.97 31.36
CA ILE A 918 9.56 -23.25 30.93
C ILE A 918 8.61 -22.18 31.48
N VAL A 919 8.78 -21.81 32.75
CA VAL A 919 8.05 -20.69 33.33
C VAL A 919 8.36 -19.38 32.58
N GLU A 920 9.63 -19.16 32.29
CA GLU A 920 10.06 -17.93 31.60
C GLU A 920 9.45 -17.85 30.20
N PHE A 921 9.44 -18.97 29.48
CA PHE A 921 8.86 -18.98 28.13
C PHE A 921 7.32 -18.85 28.18
N THR A 922 6.73 -19.39 29.25
CA THR A 922 5.31 -19.16 29.54
C THR A 922 5.05 -17.67 29.76
N CYS A 923 5.99 -16.98 30.43
CA CYS A 923 5.93 -15.53 30.55
C CYS A 923 6.02 -14.85 29.18
N HIS A 924 6.84 -15.38 28.29
CA HIS A 924 6.95 -14.85 26.93
C HIS A 924 5.61 -14.99 26.23
N THR A 925 5.05 -16.19 26.32
CA THR A 925 3.76 -16.51 25.68
C THR A 925 2.61 -15.63 26.19
N SER A 926 2.57 -15.40 27.50
CA SER A 926 1.53 -14.59 28.10
C SER A 926 1.74 -13.10 27.86
N PHE A 927 3.00 -12.69 27.70
CA PHE A 927 3.32 -11.31 27.31
C PHE A 927 2.79 -11.09 25.89
N PHE A 928 3.15 -12.03 25.01
CA PHE A 928 2.66 -12.08 23.64
C PHE A 928 1.13 -11.97 23.60
N ILE A 929 0.45 -12.80 24.39
CA ILE A 929 -0.99 -12.81 24.37
C ILE A 929 -1.56 -11.51 24.92
N SER A 930 -0.88 -10.95 25.92
CA SER A 930 -1.23 -9.62 26.47
C SER A 930 -1.21 -8.54 25.40
N ILE A 931 -0.21 -8.58 24.51
CA ILE A 931 -0.15 -7.66 23.37
C ILE A 931 -1.41 -7.81 22.53
N VAL A 932 -1.74 -9.06 22.16
CA VAL A 932 -2.94 -9.34 21.36
C VAL A 932 -4.18 -8.74 22.01
N VAL A 933 -4.31 -8.95 23.32
CA VAL A 933 -5.44 -8.48 24.10
C VAL A 933 -5.52 -6.95 24.13
N VAL A 934 -4.38 -6.27 24.26
CA VAL A 934 -4.39 -4.80 24.24
C VAL A 934 -4.50 -4.25 22.81
N GLN A 935 -4.07 -5.06 21.83
CA GLN A 935 -4.24 -4.71 20.43
C GLN A 935 -5.70 -4.76 19.99
N TRP A 936 -6.54 -5.46 20.75
CA TRP A 936 -7.99 -5.46 20.57
C TRP A 936 -8.53 -4.05 20.70
N ALA A 937 -8.21 -3.38 21.82
CA ALA A 937 -8.67 -2.01 22.05
C ALA A 937 -8.01 -1.05 21.07
N ASP A 938 -6.74 -1.29 20.79
CA ASP A 938 -5.99 -0.44 19.90
C ASP A 938 -6.60 -0.45 18.51
N LEU A 939 -6.93 -1.64 18.02
CA LEU A 939 -7.65 -1.77 16.76
C LEU A 939 -8.94 -0.96 16.75
N ILE A 940 -9.72 -1.08 17.82
CA ILE A 940 -10.98 -0.33 17.94
C ILE A 940 -10.79 1.19 18.03
N ILE A 941 -9.76 1.63 18.75
CA ILE A 941 -9.48 3.07 18.86
C ILE A 941 -8.84 3.64 17.59
N CYS A 942 -8.00 2.85 16.92
CA CYS A 942 -7.39 3.28 15.66
C CYS A 942 -8.39 3.35 14.52
N LYS A 943 -9.58 2.78 14.73
CA LYS A 943 -10.69 2.81 13.78
C LYS A 943 -11.09 4.24 13.41
N THR A 944 -11.01 5.15 14.38
CA THR A 944 -11.41 6.55 14.21
C THR A 944 -10.35 7.51 14.75
N ARG A 945 -10.09 8.59 14.01
CA ARG A 945 -9.19 9.66 14.44
C ARG A 945 -9.90 10.77 15.23
N ARG A 946 -11.20 10.89 15.01
CA ARG A 946 -11.99 11.98 15.57
C ARG A 946 -13.29 11.49 16.24
N ASN A 947 -14.09 10.77 15.47
CA ASN A 947 -15.38 10.27 15.91
C ASN A 947 -15.26 9.22 17.01
N SER A 948 -16.36 9.03 17.73
CA SER A 948 -16.52 7.92 18.66
C SER A 948 -16.78 6.60 17.91
N ILE A 949 -16.41 5.48 18.52
CA ILE A 949 -16.86 4.17 18.05
C ILE A 949 -18.38 4.08 18.10
N PHE A 950 -18.98 4.78 19.06
CA PHE A 950 -20.44 4.85 19.16
C PHE A 950 -21.08 5.63 18.00
N GLN A 951 -20.26 6.44 17.32
CA GLN A 951 -20.70 7.20 16.16
C GLN A 951 -20.40 6.45 14.88
N GLN A 952 -19.15 6.03 14.70
CA GLN A 952 -18.72 5.29 13.52
C GLN A 952 -19.27 3.88 13.45
N GLY A 953 -19.51 3.26 14.60
CA GLY A 953 -20.03 1.89 14.66
C GLY A 953 -18.97 0.84 14.39
N MET A 954 -19.43 -0.39 14.20
CA MET A 954 -18.56 -1.56 14.00
C MET A 954 -18.99 -2.32 12.74
N LYS A 955 -19.13 -1.58 11.65
CA LYS A 955 -19.64 -2.13 10.40
C LYS A 955 -18.52 -2.59 9.47
N ASN A 956 -17.27 -2.47 9.92
CA ASN A 956 -16.12 -3.04 9.22
C ASN A 956 -16.00 -4.53 9.51
N LYS A 957 -16.49 -5.36 8.58
CA LYS A 957 -16.49 -6.83 8.74
C LYS A 957 -15.10 -7.44 8.65
N ILE A 958 -14.22 -6.82 7.86
CA ILE A 958 -12.82 -7.25 7.75
C ILE A 958 -12.11 -7.05 9.08
N LEU A 959 -12.39 -5.92 9.74
CA LEU A 959 -11.83 -5.60 11.05
C LEU A 959 -12.20 -6.63 12.09
N ILE A 960 -13.50 -6.97 12.15
CA ILE A 960 -14.01 -8.03 13.05
C ILE A 960 -13.36 -9.39 12.74
N PHE A 961 -13.31 -9.75 11.46
CA PHE A 961 -12.53 -10.91 11.00
C PHE A 961 -11.10 -10.88 11.56
N GLY A 962 -10.47 -9.71 11.53
CA GLY A 962 -9.16 -9.49 12.13
C GLY A 962 -9.07 -9.89 13.58
N LEU A 963 -10.04 -9.44 14.38
CA LEU A 963 -10.10 -9.73 15.81
C LEU A 963 -10.19 -11.23 16.11
N PHE A 964 -11.15 -11.89 15.48
CA PHE A 964 -11.29 -13.33 15.63
C PHE A 964 -10.07 -14.11 15.19
N GLU A 965 -9.55 -13.83 13.98
CA GLU A 965 -8.41 -14.59 13.44
C GLU A 965 -7.12 -14.33 14.18
N GLU A 966 -6.94 -13.10 14.64
CA GLU A 966 -5.81 -12.73 15.46
C GLU A 966 -5.74 -13.61 16.73
N THR A 967 -6.89 -13.73 17.39
CA THR A 967 -7.04 -14.50 18.63
C THR A 967 -6.94 -16.00 18.37
N ALA A 968 -7.50 -16.46 17.25
CA ALA A 968 -7.38 -17.84 16.81
C ALA A 968 -5.92 -18.23 16.58
N LEU A 969 -5.14 -17.34 15.95
CA LEU A 969 -3.71 -17.53 15.71
C LEU A 969 -2.94 -17.64 17.03
N ALA A 970 -3.20 -16.68 17.94
CA ALA A 970 -2.52 -16.64 19.24
C ALA A 970 -2.79 -17.92 20.05
N ALA A 971 -4.07 -18.28 20.16
CA ALA A 971 -4.50 -19.52 20.80
C ALA A 971 -3.83 -20.74 20.16
N PHE A 972 -3.86 -20.82 18.84
CA PHE A 972 -3.19 -21.88 18.08
C PHE A 972 -1.71 -21.96 18.42
N LEU A 973 -1.04 -20.80 18.45
CA LEU A 973 0.39 -20.74 18.80
C LEU A 973 0.71 -21.22 20.22
N SER A 974 -0.17 -20.91 21.16
CA SER A 974 -0.01 -21.32 22.55
C SER A 974 -0.27 -22.81 22.77
N TYR A 975 -1.36 -23.31 22.18
CA TYR A 975 -1.87 -24.64 22.52
C TYR A 975 -1.51 -25.77 21.57
N CYS A 976 -1.12 -25.45 20.34
CA CYS A 976 -0.72 -26.50 19.38
C CYS A 976 0.56 -27.21 19.83
N PRO A 977 0.53 -28.56 19.87
CA PRO A 977 1.69 -29.32 20.31
C PRO A 977 2.88 -29.17 19.36
N GLY A 978 4.05 -28.88 19.92
CA GLY A 978 5.28 -28.71 19.15
C GLY A 978 5.68 -27.26 18.95
N THR A 979 4.76 -26.33 19.23
CA THR A 979 5.05 -24.90 19.11
C THR A 979 5.92 -24.42 20.28
N ASP A 980 5.99 -25.24 21.34
CA ASP A 980 6.94 -25.02 22.45
C ASP A 980 8.40 -25.25 22.07
N VAL A 981 8.60 -26.07 21.04
CA VAL A 981 9.93 -26.32 20.45
C VAL A 981 10.24 -25.28 19.36
N ALA A 982 9.32 -25.17 18.39
CA ALA A 982 9.53 -24.36 17.19
C ALA A 982 9.53 -22.86 17.48
N LEU A 983 8.68 -22.43 18.40
CA LEU A 983 8.55 -21.00 18.69
C LEU A 983 8.67 -20.65 20.18
N ARG A 984 8.86 -21.67 21.02
CA ARG A 984 8.94 -21.50 22.48
C ARG A 984 7.65 -20.91 23.08
N MET A 985 6.52 -21.35 22.50
CA MET A 985 5.18 -20.91 22.91
C MET A 985 4.58 -22.00 23.79
N TYR A 986 4.28 -21.64 25.04
CA TYR A 986 3.78 -22.61 26.01
C TYR A 986 2.29 -22.48 26.27
N PRO A 987 1.63 -23.58 26.71
CA PRO A 987 0.21 -23.43 27.03
C PRO A 987 -0.05 -22.43 28.16
N LEU A 988 -1.04 -21.56 27.94
CA LEU A 988 -1.49 -20.65 28.98
C LEU A 988 -2.73 -21.17 29.70
N LYS A 989 -2.71 -21.06 31.02
CA LYS A 989 -3.87 -21.37 31.85
C LYS A 989 -4.95 -20.30 31.61
N PRO A 990 -6.25 -20.68 31.65
CA PRO A 990 -7.33 -19.75 31.29
C PRO A 990 -7.21 -18.39 31.96
N SER A 991 -6.98 -18.36 33.28
CA SER A 991 -6.80 -17.08 34.01
C SER A 991 -5.74 -16.15 33.40
N TRP A 992 -4.70 -16.74 32.79
CA TRP A 992 -3.59 -16.02 32.13
C TRP A 992 -4.08 -15.07 31.03
N TRP A 993 -5.15 -15.46 30.32
CA TRP A 993 -5.72 -14.66 29.21
C TRP A 993 -6.33 -13.34 29.66
N PHE A 994 -6.66 -13.23 30.95
CA PHE A 994 -7.42 -12.08 31.44
C PHE A 994 -6.59 -11.02 32.15
N CYS A 995 -5.29 -11.28 32.30
CA CYS A 995 -4.37 -10.36 32.96
C CYS A 995 -4.49 -8.94 32.39
N ALA A 996 -4.32 -8.82 31.08
CA ALA A 996 -4.23 -7.52 30.44
C ALA A 996 -5.58 -6.83 30.23
N PHE A 997 -6.67 -7.55 30.43
CA PHE A 997 -8.04 -7.02 30.23
C PHE A 997 -8.29 -5.62 30.81
N PRO A 998 -7.86 -5.35 32.08
CA PRO A 998 -8.07 -3.99 32.57
C PRO A 998 -7.26 -2.93 31.82
N TYR A 999 -6.11 -3.33 31.27
CA TYR A 999 -5.28 -2.43 30.46
C TYR A 999 -5.89 -2.22 29.08
N SER A 1000 -6.35 -3.31 28.48
CA SER A 1000 -7.13 -3.22 27.25
C SER A 1000 -8.31 -2.25 27.39
N LEU A 1001 -9.09 -2.38 28.47
CA LEU A 1001 -10.21 -1.46 28.74
C LEU A 1001 -9.76 -0.01 28.94
N ILE A 1002 -8.68 0.20 29.71
CA ILE A 1002 -8.22 1.59 29.99
C ILE A 1002 -7.89 2.32 28.69
N ILE A 1003 -7.22 1.62 27.76
CA ILE A 1003 -6.94 2.12 26.40
C ILE A 1003 -8.23 2.63 25.74
N PHE A 1004 -9.23 1.75 25.65
CA PHE A 1004 -10.52 2.08 25.07
C PHE A 1004 -11.16 3.31 25.70
N LEU A 1005 -11.11 3.42 27.02
CA LEU A 1005 -11.74 4.55 27.72
C LEU A 1005 -10.93 5.79 27.52
N TYR A 1006 -9.62 5.69 27.79
CA TYR A 1006 -8.71 6.82 27.69
C TYR A 1006 -8.88 7.52 26.35
N ASP A 1007 -8.78 6.74 25.28
CA ASP A 1007 -8.85 7.25 23.93
C ASP A 1007 -10.23 7.82 23.59
N GLU A 1008 -11.27 7.15 24.05
CA GLU A 1008 -12.63 7.65 23.91
C GLU A 1008 -12.84 8.99 24.63
N MET A 1009 -12.26 9.13 25.82
CA MET A 1009 -12.33 10.41 26.57
C MET A 1009 -11.56 11.52 25.84
N ARG A 1010 -10.38 11.16 25.31
CA ARG A 1010 -9.50 12.08 24.59
C ARG A 1010 -10.14 12.63 23.32
N ARG A 1011 -10.76 11.75 22.53
CA ARG A 1011 -11.46 12.15 21.30
C ARG A 1011 -12.73 12.90 21.60
N PHE A 1012 -13.33 12.61 22.76
CA PHE A 1012 -14.43 13.41 23.27
C PHE A 1012 -13.99 14.85 23.45
N ILE A 1013 -12.79 15.07 24.00
CA ILE A 1013 -12.23 16.41 24.14
C ILE A 1013 -11.99 17.09 22.79
N ILE A 1014 -11.38 16.38 21.83
CA ILE A 1014 -11.17 16.87 20.44
C ILE A 1014 -12.46 17.46 19.88
N ARG A 1015 -13.50 16.64 19.78
CA ARG A 1015 -14.78 17.04 19.20
C ARG A 1015 -15.39 18.22 19.95
N ARG A 1016 -15.41 18.14 21.29
CA ARG A 1016 -16.03 19.18 22.13
C ARG A 1016 -15.37 20.54 21.98
N SER A 1017 -14.08 20.56 21.65
CA SER A 1017 -13.36 21.81 21.46
C SER A 1017 -12.35 21.75 20.31
N PRO A 1018 -12.79 22.14 19.09
CA PRO A 1018 -11.95 22.19 17.88
C PRO A 1018 -10.76 23.12 18.05
N GLY A 1019 -10.83 23.98 19.08
CA GLY A 1019 -9.77 24.92 19.44
C GLY A 1019 -8.38 24.40 19.11
N GLY A 1020 -7.86 23.52 19.94
CA GLY A 1020 -6.58 22.97 19.59
C GLY A 1020 -5.77 22.13 20.52
N TRP A 1021 -5.91 22.30 21.85
CA TRP A 1021 -4.90 21.64 22.70
C TRP A 1021 -4.72 20.14 22.46
N VAL A 1022 -5.79 19.36 22.63
CA VAL A 1022 -5.75 17.92 22.41
C VAL A 1022 -5.55 17.64 20.92
N GLU A 1023 -6.19 18.46 20.08
CA GLU A 1023 -6.08 18.40 18.62
C GLU A 1023 -4.62 18.54 18.15
N GLN A 1024 -4.01 19.70 18.41
CA GLN A 1024 -2.63 19.98 17.98
C GLN A 1024 -1.56 19.10 18.64
N GLU A 1025 -1.97 18.37 19.69
CA GLU A 1025 -1.06 17.45 20.36
C GLU A 1025 -1.18 15.99 19.95
N THR A 1026 -2.41 15.55 19.67
CA THR A 1026 -2.65 14.11 19.42
C THR A 1026 -3.34 13.74 18.09
N TYR A 1027 -3.96 14.72 17.43
CA TYR A 1027 -4.76 14.47 16.22
C TYR A 1027 -3.90 14.04 15.01
N TYR A 1028 -3.69 12.72 14.89
CA TYR A 1028 -2.81 12.03 13.90
C TYR A 1028 -2.52 12.83 12.64
N PHE B 25 11.97 25.80 19.83
CA PHE B 25 13.17 24.96 20.12
C PHE B 25 13.40 23.98 18.96
N LEU B 26 13.09 22.70 19.18
CA LEU B 26 13.07 21.71 18.10
C LEU B 26 11.63 21.59 17.60
N GLY B 27 10.71 21.37 18.54
CA GLY B 27 9.30 21.29 18.22
C GLY B 27 8.63 22.65 18.39
N ARG B 28 8.51 23.07 19.65
CA ARG B 28 7.56 24.11 20.05
C ARG B 28 8.21 25.28 20.82
N THR B 29 7.35 26.13 21.38
CA THR B 29 7.75 27.28 22.21
C THR B 29 8.05 26.84 23.65
N GLY B 30 8.45 27.78 24.50
CA GLY B 30 8.67 27.54 25.92
C GLY B 30 7.40 27.13 26.66
N SER B 31 6.31 27.87 26.40
CA SER B 31 5.00 27.63 27.00
C SER B 31 4.46 26.24 26.67
N SER B 32 4.69 25.80 25.43
CA SER B 32 4.18 24.53 24.93
C SER B 32 5.03 23.33 25.39
N TRP B 33 6.33 23.56 25.63
CA TRP B 33 7.21 22.52 26.21
C TRP B 33 6.84 22.20 27.66
N PHE B 34 6.34 23.18 28.38
CA PHE B 34 5.87 23.01 29.77
C PHE B 34 4.59 22.16 29.82
N LYS B 35 3.58 22.52 29.03
CA LYS B 35 2.29 21.82 29.00
C LYS B 35 2.42 20.33 28.68
N ILE B 36 3.35 20.00 27.78
CA ILE B 36 3.66 18.61 27.41
C ILE B 36 4.40 17.88 28.54
N PHE B 37 5.19 18.62 29.32
CA PHE B 37 5.88 18.07 30.49
C PHE B 37 4.89 17.86 31.65
N LEU B 38 4.05 18.87 31.91
CA LEU B 38 3.01 18.79 32.93
C LEU B 38 2.02 17.65 32.64
N PHE B 39 1.74 17.42 31.35
CA PHE B 39 0.91 16.27 30.94
C PHE B 39 1.60 14.94 31.26
N TYR B 40 2.73 14.68 30.60
CA TYR B 40 3.46 13.40 30.75
C TYR B 40 3.91 13.06 32.16
N LEU B 41 4.04 14.07 33.02
CA LEU B 41 4.26 13.87 34.45
C LEU B 41 3.01 13.29 35.11
N ILE B 42 1.86 13.97 34.94
CA ILE B 42 0.58 13.51 35.50
C ILE B 42 0.18 12.15 34.91
N PHE B 43 0.28 12.03 33.59
CA PHE B 43 -0.09 10.82 32.84
C PHE B 43 0.68 9.59 33.32
N TYR B 44 2.00 9.63 33.19
CA TYR B 44 2.86 8.53 33.65
C TYR B 44 2.74 8.22 35.14
N GLY B 45 2.48 9.26 35.94
CA GLY B 45 2.21 9.14 37.37
C GLY B 45 1.02 8.23 37.61
N CYS B 46 -0.11 8.61 37.01
CA CYS B 46 -1.35 7.82 37.01
C CYS B 46 -1.14 6.39 36.54
N LEU B 47 -0.37 6.24 35.45
CA LEU B 47 -0.04 4.92 34.91
C LEU B 47 0.75 4.06 35.88
N ALA B 48 1.77 4.65 36.50
CA ALA B 48 2.55 3.97 37.52
C ALA B 48 1.64 3.56 38.68
N GLY B 49 0.79 4.50 39.11
CA GLY B 49 -0.19 4.28 40.18
C GLY B 49 -1.15 3.13 39.91
N ILE B 50 -1.64 3.04 38.68
CA ILE B 50 -2.55 1.96 38.26
C ILE B 50 -1.82 0.61 38.24
N PHE B 51 -0.63 0.62 37.65
CA PHE B 51 0.24 -0.56 37.57
C PHE B 51 0.51 -1.15 38.94
N ILE B 52 0.91 -0.26 39.86
CA ILE B 52 1.12 -0.59 41.26
C ILE B 52 -0.16 -1.17 41.85
N GLY B 53 -1.29 -0.49 41.63
CA GLY B 53 -2.60 -0.99 42.05
C GLY B 53 -2.88 -2.45 41.66
N THR B 54 -2.56 -2.79 40.41
CA THR B 54 -2.80 -4.15 39.90
C THR B 54 -1.87 -5.20 40.54
N ILE B 55 -0.63 -4.79 40.83
CA ILE B 55 0.32 -5.68 41.52
C ILE B 55 -0.17 -5.93 42.96
N GLN B 56 -0.67 -4.89 43.63
CA GLN B 56 -1.23 -5.01 44.98
C GLN B 56 -2.32 -6.08 45.01
N VAL B 57 -3.30 -5.96 44.10
CA VAL B 57 -4.41 -6.93 44.05
C VAL B 57 -3.92 -8.35 43.71
N LEU B 58 -2.93 -8.46 42.81
CA LEU B 58 -2.29 -9.74 42.52
C LEU B 58 -1.75 -10.37 43.80
N LEU B 59 -0.97 -9.59 44.54
CA LEU B 59 -0.32 -10.05 45.78
C LEU B 59 -1.35 -10.47 46.81
N LEU B 60 -2.41 -9.68 46.93
CA LEU B 60 -3.55 -9.95 47.80
C LEU B 60 -4.24 -11.31 47.55
N THR B 61 -4.09 -11.87 46.34
CA THR B 61 -4.70 -13.15 46.01
C THR B 61 -3.76 -14.33 46.30
N LEU B 62 -2.59 -14.05 46.87
CA LEU B 62 -1.59 -15.10 47.06
C LEU B 62 -1.32 -15.41 48.54
N SER B 63 -0.94 -16.67 48.80
CA SER B 63 -0.55 -17.09 50.14
C SER B 63 0.90 -16.73 50.48
N ASP B 64 1.17 -16.57 51.78
CA ASP B 64 2.51 -16.31 52.29
C ASP B 64 3.31 -17.59 52.48
N PHE B 65 2.60 -18.72 52.52
CA PHE B 65 3.20 -20.01 52.90
C PHE B 65 3.37 -20.97 51.71
N GLU B 66 2.60 -20.74 50.64
CA GLU B 66 2.54 -21.67 49.52
C GLU B 66 2.24 -20.94 48.20
N PRO B 67 2.99 -21.26 47.13
CA PRO B 67 2.70 -20.67 45.82
C PRO B 67 1.42 -21.22 45.24
N LYS B 68 0.77 -20.45 44.37
CA LYS B 68 -0.47 -20.86 43.72
C LYS B 68 -0.31 -22.12 42.86
N TYR B 69 0.81 -22.25 42.17
CA TYR B 69 1.05 -23.43 41.34
C TYR B 69 2.36 -24.09 41.69
N GLN B 70 2.38 -25.41 41.55
CA GLN B 70 3.57 -26.19 41.86
C GLN B 70 3.86 -27.25 40.82
N ASP B 71 3.09 -27.25 39.73
CA ASP B 71 3.23 -28.23 38.64
C ASP B 71 4.47 -28.02 37.75
N ARG B 72 5.14 -26.89 37.94
CA ARG B 72 6.32 -26.56 37.13
C ARG B 72 7.64 -26.92 37.81
N VAL B 73 7.59 -27.12 39.12
CA VAL B 73 8.68 -27.73 39.90
C VAL B 73 8.45 -29.23 40.08
N ALA B 74 7.22 -29.65 39.73
CA ALA B 74 6.65 -30.99 40.00
C ALA B 74 7.61 -32.14 40.31
N PRO B 75 8.10 -32.89 39.29
CA PRO B 75 9.09 -33.89 39.69
C PRO B 75 10.43 -33.20 40.01
N PRO B 76 10.94 -33.39 41.25
CA PRO B 76 12.07 -32.61 41.76
C PRO B 76 13.36 -32.84 40.99
N GLY B 77 14.20 -31.82 40.97
CA GLY B 77 15.52 -31.91 40.39
C GLY B 77 16.55 -32.45 41.36
N LEU B 78 17.62 -33.01 40.79
CA LEU B 78 18.76 -33.45 41.57
C LEU B 78 19.97 -32.60 41.23
N SER B 79 20.47 -31.88 42.24
CA SER B 79 21.58 -30.94 42.08
C SER B 79 22.76 -31.32 42.98
N HIS B 80 23.98 -31.10 42.48
CA HIS B 80 25.19 -31.39 43.26
C HIS B 80 26.04 -30.18 43.61
N ALA B 81 26.93 -30.39 44.59
CA ALA B 81 27.82 -29.34 45.09
C ALA B 81 28.96 -28.92 44.14
N PRO B 82 29.64 -29.88 43.46
CA PRO B 82 30.70 -29.40 42.56
C PRO B 82 30.12 -28.59 41.40
N TYR B 83 30.47 -27.30 41.35
CA TYR B 83 30.00 -26.38 40.31
C TYR B 83 30.61 -26.77 38.96
N ALA B 84 29.78 -27.46 38.17
CA ALA B 84 30.15 -28.02 36.88
C ALA B 84 30.26 -26.93 35.82
N ILE B 85 31.44 -26.86 35.21
CA ILE B 85 31.74 -25.89 34.12
C ILE B 85 30.71 -26.04 33.00
N LYS B 86 30.48 -27.28 32.56
CA LYS B 86 29.46 -27.63 31.57
C LYS B 86 29.00 -29.06 31.87
N THR B 87 28.40 -29.24 33.05
CA THR B 87 28.07 -30.57 33.61
C THR B 87 29.34 -31.44 33.73
N GLU B 88 30.47 -30.80 33.99
CA GLU B 88 31.79 -31.44 33.99
C GLU B 88 32.71 -30.97 35.11
N ILE B 89 33.42 -31.94 35.71
CA ILE B 89 34.45 -31.65 36.72
C ILE B 89 35.80 -32.33 36.35
N SER B 90 36.58 -31.61 35.55
CA SER B 90 37.89 -32.06 35.07
C SER B 90 39.01 -31.27 35.76
N PHE B 91 40.01 -32.00 36.25
CA PHE B 91 41.12 -31.44 37.05
C PHE B 91 42.33 -32.38 37.14
N SER B 92 43.42 -31.89 37.73
CA SER B 92 44.65 -32.68 37.89
C SER B 92 45.01 -32.90 39.36
N ILE B 93 45.29 -34.16 39.70
CA ILE B 93 45.71 -34.57 41.06
C ILE B 93 47.09 -33.97 41.38
N SER B 94 47.98 -34.01 40.38
CA SER B 94 49.31 -33.43 40.48
C SER B 94 49.34 -31.89 40.38
N ASN B 95 48.19 -31.26 40.57
CA ASN B 95 48.08 -29.79 40.62
C ASN B 95 47.26 -29.27 41.81
N PRO B 96 47.78 -28.23 42.51
CA PRO B 96 47.08 -27.65 43.66
C PRO B 96 45.89 -26.77 43.25
N LYS B 97 46.10 -25.90 42.26
CA LYS B 97 45.09 -24.92 41.83
C LYS B 97 44.14 -25.44 40.75
N SER B 98 44.16 -26.75 40.52
CA SER B 98 43.29 -27.43 39.54
C SER B 98 41.94 -27.83 40.13
N TYR B 99 41.92 -28.06 41.44
CA TYR B 99 40.70 -28.44 42.15
C TYR B 99 40.18 -27.35 43.11
N GLU B 100 40.98 -26.31 43.36
CA GLU B 100 40.63 -25.19 44.27
C GLU B 100 39.37 -24.41 43.85
N SER B 101 39.05 -24.49 42.56
CA SER B 101 37.79 -23.98 42.01
C SER B 101 36.59 -24.77 42.56
N PHE B 102 36.62 -26.10 42.39
CA PHE B 102 35.51 -26.98 42.77
C PHE B 102 35.29 -27.09 44.29
N VAL B 103 36.36 -26.93 45.08
CA VAL B 103 36.31 -27.01 46.55
C VAL B 103 35.55 -25.81 47.15
N LYS B 104 35.63 -24.65 46.49
CA LYS B 104 34.91 -23.44 46.89
C LYS B 104 33.40 -23.69 47.07
N SER B 105 32.74 -24.15 46.00
CA SER B 105 31.30 -24.44 46.02
C SER B 105 30.96 -25.63 46.90
N MET B 106 31.87 -26.60 46.95
CA MET B 106 31.78 -27.74 47.86
C MET B 106 31.73 -27.29 49.31
N HIS B 107 32.70 -26.46 49.71
CA HIS B 107 32.72 -25.82 51.03
C HIS B 107 31.50 -24.94 51.29
N LYS B 108 31.05 -24.23 50.25
CA LYS B 108 29.90 -23.31 50.33
C LYS B 108 28.65 -24.00 50.87
N LEU B 109 28.33 -25.18 50.32
CA LEU B 109 27.16 -25.95 50.73
C LEU B 109 27.31 -26.54 52.13
N MET B 110 28.46 -27.17 52.39
CA MET B 110 28.71 -27.93 53.63
C MET B 110 28.92 -27.02 54.83
N ASP B 111 29.48 -25.84 54.58
CA ASP B 111 29.63 -24.77 55.56
C ASP B 111 28.30 -24.41 56.23
N LEU B 112 27.19 -24.73 55.55
CA LEU B 112 25.83 -24.43 56.03
C LEU B 112 25.29 -25.49 56.99
N TYR B 113 25.89 -26.68 56.95
CA TYR B 113 25.45 -27.83 57.74
C TYR B 113 26.18 -27.96 59.09
N ASN B 114 26.78 -26.85 59.53
CA ASN B 114 27.56 -26.80 60.76
C ASN B 114 26.71 -26.98 62.01
N GLU B 115 27.36 -27.55 63.03
CA GLU B 115 26.70 -27.89 64.28
C GLU B 115 26.50 -26.65 65.14
N SER B 116 27.42 -25.68 65.03
CA SER B 116 27.28 -24.37 65.68
C SER B 116 26.05 -23.62 65.17
N SER B 117 25.68 -23.88 63.92
CA SER B 117 24.44 -23.37 63.31
C SER B 117 23.21 -24.05 63.89
N GLN B 118 23.35 -25.32 64.26
CA GLN B 118 22.25 -26.11 64.80
C GLN B 118 22.31 -26.14 66.34
N ALA B 119 21.91 -25.02 66.95
CA ALA B 119 22.07 -24.82 68.41
C ALA B 119 20.73 -24.67 69.14
N GLY B 120 20.59 -25.42 70.24
CA GLY B 120 19.39 -25.40 71.07
C GLY B 120 18.20 -26.18 70.50
N ASN B 121 17.18 -26.34 71.34
CA ASN B 121 15.91 -26.97 70.94
C ASN B 121 15.09 -26.12 69.96
N SER B 122 15.46 -24.83 69.86
CA SER B 122 14.88 -23.91 68.89
C SER B 122 15.95 -23.45 67.89
N PRO B 123 15.68 -23.61 66.58
CA PRO B 123 14.47 -24.24 66.03
C PRO B 123 14.67 -25.71 65.59
N PHE B 124 15.76 -26.32 66.06
CA PHE B 124 16.15 -27.66 65.61
C PHE B 124 15.75 -28.83 66.51
N GLU B 125 15.74 -30.03 65.92
CA GLU B 125 15.34 -31.26 66.60
C GLU B 125 16.22 -32.43 66.21
N ASP B 126 16.61 -33.20 67.22
CA ASP B 126 17.22 -34.52 67.02
C ASP B 126 16.14 -35.50 66.56
N CYS B 127 16.39 -36.13 65.42
CA CYS B 127 15.49 -37.13 64.86
C CYS B 127 16.23 -38.48 64.80
N SER B 128 15.53 -39.52 64.35
CA SER B 128 16.10 -40.88 64.24
C SER B 128 17.40 -40.90 63.46
N ASP B 129 18.43 -41.55 64.02
CA ASP B 129 19.73 -41.69 63.36
C ASP B 129 19.70 -42.69 62.20
N THR B 130 18.67 -43.54 62.20
CA THR B 130 18.33 -44.43 61.08
C THR B 130 17.10 -43.82 60.37
N PRO B 131 17.06 -43.87 59.01
CA PRO B 131 15.93 -43.35 58.23
C PRO B 131 14.56 -43.71 58.81
N ALA B 132 13.67 -42.71 58.90
CA ALA B 132 12.35 -42.86 59.51
C ALA B 132 11.23 -42.41 58.56
N ASP B 133 10.00 -42.40 59.07
CA ASP B 133 8.81 -41.94 58.32
C ASP B 133 8.67 -40.42 58.33
N TYR B 134 7.78 -39.92 57.47
CA TYR B 134 7.41 -38.49 57.39
C TYR B 134 7.03 -37.90 58.76
N ILE B 135 7.18 -36.59 58.88
CA ILE B 135 6.67 -35.85 60.04
C ILE B 135 5.79 -34.68 59.61
N LYS B 136 4.53 -34.75 60.02
CA LYS B 136 3.55 -33.71 59.77
C LYS B 136 3.51 -32.79 60.98
N ARG B 137 3.93 -31.53 60.79
CA ARG B 137 3.85 -30.50 61.83
C ARG B 137 2.59 -29.63 61.70
N GLY B 138 1.47 -30.29 61.42
CA GLY B 138 0.21 -29.60 61.21
C GLY B 138 0.12 -29.08 59.79
N ASP B 139 -0.61 -27.98 59.62
CA ASP B 139 -0.91 -27.45 58.29
C ASP B 139 0.02 -26.29 57.93
N LEU B 140 -0.12 -25.79 56.70
CA LEU B 140 0.65 -24.64 56.21
C LEU B 140 0.09 -23.34 56.80
N ASP B 141 0.14 -23.24 58.12
CA ASP B 141 -0.46 -22.11 58.85
C ASP B 141 0.55 -21.40 59.73
N ASP B 142 0.17 -20.22 60.20
CA ASP B 142 0.94 -19.47 61.19
C ASP B 142 0.32 -19.68 62.58
N SER B 143 -0.56 -20.68 62.70
CA SER B 143 -1.20 -21.05 63.98
C SER B 143 -0.23 -21.62 65.03
N GLN B 144 1.01 -21.85 64.61
CA GLN B 144 2.14 -22.20 65.46
C GLN B 144 3.30 -21.30 65.02
N GLY B 145 4.35 -21.20 65.82
CA GLY B 145 5.59 -20.53 65.40
C GLY B 145 6.34 -21.31 64.33
N GLN B 146 7.64 -21.06 64.20
CA GLN B 146 8.47 -21.76 63.23
C GLN B 146 8.50 -23.28 63.43
N LYS B 147 8.09 -24.00 62.39
CA LYS B 147 8.07 -25.48 62.35
C LYS B 147 9.47 -26.03 62.52
N LYS B 148 9.60 -27.06 63.36
CA LYS B 148 10.92 -27.55 63.77
C LYS B 148 11.48 -28.61 62.80
N ALA B 149 12.65 -28.30 62.24
CA ALA B 149 13.31 -29.18 61.28
C ALA B 149 14.25 -30.17 61.97
N CYS B 150 14.42 -31.34 61.35
CA CYS B 150 15.39 -32.33 61.78
C CYS B 150 16.82 -31.81 61.54
N ARG B 151 17.69 -32.06 62.52
CA ARG B 151 19.13 -31.80 62.42
C ARG B 151 19.77 -32.72 61.40
N PHE B 152 20.84 -32.25 60.76
CA PHE B 152 21.65 -33.10 59.89
C PHE B 152 23.13 -32.84 60.18
N SER B 153 23.81 -33.90 60.61
CA SER B 153 25.24 -33.85 60.88
C SER B 153 26.00 -34.09 59.61
N ARG B 154 26.95 -33.21 59.32
CA ARG B 154 27.84 -33.38 58.17
C ARG B 154 28.79 -34.58 58.36
N MET B 155 28.98 -34.96 59.63
CA MET B 155 29.74 -36.14 60.02
C MET B 155 29.15 -37.45 59.50
N TRP B 156 27.85 -37.43 59.18
CA TRP B 156 27.16 -38.54 58.49
C TRP B 156 27.76 -38.80 57.10
N LEU B 157 28.33 -37.76 56.50
CA LEU B 157 28.94 -37.84 55.19
C LEU B 157 30.37 -38.31 55.36
N LYS B 158 30.52 -39.63 55.45
CA LYS B 158 31.81 -40.30 55.70
C LYS B 158 32.80 -40.01 54.58
N ASN B 159 34.07 -39.97 54.94
CA ASN B 159 35.20 -39.63 54.04
C ASN B 159 35.25 -38.17 53.53
N CYS B 160 34.11 -37.46 53.57
CA CYS B 160 34.05 -36.05 53.17
C CYS B 160 33.06 -35.22 54.02
N GLY B 169 40.00 -29.64 53.23
CA GLY B 169 40.22 -30.09 51.86
C GLY B 169 39.54 -31.41 51.58
N TYR B 170 38.89 -31.50 50.41
CA TYR B 170 38.13 -32.68 49.99
C TYR B 170 38.98 -33.63 49.16
N ALA B 171 38.31 -34.60 48.52
CA ALA B 171 38.95 -35.66 47.75
C ALA B 171 39.78 -35.13 46.58
N GLU B 172 41.03 -34.80 46.91
CA GLU B 172 42.03 -34.24 45.98
C GLU B 172 42.31 -35.13 44.77
N GLY B 173 42.19 -36.44 44.97
CA GLY B 173 42.28 -37.44 43.91
C GLY B 173 41.11 -38.36 44.10
N LYS B 174 40.35 -38.57 43.02
CA LYS B 174 39.09 -39.35 43.02
C LYS B 174 38.01 -38.73 43.95
N PRO B 175 37.19 -37.82 43.37
CA PRO B 175 36.33 -36.83 44.07
C PRO B 175 35.20 -37.38 44.96
N CYS B 176 34.69 -36.50 45.84
CA CYS B 176 33.58 -36.81 46.75
C CYS B 176 32.34 -35.92 46.48
N VAL B 177 31.63 -36.20 45.37
CA VAL B 177 30.42 -35.44 44.94
C VAL B 177 29.26 -35.49 45.94
N VAL B 178 28.68 -34.33 46.26
CA VAL B 178 27.57 -34.22 47.24
C VAL B 178 26.24 -33.94 46.53
N ALA B 179 25.30 -34.87 46.66
CA ALA B 179 24.00 -34.80 46.01
C ALA B 179 22.89 -34.23 46.91
N LYS B 180 21.83 -33.74 46.26
CA LYS B 180 20.79 -32.96 46.92
C LYS B 180 19.49 -33.05 46.12
N LEU B 181 18.38 -33.30 46.82
CA LEU B 181 17.06 -33.35 46.19
C LEU B 181 16.35 -32.03 46.43
N ASN B 182 15.93 -31.40 45.33
CA ASN B 182 15.34 -30.06 45.34
C ASN B 182 14.06 -29.91 46.16
N ARG B 183 14.09 -28.93 47.05
CA ARG B 183 13.01 -28.68 48.02
C ARG B 183 11.70 -28.29 47.36
N ILE B 184 10.63 -28.97 47.76
CA ILE B 184 9.28 -28.66 47.28
C ILE B 184 8.29 -28.72 48.45
N ILE B 185 7.58 -27.61 48.67
CA ILE B 185 6.59 -27.48 49.76
C ILE B 185 5.49 -28.52 49.64
N GLY B 186 5.27 -29.26 50.73
CA GLY B 186 4.23 -30.28 50.81
C GLY B 186 4.50 -31.52 49.97
N PHE B 187 5.75 -31.71 49.58
CA PHE B 187 6.14 -32.84 48.78
C PHE B 187 6.61 -33.99 49.66
N TYR B 188 6.01 -35.15 49.42
CA TYR B 188 6.29 -36.38 50.15
C TYR B 188 6.95 -37.34 49.18
N PRO B 189 8.30 -37.33 49.11
CA PRO B 189 8.99 -38.25 48.19
C PRO B 189 8.75 -39.70 48.59
N LYS B 190 8.16 -40.47 47.67
CA LYS B 190 7.75 -41.84 47.93
C LYS B 190 8.64 -42.79 47.15
N PRO B 191 9.35 -43.70 47.86
CA PRO B 191 10.18 -44.69 47.19
C PRO B 191 9.30 -45.73 46.49
N LEU B 192 9.84 -46.35 45.44
CA LEU B 192 9.15 -47.43 44.75
C LEU B 192 9.02 -48.64 45.68
N LYS B 193 7.91 -49.38 45.53
CA LYS B 193 7.71 -50.63 46.28
C LYS B 193 8.38 -51.82 45.58
N ASN B 194 8.97 -52.71 46.38
CA ASN B 194 9.70 -53.90 45.89
C ASN B 194 8.81 -55.06 45.36
N THR B 195 7.82 -54.71 44.53
CA THR B 195 6.84 -55.66 44.00
C THR B 195 7.45 -56.54 42.91
N THR B 196 8.05 -55.89 41.91
CA THR B 196 8.74 -56.59 40.84
C THR B 196 10.23 -56.24 40.92
N ASP B 197 10.91 -56.36 39.78
CA ASP B 197 12.36 -56.13 39.69
C ASP B 197 12.74 -54.66 39.90
N LEU B 198 13.99 -54.45 40.33
CA LEU B 198 14.56 -53.12 40.60
C LEU B 198 16.01 -53.13 40.13
N PRO B 199 16.54 -51.97 39.63
CA PRO B 199 17.93 -51.92 39.15
C PRO B 199 18.98 -52.43 40.16
N GLU B 200 19.09 -51.79 41.33
CA GLU B 200 19.93 -52.30 42.42
C GLU B 200 19.17 -53.40 43.20
N GLU B 201 18.81 -54.46 42.48
CA GLU B 201 17.93 -55.55 42.94
C GLU B 201 17.93 -55.84 44.46
N LEU B 202 16.96 -55.25 45.15
CA LEU B 202 16.65 -55.50 46.58
C LEU B 202 17.80 -55.26 47.60
N GLN B 203 18.96 -54.79 47.12
CA GLN B 203 20.14 -54.62 47.99
C GLN B 203 19.98 -53.46 48.99
N ALA B 204 20.20 -53.79 50.27
CA ALA B 204 19.97 -52.88 51.42
C ALA B 204 18.61 -52.15 51.36
N ASN B 205 17.61 -52.82 50.78
CA ASN B 205 16.30 -52.25 50.49
C ASN B 205 15.48 -51.90 51.73
N TYR B 206 15.71 -50.67 52.22
CA TYR B 206 14.96 -50.11 53.33
C TYR B 206 13.61 -49.60 52.82
N ASN B 207 12.91 -50.51 52.13
CA ASN B 207 11.70 -50.25 51.33
C ASN B 207 10.76 -49.15 51.83
N GLN B 208 10.57 -49.10 53.14
CA GLN B 208 9.63 -48.17 53.75
C GLN B 208 10.13 -46.71 53.84
N TYR B 209 11.42 -46.50 54.10
CA TYR B 209 11.88 -45.15 54.52
C TYR B 209 13.11 -44.52 53.83
N VAL B 210 13.52 -45.06 52.68
CA VAL B 210 14.68 -44.51 51.95
C VAL B 210 14.36 -44.25 50.47
N LEU B 211 14.58 -43.00 50.04
CA LEU B 211 14.54 -42.64 48.63
C LEU B 211 15.94 -42.83 48.02
N PRO B 212 16.12 -43.89 47.21
CA PRO B 212 17.44 -44.35 46.77
C PRO B 212 18.12 -43.45 45.73
N LEU B 213 19.45 -43.58 45.64
CA LEU B 213 20.26 -42.93 44.62
C LEU B 213 21.38 -43.87 44.17
N ARG B 214 21.41 -44.14 42.86
CA ARG B 214 22.43 -44.99 42.27
C ARG B 214 23.09 -44.25 41.09
N CYS B 215 24.43 -44.37 41.02
CA CYS B 215 25.20 -43.76 39.93
C CYS B 215 25.72 -44.82 38.95
N ALA B 216 25.60 -44.54 37.65
CA ALA B 216 25.93 -45.50 36.58
C ALA B 216 26.74 -44.86 35.44
N ALA B 217 27.00 -45.62 34.37
CA ALA B 217 27.77 -45.14 33.23
C ALA B 217 26.85 -44.71 32.08
N ARG B 223 28.04 -52.05 30.82
CA ARG B 223 28.80 -51.28 29.83
C ARG B 223 29.51 -50.07 30.45
N GLU B 224 30.73 -49.81 29.95
CA GLU B 224 31.59 -48.67 30.38
C GLU B 224 31.88 -48.62 31.90
N LYS B 225 31.70 -49.75 32.58
CA LYS B 225 31.85 -49.83 34.04
C LYS B 225 33.32 -49.86 34.49
N ILE B 226 33.97 -48.69 34.46
CA ILE B 226 35.34 -48.51 34.96
C ILE B 226 35.33 -47.42 36.04
N GLY B 227 34.59 -47.69 37.12
CA GLY B 227 34.48 -46.79 38.27
C GLY B 227 34.53 -47.56 39.58
N SER B 228 34.27 -46.86 40.70
CA SER B 228 34.12 -47.49 42.03
C SER B 228 33.11 -46.74 42.91
N ILE B 229 31.87 -47.23 42.89
CA ILE B 229 30.75 -46.59 43.56
C ILE B 229 30.76 -46.78 45.07
N GLU B 230 30.80 -45.66 45.80
CA GLU B 230 30.73 -45.66 47.26
C GLU B 230 29.75 -44.58 47.72
N TYR B 231 28.78 -44.98 48.54
CA TYR B 231 27.67 -44.11 48.95
C TYR B 231 27.59 -43.87 50.45
N PHE B 232 27.53 -42.59 50.83
CA PHE B 232 27.45 -42.18 52.23
C PHE B 232 26.20 -41.35 52.48
N GLY B 233 25.47 -41.68 53.54
CA GLY B 233 24.25 -40.97 53.89
C GLY B 233 23.87 -41.01 55.36
N LEU B 234 22.58 -40.81 55.61
CA LEU B 234 22.00 -40.86 56.95
C LEU B 234 21.69 -42.31 57.28
N GLY B 235 22.30 -42.78 58.37
CA GLY B 235 22.26 -44.18 58.78
C GLY B 235 23.03 -45.09 57.84
N GLY B 236 23.97 -44.50 57.10
CA GLY B 236 24.83 -45.24 56.17
C GLY B 236 24.20 -45.58 54.82
N TYR B 237 22.90 -45.33 54.69
CA TYR B 237 22.14 -45.69 53.48
C TYR B 237 22.45 -44.82 52.26
N ALA B 238 22.31 -45.44 51.09
CA ALA B 238 22.50 -44.78 49.79
C ALA B 238 21.22 -44.04 49.35
N GLY B 239 20.67 -43.23 50.24
CA GLY B 239 19.42 -42.52 49.97
C GLY B 239 19.14 -41.29 50.82
N PHE B 240 17.93 -40.75 50.62
CA PHE B 240 17.45 -39.63 51.40
C PHE B 240 16.40 -40.13 52.41
N PRO B 241 16.63 -39.88 53.72
CA PRO B 241 15.71 -40.23 54.81
C PRO B 241 14.41 -39.43 54.80
N LEU B 242 13.29 -40.15 54.81
CA LEU B 242 11.94 -39.57 54.66
C LEU B 242 11.43 -38.70 55.82
N GLN B 243 12.20 -38.65 56.92
CA GLN B 243 11.81 -37.90 58.13
C GLN B 243 12.08 -36.40 58.03
N TYR B 244 12.68 -35.96 56.92
CA TYR B 244 12.93 -34.55 56.65
C TYR B 244 11.80 -33.95 55.80
N TYR B 245 10.70 -34.68 55.68
CA TYR B 245 9.61 -34.34 54.78
C TYR B 245 8.25 -34.34 55.49
N PRO B 246 7.29 -33.50 55.01
CA PRO B 246 7.41 -32.55 53.89
C PRO B 246 8.12 -31.25 54.27
N TYR B 247 8.70 -30.59 53.26
CA TYR B 247 9.23 -29.23 53.45
C TYR B 247 8.04 -28.28 53.63
N TYR B 248 8.16 -27.37 54.59
CA TYR B 248 7.08 -26.42 54.93
C TYR B 248 7.28 -24.99 54.38
N GLY B 249 8.40 -24.77 53.69
CA GLY B 249 8.72 -23.49 53.08
C GLY B 249 9.57 -22.54 53.89
N LYS B 250 10.22 -21.61 53.20
CA LYS B 250 11.09 -20.57 53.78
C LYS B 250 10.40 -19.76 54.89
N ARG B 251 9.13 -19.41 54.65
CA ARG B 251 8.36 -18.57 55.57
C ARG B 251 7.99 -19.32 56.86
N LEU B 252 7.75 -20.63 56.74
CA LEU B 252 7.39 -21.47 57.89
C LEU B 252 8.54 -22.32 58.46
N GLN B 253 9.65 -22.39 57.71
CA GLN B 253 10.83 -23.15 58.10
C GLN B 253 12.09 -22.50 57.50
N LYS B 254 12.48 -21.34 58.03
CA LYS B 254 13.81 -20.83 57.77
C LYS B 254 14.79 -21.66 58.59
N LYS B 255 16.03 -21.75 58.10
CA LYS B 255 17.11 -22.55 58.74
C LYS B 255 16.94 -24.08 58.62
N TYR B 256 15.77 -24.56 58.16
CA TYR B 256 15.55 -25.96 57.79
C TYR B 256 16.70 -26.53 56.94
N LEU B 257 17.09 -27.78 57.21
CA LEU B 257 18.13 -28.43 56.41
C LEU B 257 17.63 -29.67 55.71
N GLN B 258 17.88 -29.72 54.41
CA GLN B 258 17.53 -30.84 53.56
C GLN B 258 18.61 -31.91 53.62
N PRO B 259 18.24 -33.20 53.54
CA PRO B 259 19.24 -34.27 53.59
C PRO B 259 20.21 -34.27 52.39
N LEU B 260 21.47 -34.62 52.68
CA LEU B 260 22.51 -34.74 51.65
C LEU B 260 22.97 -36.19 51.50
N LEU B 261 23.56 -36.48 50.34
CA LEU B 261 24.12 -37.79 50.05
C LEU B 261 25.48 -37.64 49.36
N ALA B 262 26.54 -38.04 50.08
CA ALA B 262 27.90 -38.03 49.54
C ALA B 262 28.14 -39.26 48.65
N ILE B 263 28.67 -39.00 47.46
CA ILE B 263 29.07 -40.05 46.52
C ILE B 263 30.57 -39.91 46.23
N GLN B 264 31.32 -41.00 46.44
CA GLN B 264 32.76 -41.01 46.18
C GLN B 264 33.12 -42.01 45.08
N PHE B 265 33.76 -41.48 44.04
CA PHE B 265 34.18 -42.28 42.88
C PHE B 265 35.67 -42.54 42.95
N THR B 266 36.03 -43.63 43.64
CA THR B 266 37.42 -44.06 43.79
C THR B 266 37.86 -45.03 42.66
N ASN B 267 37.51 -44.66 41.43
CA ASN B 267 37.79 -45.41 40.20
C ASN B 267 39.27 -45.71 39.97
N LEU B 268 39.57 -46.96 39.62
CA LEU B 268 40.94 -47.39 39.27
C LEU B 268 41.33 -46.99 37.82
N THR B 269 40.74 -45.87 37.34
CA THR B 269 41.02 -45.31 36.00
C THR B 269 41.41 -43.81 36.05
N GLN B 270 42.04 -43.35 34.96
CA GLN B 270 42.63 -42.01 34.90
C GLN B 270 42.71 -41.49 33.47
N ASN B 271 42.76 -40.16 33.34
CA ASN B 271 43.02 -39.44 32.08
C ASN B 271 42.04 -39.67 30.92
N MET B 272 40.76 -39.80 31.25
CA MET B 272 39.68 -39.87 30.25
C MET B 272 38.34 -39.34 30.78
N GLU B 273 37.51 -38.87 29.85
CA GLU B 273 36.15 -38.41 30.17
C GLU B 273 35.24 -39.59 30.48
N LEU B 274 34.67 -39.56 31.68
CA LEU B 274 33.75 -40.60 32.14
C LEU B 274 32.38 -40.01 32.43
N ARG B 275 31.40 -40.39 31.61
CA ARG B 275 30.06 -39.89 31.74
C ARG B 275 29.28 -40.75 32.73
N ILE B 276 29.05 -40.18 33.91
CA ILE B 276 28.36 -40.86 35.01
C ILE B 276 27.04 -40.21 35.39
N GLU B 277 25.98 -41.01 35.33
CA GLU B 277 24.63 -40.56 35.65
C GLU B 277 24.18 -41.07 37.02
N CYS B 278 24.00 -40.14 37.96
CA CYS B 278 23.41 -40.45 39.26
C CYS B 278 21.90 -40.23 39.23
N LYS B 279 21.14 -41.32 39.38
CA LYS B 279 19.68 -41.30 39.25
C LYS B 279 18.98 -41.59 40.58
N VAL B 280 17.95 -40.82 40.90
CA VAL B 280 17.05 -41.10 42.03
C VAL B 280 15.80 -41.84 41.53
N TYR B 281 15.30 -42.77 42.34
CA TYR B 281 14.17 -43.62 42.01
C TYR B 281 12.99 -43.38 42.96
N GLY B 282 11.77 -43.48 42.43
CA GLY B 282 10.59 -43.29 43.26
C GLY B 282 9.28 -43.11 42.51
N GLU B 283 8.19 -43.20 43.29
CA GLU B 283 6.82 -43.08 42.76
C GLU B 283 6.55 -41.67 42.23
N ASN B 284 7.02 -40.66 42.97
CA ASN B 284 6.90 -39.26 42.57
C ASN B 284 8.06 -38.74 41.72
N ILE B 285 8.99 -39.62 41.36
CA ILE B 285 10.20 -39.18 40.68
C ILE B 285 10.19 -39.60 39.22
N ASP B 286 10.30 -38.58 38.35
CA ASP B 286 10.32 -38.77 36.91
C ASP B 286 11.43 -37.93 36.26
N TYR B 287 11.70 -38.22 34.98
CA TYR B 287 12.82 -37.67 34.23
C TYR B 287 12.34 -37.12 32.89
N SER B 288 13.20 -36.37 32.21
CA SER B 288 12.89 -35.75 30.91
C SER B 288 14.10 -35.78 29.99
N GLU B 289 13.84 -35.90 28.68
CA GLU B 289 14.91 -35.86 27.67
C GLU B 289 15.53 -34.47 27.57
N LYS B 290 14.70 -33.43 27.71
CA LYS B 290 15.18 -32.05 27.69
C LYS B 290 15.82 -31.65 29.03
N ASP B 291 15.06 -31.77 30.12
CA ASP B 291 15.58 -31.49 31.46
C ASP B 291 16.47 -32.65 31.95
N ARG B 292 17.77 -32.48 31.76
CA ARG B 292 18.76 -33.50 32.11
C ARG B 292 19.16 -33.47 33.60
N PHE B 293 18.46 -32.61 34.36
CA PHE B 293 18.62 -32.48 35.80
C PHE B 293 17.36 -32.93 36.56
N ARG B 294 16.37 -33.43 35.83
CA ARG B 294 15.09 -33.84 36.41
C ARG B 294 15.21 -35.20 37.11
N GLY B 295 15.55 -35.15 38.39
CA GLY B 295 15.81 -36.34 39.20
C GLY B 295 17.03 -37.16 38.79
N ARG B 296 18.06 -36.48 38.27
CA ARG B 296 19.32 -37.11 37.84
C ARG B 296 20.52 -36.15 37.63
N PHE B 297 21.72 -36.72 37.56
CA PHE B 297 22.96 -36.01 37.28
C PHE B 297 23.51 -36.34 35.91
N GLU B 298 24.35 -35.44 35.40
CA GLU B 298 25.22 -35.70 34.27
C GLU B 298 26.57 -35.15 34.68
N VAL B 299 27.46 -36.04 35.14
CA VAL B 299 28.79 -35.63 35.60
C VAL B 299 29.85 -36.18 34.64
N LYS B 300 30.68 -35.28 34.12
CA LYS B 300 31.82 -35.64 33.27
C LYS B 300 33.13 -35.45 34.05
N ILE B 301 33.46 -36.48 34.84
CA ILE B 301 34.69 -36.53 35.62
C ILE B 301 35.90 -36.85 34.74
N GLU B 302 36.99 -36.12 35.00
CA GLU B 302 38.29 -36.44 34.41
C GLU B 302 39.37 -36.12 35.43
N VAL B 303 40.09 -37.16 35.85
CA VAL B 303 41.23 -37.02 36.75
C VAL B 303 42.54 -37.01 35.94
N LYS B 304 42.65 -35.99 35.07
CA LYS B 304 43.73 -35.85 34.09
C LYS B 304 45.04 -35.44 34.77
N SER B 305 45.61 -36.38 35.52
CA SER B 305 46.83 -36.18 36.28
C SER B 305 48.00 -36.89 35.60
N GLU C 4 -4.70 -34.36 50.04
CA GLU C 4 -4.68 -35.29 51.20
C GLU C 4 -3.43 -35.06 52.07
N GLY C 5 -3.14 -36.00 52.99
CA GLY C 5 -1.93 -35.97 53.82
C GLY C 5 -0.71 -36.33 53.01
N PRO C 6 -0.25 -37.60 53.09
CA PRO C 6 0.91 -38.05 52.29
C PRO C 6 0.57 -38.26 50.81
N ASP C 7 -0.71 -38.45 50.51
CA ASP C 7 -1.20 -38.73 49.15
C ASP C 7 -1.76 -37.46 48.48
N ASN C 8 -0.94 -36.41 48.47
CA ASN C 8 -1.33 -35.12 47.89
C ASN C 8 -0.63 -34.82 46.55
N ASP C 9 -0.51 -35.86 45.73
CA ASP C 9 0.17 -35.78 44.43
C ASP C 9 -0.50 -34.83 43.42
N GLU C 10 -1.83 -34.66 43.56
CA GLU C 10 -2.63 -33.79 42.68
C GLU C 10 -2.22 -32.32 42.71
N ARG C 11 -1.66 -31.89 43.84
CA ARG C 11 -1.13 -30.54 44.05
C ARG C 11 0.05 -30.19 43.11
N PHE C 12 0.74 -31.20 42.61
CA PHE C 12 1.86 -31.01 41.67
C PHE C 12 1.53 -31.46 40.25
N THR C 13 0.23 -31.51 39.94
CA THR C 13 -0.25 -31.97 38.64
C THR C 13 -1.09 -30.91 37.95
N TYR C 14 -0.91 -30.81 36.64
CA TYR C 14 -1.79 -30.00 35.85
C TYR C 14 -2.09 -30.72 34.56
N ASP C 15 -3.38 -30.69 34.17
CA ASP C 15 -3.84 -31.33 32.96
C ASP C 15 -3.62 -30.44 31.72
N TYR C 16 -2.36 -30.37 31.29
CA TYR C 16 -1.98 -29.62 30.09
C TYR C 16 -2.52 -30.23 28.82
N TYR C 17 -2.90 -31.51 28.87
CA TYR C 17 -3.49 -32.17 27.73
C TYR C 17 -4.89 -31.66 27.42
N ARG C 18 -5.78 -31.61 28.42
CA ARG C 18 -7.14 -31.08 28.20
C ARG C 18 -7.10 -29.62 27.79
N LEU C 19 -6.26 -28.84 28.48
CA LEU C 19 -6.10 -27.43 28.20
C LEU C 19 -5.78 -27.21 26.71
N ARG C 20 -4.82 -27.98 26.20
CA ARG C 20 -4.46 -27.94 24.79
C ARG C 20 -5.64 -28.33 23.89
N VAL C 21 -6.38 -29.37 24.26
CA VAL C 21 -7.56 -29.80 23.50
C VAL C 21 -8.61 -28.68 23.47
N VAL C 22 -8.98 -28.17 24.64
CA VAL C 22 -9.92 -27.05 24.78
C VAL C 22 -9.43 -25.81 24.01
N GLY C 23 -8.17 -25.45 24.21
CA GLY C 23 -7.56 -24.31 23.53
C GLY C 23 -7.65 -24.40 22.03
N LEU C 24 -7.36 -25.58 21.49
CA LEU C 24 -7.42 -25.83 20.05
C LEU C 24 -8.84 -25.85 19.52
N ILE C 25 -9.78 -26.36 20.32
CA ILE C 25 -11.19 -26.25 20.00
C ILE C 25 -11.55 -24.78 19.81
N VAL C 26 -11.28 -23.96 20.84
CA VAL C 26 -11.58 -22.53 20.85
C VAL C 26 -10.96 -21.81 19.64
N ALA C 27 -9.67 -22.07 19.41
CA ALA C 27 -8.95 -21.52 18.26
C ALA C 27 -9.68 -21.78 16.94
N ALA C 28 -10.06 -23.05 16.74
CA ALA C 28 -10.81 -23.47 15.54
C ALA C 28 -12.14 -22.73 15.41
N VAL C 29 -12.94 -22.77 16.47
CA VAL C 29 -14.27 -22.13 16.50
C VAL C 29 -14.20 -20.63 16.22
N LEU C 30 -13.28 -19.92 16.89
CA LEU C 30 -13.05 -18.51 16.61
C LEU C 30 -12.64 -18.26 15.14
N CYS C 31 -11.90 -19.21 14.58
CA CYS C 31 -11.49 -19.18 13.19
C CYS C 31 -12.69 -19.34 12.26
N VAL C 32 -13.54 -20.35 12.52
CA VAL C 32 -14.78 -20.51 11.76
C VAL C 32 -15.67 -19.27 11.86
N ILE C 33 -15.92 -18.79 13.09
CA ILE C 33 -16.75 -17.58 13.33
C ILE C 33 -16.29 -16.41 12.44
N GLY C 34 -14.97 -16.21 12.39
CA GLY C 34 -14.37 -15.15 11.57
C GLY C 34 -14.73 -15.27 10.11
N ILE C 35 -14.54 -16.47 9.54
CA ILE C 35 -14.95 -16.75 8.16
C ILE C 35 -16.43 -16.42 7.93
N ILE C 36 -17.33 -16.84 8.84
CA ILE C 36 -18.77 -16.56 8.73
C ILE C 36 -19.02 -15.06 8.57
N ILE C 37 -18.37 -14.27 9.44
CA ILE C 37 -18.54 -12.82 9.48
C ILE C 37 -17.95 -12.15 8.23
N LEU C 38 -16.75 -12.58 7.83
CA LEU C 38 -16.09 -12.12 6.61
C LEU C 38 -16.89 -12.43 5.35
N LEU C 39 -17.36 -13.67 5.22
CA LEU C 39 -18.14 -14.08 4.04
C LEU C 39 -19.60 -13.60 4.01
N ALA C 40 -19.97 -12.65 4.88
CA ALA C 40 -21.30 -12.02 4.80
C ALA C 40 -21.34 -10.98 3.66
N GLY C 41 -20.91 -11.41 2.46
CA GLY C 41 -20.82 -10.54 1.27
C GLY C 41 -19.50 -10.58 0.49
N LYS C 42 -18.53 -11.37 0.96
CA LYS C 42 -17.14 -11.45 0.41
C LYS C 42 -16.36 -10.13 0.57
C1 NAG D . 31.47 -24.25 59.04
C2 NAG D . 32.13 -22.95 59.53
C3 NAG D . 33.60 -22.89 59.08
C4 NAG D . 34.35 -24.14 59.55
C5 NAG D . 33.70 -25.35 58.87
C6 NAG D . 34.32 -26.69 59.26
C7 NAG D . 30.44 -21.16 59.81
C8 NAG D . 29.84 -19.91 59.19
N2 NAG D . 31.41 -21.75 59.10
O3 NAG D . 34.23 -21.70 59.56
O4 NAG D . 35.76 -24.11 59.23
O5 NAG D . 32.31 -25.41 59.22
O6 NAG D . 35.59 -26.86 58.62
O7 NAG D . 30.04 -21.56 60.90
C1 NAG D . 36.57 -23.78 60.39
C2 NAG D . 37.52 -24.96 60.73
C3 NAG D . 38.74 -24.54 61.57
C4 NAG D . 39.37 -23.22 61.10
C5 NAG D . 38.30 -22.13 61.01
C6 NAG D . 38.84 -20.76 60.59
C7 NAG D . 36.24 -26.37 62.46
C8 NAG D . 35.66 -27.73 62.65
N2 NAG D . 36.84 -26.16 61.28
O3 NAG D . 39.72 -25.59 61.52
O4 NAG D . 40.42 -22.84 62.01
O5 NAG D . 37.26 -22.56 60.10
O6 NAG D . 39.22 -20.73 59.20
O7 NAG D . 36.15 -25.54 63.36
MG MF4 E . -7.63 17.87 -27.77
F1 MF4 E . -5.72 18.02 -27.19
F2 MF4 E . -8.05 15.93 -27.76
F3 MF4 E . -8.02 18.81 -29.47
F4 MF4 E . -8.78 18.61 -26.31
MG MG F . -8.18 14.10 -26.99
K K G . 4.75 -3.53 15.95
K K H . 8.60 -4.45 16.07
K K I . 2.73 10.10 -14.69
C1 CLR J . 8.65 15.14 22.12
C2 CLR J . 8.44 16.17 20.98
C3 CLR J . 7.72 15.63 19.72
C4 CLR J . 6.45 14.86 20.08
C5 CLR J . 6.76 13.79 21.12
C6 CLR J . 6.35 12.54 20.84
C7 CLR J . 6.95 11.30 21.47
C8 CLR J . 7.34 11.55 22.92
C9 CLR J . 8.15 12.87 23.07
C10 CLR J . 7.51 14.14 22.43
C11 CLR J . 8.65 13.07 24.53
C12 CLR J . 9.30 11.83 25.18
C13 CLR J . 8.48 10.53 25.02
C14 CLR J . 8.16 10.39 23.52
C15 CLR J . 7.73 8.94 23.31
C16 CLR J . 8.72 8.16 24.24
C17 CLR J . 9.26 9.21 25.27
C18 CLR J . 7.22 10.64 25.91
C19 CLR J . 6.48 14.80 23.36
C20 CLR J . 9.48 8.66 26.71
C21 CLR J . 10.37 9.59 27.55
C22 CLR J . 10.12 7.25 26.77
C23 CLR J . 9.77 6.50 28.05
C24 CLR J . 10.89 5.42 28.42
C25 CLR J . 10.41 4.52 29.57
C26 CLR J . 10.67 3.05 29.27
C27 CLR J . 11.05 4.92 30.90
O1 CLR J . 7.36 16.72 18.85
C1 NAG K . 37.79 -43.11 54.47
C2 NAG K . 38.51 -44.30 53.79
C3 NAG K . 38.77 -45.47 54.76
C4 NAG K . 39.28 -45.04 56.15
C5 NAG K . 38.55 -43.79 56.69
C6 NAG K . 39.24 -43.22 57.93
C7 NAG K . 38.13 -44.65 51.36
C8 NAG K . 37.18 -45.23 50.35
N2 NAG K . 37.74 -44.78 52.65
O3 NAG K . 39.79 -46.31 54.18
O4 NAG K . 39.15 -46.14 57.06
O5 NAG K . 38.47 -42.75 55.69
O6 NAG K . 38.54 -42.06 58.39
O7 NAG K . 39.17 -44.12 51.00
#